data_1DXL
#
_entry.id   1DXL
#
_cell.length_a   100.560
_cell.length_b   108.330
_cell.length_c   202.190
_cell.angle_alpha   90.00
_cell.angle_beta   90.00
_cell.angle_gamma   90.00
#
_symmetry.space_group_name_H-M   'P 21 21 21'
#
loop_
_entity.id
_entity.type
_entity.pdbx_description
1 polymer 'DIHYDROLIPOAMIDE DEHYDROGENASE'
2 non-polymer 'FLAVIN-ADENINE DINUCLEOTIDE'
3 water water
#
_entity_poly.entity_id   1
_entity_poly.type   'polypeptide(L)'
_entity_poly.pdbx_seq_one_letter_code
;ASGSDENDVVIIGGGPGGYVAAIKAAQLGFKTTCIEKRGALGGTCLNVGCIPSKALLHSSHMYHEAKHSFANHGVKVSNV
EIDLAAMMGQKDKAVSNLTRGIEGLFKKNKVTYVKGYGKFVSPSEISVDTIEGENTVVKGKHIIIATGSDVKSLPGVTID
EKKIVSSTGALALSEIPKKLVVIGAGYIGLEMGSVWGRIGSEVTVVEFASEIVPTMDAEIRKQFQRSLEKQGMKFKLKTK
VVGVDTSGDGVKLTVEPSAGGEQTIIEADVVLVSAGRTPFTSGLNLDKIGVETDKLGRILVNERFSTNVSGVYAIGDVIP
GPMLAHKAEEDGVACVEYLAGKVGHVDYDKVPGVVYTNPEVASVGKTEEQVKETGVEYRVGKFPFMANSRAKAIDNAEGL
VKIIAEKETDKILGVHIMAPNAGELIHEAAIALQYDASSEDIARVCHAHPTMSEAIKEAAMATYDKPIHI
;
_entity_poly.pdbx_strand_id   A,B,C,D
#
# COMPACT_ATOMS: atom_id res chain seq x y z
N SER A 4 20.50 10.06 -45.30
CA SER A 4 21.53 10.89 -44.58
C SER A 4 21.57 10.49 -43.11
N ASP A 5 22.78 10.29 -42.62
CA ASP A 5 22.98 9.94 -41.22
C ASP A 5 23.04 11.22 -40.38
N GLU A 6 21.88 11.89 -40.27
CA GLU A 6 21.73 13.13 -39.51
C GLU A 6 21.80 12.93 -38.00
N ASN A 7 22.79 13.53 -37.35
CA ASN A 7 22.99 13.40 -35.91
C ASN A 7 21.81 13.85 -35.02
N ASP A 8 21.29 12.90 -34.25
CA ASP A 8 20.14 13.09 -33.40
C ASP A 8 20.32 13.58 -31.99
N VAL A 9 21.48 13.40 -31.36
CA VAL A 9 21.58 13.88 -29.96
C VAL A 9 22.96 14.20 -29.50
N VAL A 10 23.12 15.34 -28.83
CA VAL A 10 24.44 15.69 -28.34
C VAL A 10 24.29 15.99 -26.92
N ILE A 11 25.24 15.49 -26.17
CA ILE A 11 25.28 15.61 -24.74
C ILE A 11 26.58 16.26 -24.33
N ILE A 12 26.54 17.46 -23.76
CA ILE A 12 27.78 18.07 -23.34
C ILE A 12 27.96 17.61 -21.89
N GLY A 13 28.82 16.63 -21.68
CA GLY A 13 29.06 16.09 -20.35
C GLY A 13 29.37 14.60 -20.38
N GLY A 14 30.50 14.19 -19.84
CA GLY A 14 30.83 12.79 -19.88
C GLY A 14 30.75 11.99 -18.61
N GLY A 15 29.88 12.41 -17.67
CA GLY A 15 29.73 11.71 -16.41
C GLY A 15 28.47 10.90 -16.32
N PRO A 16 28.00 10.55 -15.10
CA PRO A 16 26.77 9.75 -14.96
C PRO A 16 25.61 10.24 -15.77
N GLY A 17 25.31 11.51 -15.68
CA GLY A 17 24.20 11.98 -16.48
C GLY A 17 24.49 11.79 -17.96
N GLY A 18 25.73 12.09 -18.32
CA GLY A 18 26.08 12.00 -19.71
C GLY A 18 26.26 10.66 -20.37
N TYR A 19 27.23 9.90 -19.86
CA TYR A 19 27.52 8.64 -20.48
C TYR A 19 26.42 7.60 -20.41
N VAL A 20 25.42 7.89 -19.60
CA VAL A 20 24.31 6.99 -19.48
C VAL A 20 23.31 7.49 -20.48
N ALA A 21 23.00 8.78 -20.36
CA ALA A 21 22.10 9.41 -21.32
C ALA A 21 22.62 9.07 -22.75
N ALA A 22 23.92 9.29 -22.94
CA ALA A 22 24.59 8.97 -24.19
C ALA A 22 24.23 7.53 -24.58
N ILE A 23 24.64 6.57 -23.73
CA ILE A 23 24.35 5.17 -24.00
C ILE A 23 22.87 4.84 -24.18
N LYS A 24 22.05 5.24 -23.21
CA LYS A 24 20.62 4.93 -23.29
C LYS A 24 20.08 5.44 -24.59
N ALA A 25 20.65 6.56 -25.01
CA ALA A 25 20.24 7.19 -26.23
C ALA A 25 20.60 6.29 -27.39
N ALA A 26 21.83 5.84 -27.43
CA ALA A 26 22.20 5.01 -28.55
C ALA A 26 21.28 3.79 -28.60
N GLN A 27 21.04 3.22 -27.43
CA GLN A 27 20.22 2.04 -27.38
C GLN A 27 18.82 2.32 -27.84
N LEU A 28 18.38 3.57 -27.80
CA LEU A 28 17.04 3.86 -28.25
C LEU A 28 16.96 4.06 -29.74
N GLY A 29 18.14 4.14 -30.37
CA GLY A 29 18.23 4.33 -31.82
C GLY A 29 18.58 5.71 -32.32
N PHE A 30 19.28 6.51 -31.51
CA PHE A 30 19.66 7.88 -31.86
C PHE A 30 21.15 8.03 -32.18
N LYS A 31 21.50 8.75 -33.26
CA LYS A 31 22.93 8.97 -33.45
C LYS A 31 23.27 9.89 -32.27
N THR A 32 24.20 9.49 -31.41
CA THR A 32 24.53 10.31 -30.28
C THR A 32 26.02 10.68 -30.17
N THR A 33 26.27 11.85 -29.59
CA THR A 33 27.62 12.32 -29.41
C THR A 33 27.74 12.90 -28.01
N CYS A 34 28.56 12.28 -27.18
CA CYS A 34 28.76 12.82 -25.86
C CYS A 34 30.03 13.64 -26.15
N ILE A 35 30.26 14.74 -25.42
CA ILE A 35 31.46 15.57 -25.61
C ILE A 35 31.98 15.86 -24.24
N GLU A 36 33.25 15.56 -23.98
CA GLU A 36 33.88 15.91 -22.71
C GLU A 36 35.32 16.45 -22.72
N LYS A 37 35.54 17.54 -21.98
CA LYS A 37 36.83 18.22 -21.88
C LYS A 37 37.81 17.55 -20.95
N ARG A 38 37.33 16.91 -19.91
CA ARG A 38 38.27 16.26 -19.02
C ARG A 38 39.14 15.28 -19.83
N GLY A 39 40.22 14.76 -19.24
CA GLY A 39 41.01 13.74 -19.92
C GLY A 39 40.19 12.48 -20.26
N ALA A 40 39.92 11.67 -19.24
CA ALA A 40 39.13 10.44 -19.39
C ALA A 40 37.61 10.67 -19.31
N LEU A 41 36.85 9.67 -19.69
CA LEU A 41 35.40 9.73 -19.65
C LEU A 41 34.68 9.43 -18.29
N GLY A 42 35.35 9.19 -17.18
CA GLY A 42 34.52 8.93 -16.02
C GLY A 42 33.86 10.26 -15.76
N GLY A 43 32.91 10.37 -14.82
CA GLY A 43 32.41 11.72 -14.57
C GLY A 43 33.28 12.41 -13.51
N THR A 44 32.69 12.79 -12.40
CA THR A 44 33.42 13.34 -11.27
C THR A 44 33.47 12.07 -10.36
N CYS A 45 32.48 11.22 -10.49
CA CYS A 45 32.36 10.03 -9.69
C CYS A 45 33.49 9.10 -9.93
N LEU A 46 33.80 8.91 -11.20
CA LEU A 46 34.84 7.98 -11.60
C LEU A 46 36.23 8.46 -11.41
N ASN A 47 36.48 9.73 -11.65
CA ASN A 47 37.84 10.24 -11.52
C ASN A 47 38.28 10.94 -10.22
N VAL A 48 37.35 11.58 -9.55
CA VAL A 48 37.64 12.34 -8.37
C VAL A 48 36.63 12.19 -7.21
N GLY A 49 35.91 11.10 -7.08
CA GLY A 49 34.95 11.03 -5.98
C GLY A 49 34.61 9.65 -5.42
N CYS A 50 33.44 9.14 -5.82
CA CYS A 50 32.93 7.83 -5.42
C CYS A 50 34.08 6.88 -5.46
N ILE A 51 34.23 6.26 -6.62
CA ILE A 51 35.28 5.28 -6.87
C ILE A 51 36.63 5.55 -6.10
N PRO A 52 37.35 6.61 -6.47
CA PRO A 52 38.59 6.93 -5.80
C PRO A 52 38.30 6.87 -4.32
N SER A 53 37.33 7.68 -3.92
CA SER A 53 36.95 7.76 -2.54
C SER A 53 36.60 6.39 -1.96
N LYS A 54 35.81 5.60 -2.67
CA LYS A 54 35.42 4.34 -2.10
C LYS A 54 36.64 3.50 -1.98
N ALA A 55 37.44 3.49 -3.02
CA ALA A 55 38.64 2.69 -2.96
C ALA A 55 39.47 2.96 -1.69
N LEU A 56 39.87 4.24 -1.44
CA LEU A 56 40.69 4.63 -0.29
C LEU A 56 40.07 4.20 1.00
N LEU A 57 38.76 4.48 1.09
CA LEU A 57 37.92 4.13 2.23
C LEU A 57 38.10 2.68 2.61
N HIS A 58 38.19 1.79 1.64
CA HIS A 58 38.34 0.37 1.94
C HIS A 58 39.79 -0.06 2.25
N SER A 59 40.76 0.63 1.65
CA SER A 59 42.16 0.33 1.90
C SER A 59 42.44 0.84 3.32
N SER A 60 41.96 2.04 3.62
CA SER A 60 42.19 2.57 4.96
C SER A 60 41.57 1.67 6.03
N HIS A 61 40.42 1.14 5.70
CA HIS A 61 39.73 0.24 6.59
C HIS A 61 40.54 -1.04 6.78
N MET A 62 40.99 -1.65 5.69
CA MET A 62 41.76 -2.87 5.82
C MET A 62 42.88 -2.61 6.81
N TYR A 63 43.60 -1.50 6.59
CA TYR A 63 44.69 -1.15 7.46
C TYR A 63 44.18 -1.20 8.91
N HIS A 64 43.17 -0.40 9.19
CA HIS A 64 42.63 -0.38 10.53
C HIS A 64 42.20 -1.72 11.08
N GLU A 65 41.47 -2.50 10.31
CA GLU A 65 41.03 -3.77 10.85
C GLU A 65 42.22 -4.63 11.13
N ALA A 66 43.24 -4.46 10.33
CA ALA A 66 44.39 -5.28 10.59
C ALA A 66 45.14 -4.87 11.86
N LYS A 67 45.10 -3.60 12.24
CA LYS A 67 45.84 -3.20 13.42
C LYS A 67 45.06 -3.48 14.67
N HIS A 68 43.72 -3.57 14.54
CA HIS A 68 42.84 -3.82 15.69
C HIS A 68 42.04 -5.11 15.87
N SER A 69 41.38 -5.59 14.83
CA SER A 69 40.54 -6.80 14.91
C SER A 69 41.24 -8.16 14.79
N PHE A 70 42.05 -8.34 13.74
CA PHE A 70 42.76 -9.61 13.49
C PHE A 70 43.10 -10.46 14.71
N ALA A 71 43.45 -9.77 15.79
CA ALA A 71 43.80 -10.41 17.04
C ALA A 71 42.72 -11.39 17.41
N ASN A 72 41.61 -10.82 17.90
CA ASN A 72 40.44 -11.58 18.34
C ASN A 72 40.07 -12.76 17.45
N HIS A 73 40.57 -12.83 16.23
CA HIS A 73 40.20 -13.94 15.34
C HIS A 73 41.27 -15.01 15.12
N GLY A 74 42.49 -14.84 15.61
CA GLY A 74 43.47 -15.90 15.39
C GLY A 74 44.41 -15.60 14.27
N VAL A 75 44.27 -14.38 13.76
CA VAL A 75 45.10 -13.90 12.70
C VAL A 75 46.02 -12.94 13.41
N LYS A 76 47.15 -13.49 13.82
CA LYS A 76 48.18 -12.77 14.54
C LYS A 76 49.24 -12.28 13.56
N VAL A 77 49.38 -10.98 13.44
CA VAL A 77 50.39 -10.42 12.55
C VAL A 77 51.52 -9.88 13.43
N SER A 78 52.71 -9.70 12.85
CA SER A 78 53.85 -9.20 13.64
C SER A 78 53.96 -7.68 13.64
N ASN A 79 54.02 -7.10 12.44
CA ASN A 79 54.10 -5.65 12.27
C ASN A 79 53.07 -5.30 11.23
N VAL A 80 52.60 -4.06 11.24
CA VAL A 80 51.56 -3.58 10.33
C VAL A 80 51.83 -2.12 9.91
N GLU A 81 52.07 -1.88 8.63
CA GLU A 81 52.38 -0.52 8.17
C GLU A 81 51.48 -0.06 7.05
N ILE A 82 51.86 1.02 6.36
CA ILE A 82 51.10 1.58 5.25
C ILE A 82 52.01 2.08 4.19
N ASP A 83 52.04 1.39 3.05
CA ASP A 83 52.85 1.78 1.93
C ASP A 83 51.92 2.76 1.23
N LEU A 84 51.77 3.96 1.76
CA LEU A 84 50.89 4.94 1.10
C LEU A 84 51.05 4.95 -0.43
N ALA A 85 52.28 4.89 -0.90
CA ALA A 85 52.50 4.88 -2.34
C ALA A 85 51.67 3.84 -3.09
N ALA A 86 51.53 2.64 -2.50
CA ALA A 86 50.77 1.53 -3.05
C ALA A 86 49.29 1.88 -3.12
N MET A 87 48.71 2.15 -1.95
CA MET A 87 47.30 2.50 -1.79
C MET A 87 46.84 3.41 -2.92
N MET A 88 47.45 4.57 -3.03
CA MET A 88 47.06 5.46 -4.10
C MET A 88 47.14 4.66 -5.38
N GLY A 89 47.95 3.60 -5.40
CA GLY A 89 48.09 2.79 -6.59
C GLY A 89 46.82 2.10 -7.07
N GLN A 90 46.35 1.10 -6.30
CA GLN A 90 45.15 0.41 -6.73
C GLN A 90 44.00 1.36 -6.92
N LYS A 91 44.02 2.48 -6.21
CA LYS A 91 42.99 3.48 -6.35
C LYS A 91 43.09 3.93 -7.78
N ASP A 92 44.25 4.44 -8.16
CA ASP A 92 44.44 4.90 -9.53
C ASP A 92 44.22 3.78 -10.54
N LYS A 93 44.74 2.58 -10.22
CA LYS A 93 44.62 1.38 -11.06
C LYS A 93 43.16 1.16 -11.39
N ALA A 94 42.36 1.23 -10.34
CA ALA A 94 40.92 1.05 -10.43
C ALA A 94 40.21 2.16 -11.22
N VAL A 95 40.46 3.38 -10.85
CA VAL A 95 39.84 4.46 -11.52
C VAL A 95 39.94 4.31 -13.01
N SER A 96 41.18 4.33 -13.50
CA SER A 96 41.43 4.21 -14.92
C SER A 96 40.69 3.02 -15.46
N ASN A 97 41.13 1.84 -15.04
CA ASN A 97 40.51 0.60 -15.48
C ASN A 97 39.02 0.93 -15.76
N LEU A 98 38.31 1.38 -14.73
CA LEU A 98 36.91 1.72 -14.85
C LEU A 98 36.62 2.55 -16.07
N THR A 99 37.41 3.59 -16.22
CA THR A 99 37.25 4.53 -17.31
C THR A 99 37.28 3.88 -18.67
N ARG A 100 38.32 3.06 -18.94
CA ARG A 100 38.50 2.34 -20.21
C ARG A 100 37.21 1.63 -20.56
N GLY A 101 36.70 0.90 -19.59
CA GLY A 101 35.46 0.18 -19.77
C GLY A 101 34.33 1.02 -20.25
N ILE A 102 34.28 2.27 -19.81
CA ILE A 102 33.24 3.17 -20.26
C ILE A 102 33.48 3.53 -21.70
N GLU A 103 34.73 3.89 -22.01
CA GLU A 103 35.12 4.28 -23.36
C GLU A 103 34.74 3.10 -24.21
N GLY A 104 35.00 1.91 -23.69
CA GLY A 104 34.67 0.72 -24.44
C GLY A 104 33.20 0.43 -24.45
N LEU A 105 32.42 1.19 -23.72
CA LEU A 105 31.00 0.93 -23.74
C LEU A 105 30.43 1.76 -24.86
N PHE A 106 31.07 2.91 -25.03
CA PHE A 106 30.68 3.89 -26.03
C PHE A 106 30.87 3.23 -27.37
N LYS A 107 31.98 2.51 -27.50
CA LYS A 107 32.25 1.82 -28.75
C LYS A 107 31.17 0.79 -29.03
N LYS A 108 30.82 0.00 -28.02
CA LYS A 108 29.80 -1.02 -28.20
C LYS A 108 28.47 -0.41 -28.66
N ASN A 109 28.02 0.63 -28.00
CA ASN A 109 26.77 1.27 -28.37
C ASN A 109 26.83 2.34 -29.45
N LYS A 110 28.02 2.56 -30.00
CA LYS A 110 28.14 3.54 -31.07
C LYS A 110 27.95 5.02 -30.70
N VAL A 111 28.42 5.37 -29.51
CA VAL A 111 28.36 6.72 -29.04
C VAL A 111 29.59 7.34 -29.65
N THR A 112 29.47 8.50 -30.27
CA THR A 112 30.65 9.11 -30.85
C THR A 112 31.35 9.95 -29.77
N TYR A 113 32.55 9.57 -29.35
CA TYR A 113 33.27 10.28 -28.29
C TYR A 113 34.13 11.38 -28.84
N VAL A 114 33.75 12.61 -28.53
CA VAL A 114 34.43 13.81 -28.97
C VAL A 114 35.17 14.53 -27.83
N LYS A 115 36.49 14.36 -27.75
CA LYS A 115 37.26 15.02 -26.68
C LYS A 115 37.35 16.52 -26.91
N GLY A 116 36.83 17.34 -26.00
CA GLY A 116 36.91 18.76 -26.18
C GLY A 116 35.99 19.52 -25.23
N TYR A 117 35.99 20.85 -25.35
CA TYR A 117 35.20 21.72 -24.50
C TYR A 117 34.07 22.44 -25.28
N GLY A 118 32.87 21.96 -25.08
CA GLY A 118 31.73 22.56 -25.75
C GLY A 118 31.44 23.99 -25.34
N LYS A 119 30.73 24.65 -26.23
CA LYS A 119 30.37 26.04 -26.07
C LYS A 119 29.23 26.21 -27.06
N PHE A 120 28.04 26.50 -26.55
CA PHE A 120 26.88 26.68 -27.42
C PHE A 120 27.14 27.74 -28.49
N VAL A 121 26.76 27.44 -29.70
CA VAL A 121 26.92 28.38 -30.80
C VAL A 121 25.52 28.67 -31.29
N SER A 122 24.58 27.85 -30.86
CA SER A 122 23.18 28.03 -31.23
C SER A 122 22.33 26.97 -30.50
N PRO A 123 21.01 27.17 -30.45
CA PRO A 123 20.21 26.18 -29.76
C PRO A 123 20.40 24.80 -30.35
N SER A 124 21.09 24.73 -31.49
CA SER A 124 21.31 23.43 -32.12
C SER A 124 22.69 23.06 -32.57
N GLU A 125 23.69 23.92 -32.39
CA GLU A 125 25.03 23.61 -32.85
C GLU A 125 26.07 23.96 -31.77
N ILE A 126 27.06 23.08 -31.53
CA ILE A 126 28.06 23.31 -30.50
C ILE A 126 29.44 23.38 -31.11
N SER A 127 30.25 24.35 -30.67
CA SER A 127 31.60 24.52 -31.19
C SER A 127 32.42 23.90 -30.10
N VAL A 128 33.28 22.92 -30.39
CA VAL A 128 34.05 22.33 -29.28
C VAL A 128 35.45 22.90 -29.10
N ASP A 129 35.70 23.55 -27.97
CA ASP A 129 36.97 24.22 -27.72
C ASP A 129 38.32 23.62 -28.16
N THR A 130 38.98 22.81 -27.33
CA THR A 130 40.32 22.30 -27.69
C THR A 130 40.69 20.81 -27.67
N ILE A 131 41.38 20.40 -28.73
CA ILE A 131 41.89 19.05 -28.84
C ILE A 131 43.39 19.29 -29.01
N GLU A 132 43.72 20.50 -29.49
CA GLU A 132 45.10 20.94 -29.73
C GLU A 132 45.13 22.47 -29.95
N GLY A 133 43.95 23.09 -29.85
CA GLY A 133 43.78 24.52 -30.05
C GLY A 133 42.87 24.79 -31.25
N GLU A 134 42.19 23.76 -31.74
CA GLU A 134 41.28 23.86 -32.89
C GLU A 134 39.82 24.20 -32.59
N ASN A 135 38.92 23.65 -33.42
CA ASN A 135 37.49 23.87 -33.29
C ASN A 135 36.77 22.84 -34.14
N THR A 136 35.96 22.00 -33.50
CA THR A 136 35.16 20.94 -34.15
C THR A 136 33.69 21.37 -34.00
N VAL A 137 32.87 21.16 -35.02
CA VAL A 137 31.47 21.56 -34.97
C VAL A 137 30.48 20.41 -34.89
N VAL A 138 29.91 20.21 -33.71
CA VAL A 138 28.94 19.15 -33.44
C VAL A 138 27.50 19.72 -33.40
N LYS A 139 26.61 19.24 -34.29
CA LYS A 139 25.19 19.71 -34.45
C LYS A 139 24.07 18.65 -34.23
N GLY A 140 23.02 18.95 -33.46
CA GLY A 140 21.97 17.95 -33.28
C GLY A 140 20.58 18.55 -33.09
N LYS A 141 19.53 17.75 -33.29
CA LYS A 141 18.13 18.18 -33.09
C LYS A 141 17.95 18.50 -31.60
N HIS A 142 18.33 17.57 -30.73
CA HIS A 142 18.26 17.78 -29.27
C HIS A 142 19.63 17.74 -28.51
N ILE A 143 19.83 18.75 -27.65
CA ILE A 143 21.06 18.84 -26.88
C ILE A 143 20.81 18.72 -25.38
N ILE A 144 21.58 17.85 -24.76
CA ILE A 144 21.49 17.61 -23.33
C ILE A 144 22.70 18.13 -22.59
N ILE A 145 22.57 19.28 -21.93
CA ILE A 145 23.64 19.85 -21.12
C ILE A 145 23.79 18.84 -19.99
N ALA A 146 25.03 18.56 -19.65
CA ALA A 146 25.31 17.57 -18.65
C ALA A 146 26.59 17.92 -18.03
N THR A 147 26.87 19.21 -18.01
CA THR A 147 28.10 19.72 -17.44
C THR A 147 27.93 19.30 -16.04
N GLY A 148 28.90 19.45 -15.18
CA GLY A 148 28.60 18.85 -13.89
C GLY A 148 28.42 19.74 -12.73
N SER A 149 29.36 19.64 -11.83
CA SER A 149 29.35 20.48 -10.68
C SER A 149 30.82 20.72 -10.39
N ASP A 150 31.09 21.46 -9.36
CA ASP A 150 32.43 21.66 -8.98
C ASP A 150 32.46 22.11 -7.55
N VAL A 151 33.67 22.39 -7.09
CA VAL A 151 33.94 22.81 -5.75
C VAL A 151 33.28 24.08 -5.27
N LYS A 152 32.76 24.04 -4.04
CA LYS A 152 32.17 25.24 -3.49
C LYS A 152 33.35 26.01 -2.94
N SER A 153 33.46 27.29 -3.30
CA SER A 153 34.54 28.11 -2.80
C SER A 153 34.20 28.47 -1.37
N LEU A 154 35.19 28.84 -0.59
CA LEU A 154 34.91 29.24 0.78
C LEU A 154 35.59 30.62 0.93
N PRO A 155 34.79 31.67 1.20
CA PRO A 155 35.06 33.10 1.39
C PRO A 155 36.42 33.64 1.85
N GLY A 156 37.01 33.05 2.90
CA GLY A 156 38.29 33.52 3.38
C GLY A 156 39.39 32.46 3.33
N VAL A 157 39.16 31.44 2.51
CA VAL A 157 40.08 30.36 2.37
C VAL A 157 40.25 30.02 0.93
N THR A 158 41.26 30.58 0.34
CA THR A 158 41.55 30.28 -1.06
C THR A 158 42.17 28.90 -0.98
N ILE A 159 42.04 28.10 -2.04
CA ILE A 159 42.62 26.77 -2.06
C ILE A 159 43.81 26.75 -2.99
N ASP A 160 44.92 26.22 -2.49
CA ASP A 160 46.14 26.10 -3.27
C ASP A 160 46.00 24.83 -4.07
N GLU A 161 46.43 23.75 -3.44
CA GLU A 161 46.41 22.38 -3.95
C GLU A 161 47.40 21.83 -2.96
N LYS A 162 47.92 22.74 -2.14
CA LYS A 162 48.96 22.42 -1.18
C LYS A 162 48.65 21.96 0.23
N LYS A 163 48.39 22.86 1.17
CA LYS A 163 48.10 22.37 2.53
C LYS A 163 46.63 22.64 2.85
N ILE A 164 46.01 23.28 1.88
CA ILE A 164 44.63 23.59 1.91
C ILE A 164 44.12 22.98 0.62
N VAL A 165 43.39 21.86 0.76
CA VAL A 165 42.85 21.07 -0.36
C VAL A 165 41.34 21.00 -0.58
N SER A 166 40.99 20.46 -1.75
CA SER A 166 39.57 20.18 -2.04
C SER A 166 39.34 18.66 -1.99
N SER A 167 38.25 18.27 -2.59
CA SER A 167 37.88 16.88 -2.70
C SER A 167 39.14 16.21 -3.30
N THR A 168 39.45 16.60 -4.52
CA THR A 168 40.62 16.07 -5.24
C THR A 168 41.95 16.03 -4.49
N GLY A 169 42.36 17.18 -3.94
CA GLY A 169 43.61 17.24 -3.21
C GLY A 169 43.71 16.22 -2.08
N ALA A 170 42.60 16.11 -1.33
CA ALA A 170 42.45 15.18 -0.20
C ALA A 170 42.65 13.71 -0.58
N LEU A 171 42.12 13.34 -1.74
CA LEU A 171 42.23 11.98 -2.28
C LEU A 171 43.59 11.74 -2.89
N ALA A 172 44.40 12.78 -2.93
CA ALA A 172 45.69 12.66 -3.55
C ALA A 172 46.82 13.29 -2.78
N LEU A 173 46.75 13.26 -1.46
CA LEU A 173 47.86 13.82 -0.68
C LEU A 173 49.04 12.88 -0.92
N SER A 174 50.22 13.26 -0.48
CA SER A 174 51.37 12.42 -0.71
C SER A 174 52.13 12.27 0.57
N GLU A 175 51.42 12.45 1.65
CA GLU A 175 52.03 12.36 2.97
C GLU A 175 50.92 12.37 4.01
N ILE A 176 50.86 11.30 4.79
CA ILE A 176 49.83 11.20 5.83
C ILE A 176 49.99 12.33 6.82
N PRO A 177 49.16 13.37 6.74
CA PRO A 177 49.31 14.47 7.68
C PRO A 177 49.16 14.06 9.13
N LYS A 178 49.90 14.72 10.02
CA LYS A 178 49.85 14.42 11.45
C LYS A 178 48.56 14.97 11.94
N LYS A 179 48.35 16.25 11.78
CA LYS A 179 47.11 16.84 12.22
C LYS A 179 46.33 17.37 11.00
N LEU A 180 45.07 16.95 10.86
CA LEU A 180 44.24 17.42 9.73
C LEU A 180 42.92 17.94 10.22
N VAL A 181 42.44 18.92 9.50
CA VAL A 181 41.19 19.56 9.85
C VAL A 181 40.35 19.65 8.61
N VAL A 182 39.11 19.19 8.73
CA VAL A 182 38.17 19.19 7.62
C VAL A 182 37.17 20.33 7.85
N ILE A 183 37.07 21.30 6.96
CA ILE A 183 36.12 22.36 7.20
C ILE A 183 34.71 21.92 6.98
N GLY A 184 34.34 21.55 5.75
CA GLY A 184 32.96 21.09 5.62
C GLY A 184 32.62 19.86 6.48
N ALA A 185 31.42 19.77 7.03
CA ALA A 185 31.11 18.57 7.80
C ALA A 185 29.96 17.72 7.20
N GLY A 186 30.07 17.37 5.93
CA GLY A 186 29.04 16.56 5.32
C GLY A 186 29.52 15.18 4.96
N TYR A 187 29.08 14.65 3.82
N TYR A 187 29.04 14.71 3.80
CA TYR A 187 29.52 13.30 3.50
CA TYR A 187 29.39 13.40 3.31
C TYR A 187 30.94 13.26 2.99
C TYR A 187 30.87 13.31 2.99
N ILE A 188 31.26 14.07 1.99
CA ILE A 188 32.62 14.04 1.53
C ILE A 188 33.61 14.33 2.65
N GLY A 189 33.24 15.22 3.56
CA GLY A 189 34.11 15.54 4.66
C GLY A 189 34.34 14.38 5.62
N LEU A 190 33.26 13.89 6.21
CA LEU A 190 33.37 12.77 7.13
C LEU A 190 34.11 11.64 6.45
N GLU A 191 33.92 11.53 5.14
CA GLU A 191 34.60 10.47 4.44
C GLU A 191 36.16 10.65 4.43
N MET A 192 36.69 11.81 4.04
CA MET A 192 38.14 11.99 4.04
C MET A 192 38.64 11.82 5.45
N GLY A 193 37.97 12.54 6.34
CA GLY A 193 38.29 12.48 7.76
C GLY A 193 38.54 11.05 8.15
N SER A 194 37.67 10.15 7.74
CA SER A 194 37.85 8.76 8.09
C SER A 194 39.11 8.21 7.46
N VAL A 195 39.19 8.36 6.13
CA VAL A 195 40.32 7.82 5.35
C VAL A 195 41.65 8.04 6.02
N TRP A 196 42.12 9.26 5.92
CA TRP A 196 43.37 9.63 6.49
C TRP A 196 43.43 9.23 7.95
N GLY A 197 42.39 9.56 8.71
CA GLY A 197 42.37 9.24 10.13
C GLY A 197 42.69 7.79 10.43
N ARG A 198 42.06 6.88 9.71
CA ARG A 198 42.37 5.50 9.98
C ARG A 198 43.87 5.28 9.73
N ILE A 199 44.34 5.81 8.58
CA ILE A 199 45.70 5.73 8.10
C ILE A 199 46.72 6.18 9.11
N GLY A 200 46.37 7.20 9.89
CA GLY A 200 47.27 7.72 10.89
C GLY A 200 46.94 9.10 11.43
N SER A 201 46.48 10.00 10.56
CA SER A 201 46.16 11.37 10.95
C SER A 201 45.40 11.55 12.25
N GLU A 202 45.32 12.79 12.69
CA GLU A 202 44.59 13.16 13.88
C GLU A 202 43.66 14.19 13.22
N VAL A 203 42.38 13.83 13.07
CA VAL A 203 41.46 14.74 12.39
C VAL A 203 40.48 15.42 13.30
N THR A 204 40.03 16.59 12.87
CA THR A 204 39.03 17.39 13.58
C THR A 204 38.23 18.15 12.50
N VAL A 205 36.91 18.08 12.65
CA VAL A 205 35.98 18.71 11.71
C VAL A 205 35.43 20.00 12.27
N VAL A 206 35.30 21.01 11.43
CA VAL A 206 34.78 22.30 11.86
C VAL A 206 33.65 22.77 11.01
N GLU A 207 32.46 22.62 11.55
CA GLU A 207 31.25 23.01 10.86
C GLU A 207 30.66 24.27 11.44
N PHE A 208 29.92 24.95 10.61
CA PHE A 208 29.26 26.18 10.97
C PHE A 208 27.88 25.86 11.48
N ALA A 209 27.34 24.76 10.96
CA ALA A 209 26.01 24.29 11.29
C ALA A 209 25.89 23.66 12.66
N SER A 210 24.67 23.65 13.20
CA SER A 210 24.33 23.09 14.50
C SER A 210 24.76 21.65 14.67
N GLU A 211 24.55 20.82 13.64
CA GLU A 211 24.92 19.40 13.70
C GLU A 211 25.70 18.90 12.47
N ILE A 212 26.14 17.65 12.53
CA ILE A 212 26.86 17.11 11.40
C ILE A 212 25.90 16.37 10.46
N VAL A 213 25.96 16.67 9.16
CA VAL A 213 25.08 16.04 8.18
C VAL A 213 23.65 16.33 8.56
N PRO A 214 23.13 17.48 8.13
CA PRO A 214 21.78 17.93 8.43
C PRO A 214 20.62 17.04 7.91
N THR A 215 20.76 16.49 6.71
CA THR A 215 19.73 15.67 6.10
C THR A 215 19.54 14.32 6.75
N MET A 216 20.53 13.91 7.53
CA MET A 216 20.44 12.62 8.18
C MET A 216 19.42 12.55 9.33
N ASP A 217 18.75 11.42 9.45
CA ASP A 217 17.78 11.28 10.50
C ASP A 217 18.42 11.46 11.90
N ALA A 218 17.92 12.45 12.64
CA ALA A 218 18.40 12.78 13.99
C ALA A 218 18.85 11.61 14.83
N GLU A 219 17.91 10.75 15.24
CA GLU A 219 18.23 9.60 16.07
C GLU A 219 19.44 8.90 15.51
N ILE A 220 19.43 8.66 14.21
CA ILE A 220 20.55 7.95 13.63
C ILE A 220 21.79 8.82 13.72
N ARG A 221 21.70 10.08 13.29
CA ARG A 221 22.81 11.03 13.36
C ARG A 221 23.49 10.93 14.74
N LYS A 222 22.74 11.23 15.81
CA LYS A 222 23.26 11.13 17.18
C LYS A 222 24.23 9.94 17.23
N GLN A 223 23.70 8.73 17.26
CA GLN A 223 24.55 7.57 17.31
C GLN A 223 25.65 7.53 16.28
N PHE A 224 25.42 8.05 15.08
CA PHE A 224 26.47 8.00 14.06
C PHE A 224 27.68 8.86 14.49
N GLN A 225 27.42 10.07 14.98
CA GLN A 225 28.49 10.99 15.43
C GLN A 225 29.24 10.31 16.56
N ARG A 226 28.47 9.96 17.56
CA ARG A 226 29.02 9.26 18.67
C ARG A 226 29.98 8.19 18.15
N SER A 227 29.63 7.46 17.12
CA SER A 227 30.54 6.43 16.61
C SER A 227 31.74 7.03 15.89
N LEU A 228 31.50 8.10 15.16
CA LEU A 228 32.57 8.74 14.47
C LEU A 228 33.55 9.21 15.52
N GLU A 229 33.05 9.40 16.73
CA GLU A 229 33.87 9.83 17.89
C GLU A 229 34.57 8.67 18.58
N LYS A 230 33.75 7.81 19.19
CA LYS A 230 34.20 6.64 19.93
C LYS A 230 35.53 6.23 19.34
N GLN A 231 35.63 6.37 18.03
CA GLN A 231 36.84 6.00 17.33
C GLN A 231 37.40 7.31 16.78
N GLY A 232 38.17 7.99 17.62
CA GLY A 232 38.84 9.27 17.31
C GLY A 232 38.39 10.18 16.19
N MET A 233 38.00 11.39 16.55
CA MET A 233 37.53 12.39 15.58
C MET A 233 37.00 13.42 16.53
N LYS A 234 36.86 14.66 16.08
CA LYS A 234 36.38 15.73 16.95
C LYS A 234 35.69 16.79 16.13
N PHE A 235 34.62 17.34 16.67
CA PHE A 235 33.89 18.34 15.92
C PHE A 235 33.77 19.69 16.65
N LYS A 236 34.10 20.75 15.92
CA LYS A 236 34.00 22.09 16.46
C LYS A 236 32.79 22.58 15.73
N LEU A 237 31.62 22.41 16.36
CA LEU A 237 30.33 22.80 15.78
C LEU A 237 30.08 24.31 15.75
N LYS A 238 29.04 24.72 15.05
CA LYS A 238 28.65 26.14 14.94
C LYS A 238 29.81 27.16 14.87
N THR A 239 30.84 26.89 14.08
CA THR A 239 31.98 27.82 14.04
C THR A 239 32.44 28.31 12.66
N LYS A 240 32.44 29.62 12.43
CA LYS A 240 32.92 30.16 11.15
C LYS A 240 34.42 30.41 11.30
N VAL A 241 35.12 30.71 10.20
CA VAL A 241 36.57 30.97 10.22
C VAL A 241 36.99 32.30 9.57
N VAL A 242 37.32 33.31 10.39
CA VAL A 242 37.76 34.58 9.82
C VAL A 242 38.82 34.33 8.73
N GLY A 243 40.10 34.27 9.14
CA GLY A 243 41.19 34.05 8.21
C GLY A 243 42.11 32.83 8.38
N VAL A 244 42.49 32.21 7.26
CA VAL A 244 43.39 31.06 7.26
C VAL A 244 44.83 31.56 7.17
N ASP A 245 45.73 30.96 7.96
CA ASP A 245 47.15 31.34 7.97
C ASP A 245 48.14 30.26 7.48
N THR A 246 48.86 30.60 6.41
CA THR A 246 49.83 29.68 5.79
C THR A 246 51.18 30.29 5.53
N SER A 247 51.92 30.49 6.61
CA SER A 247 53.26 31.05 6.57
C SER A 247 53.97 30.32 7.69
N GLY A 248 54.16 29.02 7.50
CA GLY A 248 54.78 28.23 8.55
C GLY A 248 54.85 26.75 8.27
N ASP A 249 54.88 25.94 9.33
CA ASP A 249 54.94 24.51 9.16
C ASP A 249 53.66 24.13 8.40
N GLY A 250 52.58 24.05 9.18
CA GLY A 250 51.27 23.70 8.66
C GLY A 250 50.36 24.90 8.46
N VAL A 251 49.05 24.71 8.67
CA VAL A 251 48.11 25.82 8.52
C VAL A 251 47.49 26.30 9.84
N LYS A 252 47.51 27.63 9.99
CA LYS A 252 47.02 28.31 11.17
C LYS A 252 45.67 28.88 10.86
N LEU A 253 44.68 28.36 11.59
CA LEU A 253 43.29 28.77 11.45
C LEU A 253 42.85 29.68 12.58
N THR A 254 42.15 30.76 12.23
CA THR A 254 41.64 31.74 13.19
C THR A 254 40.11 31.61 13.12
N VAL A 255 39.60 30.62 13.83
CA VAL A 255 38.18 30.31 13.87
C VAL A 255 37.45 31.06 14.97
N GLU A 256 36.49 31.88 14.58
CA GLU A 256 35.68 32.62 15.53
C GLU A 256 34.26 32.21 15.20
N PRO A 257 33.48 31.82 16.20
CA PRO A 257 32.11 31.41 15.89
C PRO A 257 31.28 32.28 14.95
N SER A 258 30.12 31.73 14.60
CA SER A 258 29.18 32.34 13.71
C SER A 258 28.31 33.42 14.37
N ALA A 259 28.91 34.15 15.30
CA ALA A 259 28.20 35.21 16.03
C ALA A 259 29.19 35.83 17.06
N GLY A 260 29.10 35.43 18.33
CA GLY A 260 30.00 35.97 19.35
C GLY A 260 31.43 36.09 18.88
N GLY A 261 31.69 37.07 18.03
CA GLY A 261 33.00 37.27 17.45
C GLY A 261 34.29 37.17 18.25
N GLU A 262 34.52 36.07 18.95
CA GLU A 262 35.76 35.97 19.70
C GLU A 262 36.72 34.84 19.23
N GLN A 263 37.44 35.12 18.15
CA GLN A 263 38.39 34.18 17.53
C GLN A 263 39.28 33.31 18.47
N THR A 264 39.74 32.18 17.93
CA THR A 264 40.61 31.24 18.62
C THR A 264 41.48 30.77 17.45
N ILE A 265 42.49 29.95 17.70
CA ILE A 265 43.32 29.51 16.60
C ILE A 265 43.57 28.00 16.58
N ILE A 266 43.30 27.36 15.44
CA ILE A 266 43.49 25.92 15.28
C ILE A 266 44.78 25.76 14.51
N GLU A 267 45.57 24.77 14.93
CA GLU A 267 46.85 24.42 14.33
C GLU A 267 46.54 23.19 13.49
N ALA A 268 46.99 23.18 12.23
CA ALA A 268 46.77 22.02 11.33
C ALA A 268 47.70 22.02 10.13
N ASP A 269 48.13 20.81 9.75
CA ASP A 269 49.03 20.56 8.61
C ASP A 269 48.37 20.81 7.27
N VAL A 270 47.25 20.13 7.07
CA VAL A 270 46.45 20.26 5.88
C VAL A 270 45.03 20.55 6.36
N VAL A 271 44.28 21.26 5.57
CA VAL A 271 42.94 21.53 5.99
C VAL A 271 42.14 21.14 4.79
N LEU A 272 41.18 20.25 5.01
CA LEU A 272 40.32 19.83 3.91
C LEU A 272 39.12 20.73 3.88
N VAL A 273 38.88 21.33 2.72
CA VAL A 273 37.74 22.19 2.63
C VAL A 273 36.56 21.45 2.02
N SER A 274 35.67 21.00 2.89
CA SER A 274 34.56 20.30 2.36
C SER A 274 33.30 21.11 2.40
N ALA A 275 33.36 22.39 2.05
CA ALA A 275 32.15 23.21 1.99
C ALA A 275 31.30 22.48 0.94
N GLY A 276 30.26 23.08 0.39
CA GLY A 276 29.47 22.32 -0.58
C GLY A 276 29.98 22.17 -1.99
N ARG A 277 29.06 21.93 -2.92
CA ARG A 277 29.42 21.82 -4.33
C ARG A 277 28.40 22.58 -5.14
N THR A 278 28.85 23.24 -6.20
CA THR A 278 27.93 24.01 -7.04
C THR A 278 27.82 23.48 -8.43
N PRO A 279 26.70 23.80 -9.10
CA PRO A 279 26.54 23.35 -10.49
C PRO A 279 27.70 23.86 -11.28
N PHE A 280 27.87 23.39 -12.51
CA PHE A 280 28.99 23.95 -13.29
C PHE A 280 28.60 24.26 -14.73
N THR A 281 28.48 25.54 -15.05
CA THR A 281 28.07 25.96 -16.39
C THR A 281 29.17 26.79 -17.05
N SER A 282 30.04 27.36 -16.21
CA SER A 282 31.19 28.16 -16.61
C SER A 282 31.81 27.80 -17.97
N GLY A 283 32.05 28.84 -18.77
CA GLY A 283 32.63 28.60 -20.06
C GLY A 283 31.72 27.83 -20.97
N LEU A 284 30.55 27.44 -20.50
CA LEU A 284 29.70 26.75 -21.44
C LEU A 284 29.33 27.98 -22.21
N ASN A 285 29.09 27.87 -23.50
CA ASN A 285 28.65 29.07 -24.18
C ASN A 285 27.21 29.04 -23.69
N LEU A 286 26.89 29.81 -22.64
CA LEU A 286 25.53 29.83 -22.04
C LEU A 286 24.67 31.05 -22.36
N ASP A 287 25.33 32.09 -22.86
CA ASP A 287 24.65 33.33 -23.17
C ASP A 287 24.01 33.32 -24.55
N LYS A 288 24.79 33.12 -25.60
CA LYS A 288 24.23 33.14 -26.95
C LYS A 288 22.71 32.77 -27.04
N ILE A 289 22.28 31.76 -26.31
CA ILE A 289 20.87 31.39 -26.37
C ILE A 289 20.18 31.55 -25.02
N GLY A 290 21.00 31.85 -24.02
CA GLY A 290 20.54 32.08 -22.66
C GLY A 290 19.51 31.14 -22.08
N VAL A 291 19.97 30.11 -21.39
CA VAL A 291 19.07 29.21 -20.74
C VAL A 291 18.94 29.88 -19.35
N GLU A 292 17.71 29.89 -18.84
CA GLU A 292 17.48 30.51 -17.58
C GLU A 292 17.95 29.59 -16.49
N THR A 293 18.62 30.20 -15.52
CA THR A 293 19.21 29.55 -14.35
C THR A 293 18.48 30.09 -13.13
N ASP A 294 18.76 29.54 -11.95
CA ASP A 294 18.11 30.07 -10.75
C ASP A 294 19.12 30.90 -9.96
N LYS A 295 18.77 31.26 -8.73
CA LYS A 295 19.63 32.09 -7.87
C LYS A 295 21.08 31.61 -7.73
N LEU A 296 21.25 30.31 -7.61
CA LEU A 296 22.57 29.71 -7.46
C LEU A 296 23.20 29.51 -8.84
N GLY A 297 22.79 28.48 -9.53
CA GLY A 297 23.39 28.33 -10.81
C GLY A 297 22.75 27.22 -11.52
N ARG A 298 22.12 26.31 -10.79
CA ARG A 298 21.48 25.18 -11.47
C ARG A 298 20.62 25.69 -12.60
N ILE A 299 20.52 24.85 -13.62
CA ILE A 299 19.75 25.18 -14.78
C ILE A 299 18.26 24.76 -14.67
N LEU A 300 17.38 25.74 -14.77
CA LEU A 300 15.96 25.44 -14.66
C LEU A 300 15.37 24.50 -15.69
N VAL A 301 14.55 23.59 -15.18
CA VAL A 301 13.97 22.65 -16.08
C VAL A 301 12.61 22.13 -15.69
N ASN A 302 11.91 21.57 -16.68
CA ASN A 302 10.57 21.04 -16.50
C ASN A 302 10.41 19.52 -16.31
N GLU A 303 9.18 19.01 -16.40
CA GLU A 303 8.89 17.58 -16.25
C GLU A 303 9.78 16.80 -17.19
N ARG A 304 9.70 17.15 -18.46
CA ARG A 304 10.46 16.52 -19.49
C ARG A 304 11.86 17.07 -19.56
N PHE A 305 12.43 17.59 -18.49
CA PHE A 305 13.81 18.04 -18.53
C PHE A 305 14.25 19.02 -19.65
N SER A 306 13.35 19.88 -20.07
CA SER A 306 13.67 20.86 -21.11
C SER A 306 13.90 22.27 -20.56
N THR A 307 14.87 22.96 -21.17
CA THR A 307 15.21 24.34 -20.82
C THR A 307 14.25 25.32 -21.50
N ASN A 308 14.35 26.63 -21.17
CA ASN A 308 13.50 27.66 -21.79
C ASN A 308 13.64 27.52 -23.28
N VAL A 309 14.84 27.14 -23.70
CA VAL A 309 15.19 26.99 -25.11
C VAL A 309 14.75 25.74 -25.84
N SER A 310 13.67 25.82 -26.60
CA SER A 310 13.23 24.62 -27.26
C SER A 310 14.36 23.96 -28.04
N GLY A 311 14.75 22.78 -27.55
CA GLY A 311 15.79 21.99 -28.16
C GLY A 311 16.83 21.63 -27.12
N VAL A 312 16.91 22.42 -26.05
CA VAL A 312 17.95 22.18 -25.05
C VAL A 312 17.43 21.58 -23.74
N TYR A 313 18.17 20.60 -23.20
CA TYR A 313 17.79 19.99 -21.94
C TYR A 313 18.95 20.07 -20.94
N ALA A 314 18.70 19.71 -19.69
CA ALA A 314 19.72 19.73 -18.64
C ALA A 314 19.38 18.65 -17.63
N ILE A 315 20.39 17.92 -17.18
CA ILE A 315 20.19 16.85 -16.24
C ILE A 315 21.43 16.68 -15.42
N GLY A 316 21.26 16.18 -14.20
CA GLY A 316 22.44 15.94 -13.38
C GLY A 316 22.75 16.90 -12.25
N ASP A 317 24.03 17.19 -12.05
CA ASP A 317 24.42 18.06 -10.96
C ASP A 317 24.26 19.44 -11.35
N VAL A 318 23.64 19.70 -12.51
CA VAL A 318 23.41 21.06 -13.02
C VAL A 318 22.00 21.56 -12.81
N ILE A 319 21.09 20.64 -12.54
CA ILE A 319 19.73 21.07 -12.31
C ILE A 319 19.36 20.77 -10.85
N PRO A 320 18.26 21.35 -10.39
CA PRO A 320 17.78 21.14 -9.04
C PRO A 320 17.70 19.66 -8.76
N GLY A 321 17.83 19.29 -7.50
CA GLY A 321 17.72 17.89 -7.16
C GLY A 321 18.92 17.52 -6.34
N PRO A 322 18.94 16.33 -5.69
CA PRO A 322 20.04 15.87 -4.87
C PRO A 322 21.24 15.62 -5.77
N MET A 323 22.44 15.98 -5.32
CA MET A 323 23.66 15.80 -6.11
C MET A 323 24.38 14.51 -5.86
N LEU A 324 23.85 13.42 -6.43
CA LEU A 324 24.39 12.08 -6.31
C LEU A 324 24.52 11.49 -7.70
N ALA A 325 25.39 10.52 -7.85
CA ALA A 325 25.60 9.94 -9.15
C ALA A 325 24.36 9.29 -9.69
N HIS A 326 23.63 8.52 -8.88
CA HIS A 326 22.47 7.84 -9.39
C HIS A 326 21.29 8.74 -9.65
N LYS A 327 21.25 9.85 -8.94
CA LYS A 327 20.22 10.84 -9.24
C LYS A 327 20.55 11.26 -10.68
N ALA A 328 21.83 11.60 -10.91
CA ALA A 328 22.30 11.98 -12.24
C ALA A 328 21.89 10.90 -13.23
N GLU A 329 22.43 9.70 -13.08
CA GLU A 329 22.09 8.62 -13.98
C GLU A 329 20.58 8.67 -14.28
N GLU A 330 19.77 8.65 -13.20
CA GLU A 330 18.29 8.66 -13.27
C GLU A 330 17.67 9.71 -14.22
N ASP A 331 18.17 10.94 -14.18
CA ASP A 331 17.68 12.02 -15.06
C ASP A 331 18.03 11.76 -16.53
N GLY A 332 19.26 11.31 -16.73
CA GLY A 332 19.74 11.05 -18.06
C GLY A 332 18.77 10.20 -18.82
N VAL A 333 18.50 9.05 -18.24
CA VAL A 333 17.58 8.09 -18.82
C VAL A 333 16.17 8.66 -18.95
N ALA A 334 15.64 9.14 -17.84
CA ALA A 334 14.31 9.68 -17.87
C ALA A 334 14.20 10.58 -19.07
N CYS A 335 15.23 11.40 -19.22
CA CYS A 335 15.30 12.39 -20.32
C CYS A 335 15.25 11.79 -21.75
N VAL A 336 16.06 10.77 -21.95
CA VAL A 336 16.13 10.10 -23.20
C VAL A 336 14.83 9.35 -23.48
N GLU A 337 14.29 8.68 -22.47
CA GLU A 337 13.03 7.95 -22.70
C GLU A 337 11.94 8.91 -23.24
N TYR A 338 11.89 10.09 -22.66
CA TYR A 338 10.96 11.13 -23.11
C TYR A 338 11.25 11.47 -24.55
N LEU A 339 12.51 11.78 -24.83
CA LEU A 339 12.86 12.17 -26.19
C LEU A 339 12.43 11.13 -27.18
N ALA A 340 12.54 9.88 -26.75
CA ALA A 340 12.22 8.79 -27.62
C ALA A 340 10.70 8.57 -27.75
N GLY A 341 9.96 9.32 -26.95
CA GLY A 341 8.51 9.22 -26.99
C GLY A 341 7.89 8.30 -25.95
N LYS A 342 8.72 7.66 -25.14
CA LYS A 342 8.21 6.78 -24.10
C LYS A 342 7.88 7.70 -22.91
N VAL A 343 7.70 7.15 -21.72
CA VAL A 343 7.43 7.98 -20.58
C VAL A 343 8.60 7.83 -19.61
N GLY A 344 9.21 8.94 -19.24
CA GLY A 344 10.38 8.94 -18.35
C GLY A 344 9.97 9.10 -16.91
N HIS A 345 10.62 8.39 -15.98
CA HIS A 345 10.25 8.45 -14.55
C HIS A 345 11.38 8.82 -13.61
N VAL A 346 11.24 9.93 -12.91
CA VAL A 346 12.23 10.31 -11.90
C VAL A 346 11.51 10.36 -10.57
N ASP A 347 12.21 10.72 -9.50
CA ASP A 347 11.55 10.76 -8.20
C ASP A 347 12.63 10.86 -7.16
N TYR A 348 13.03 12.10 -6.91
CA TYR A 348 14.09 12.34 -5.97
C TYR A 348 13.73 11.99 -4.52
N ASP A 349 12.49 11.62 -4.26
CA ASP A 349 12.17 11.31 -2.88
C ASP A 349 12.59 9.89 -2.50
N LYS A 350 12.92 9.08 -3.50
CA LYS A 350 13.34 7.71 -3.24
C LYS A 350 14.81 7.42 -3.67
N VAL A 351 15.51 8.47 -4.08
CA VAL A 351 16.93 8.36 -4.46
C VAL A 351 17.69 8.24 -3.14
N PRO A 352 18.09 7.02 -2.78
CA PRO A 352 18.82 6.73 -1.55
C PRO A 352 19.98 7.59 -1.24
N GLY A 353 20.39 7.59 0.02
CA GLY A 353 21.56 8.34 0.48
C GLY A 353 22.46 7.47 1.33
N VAL A 354 23.75 7.41 1.01
CA VAL A 354 24.64 6.55 1.78
C VAL A 354 25.99 7.12 2.06
N VAL A 355 26.34 7.24 3.32
CA VAL A 355 27.66 7.75 3.66
C VAL A 355 28.50 6.48 3.88
N TYR A 356 29.64 6.40 3.18
CA TYR A 356 30.48 5.23 3.27
C TYR A 356 31.55 5.22 4.33
N THR A 357 31.29 5.84 5.47
CA THR A 357 32.17 5.90 6.64
C THR A 357 32.32 4.50 7.29
N ASN A 358 32.96 4.34 8.45
CA ASN A 358 33.04 2.96 8.93
C ASN A 358 31.64 2.43 9.01
N PRO A 359 30.86 2.89 9.99
CA PRO A 359 29.55 2.27 9.89
C PRO A 359 28.98 3.11 8.76
N GLU A 360 28.44 2.48 7.74
CA GLU A 360 27.84 3.26 6.66
C GLU A 360 26.49 3.71 7.24
N VAL A 361 25.82 4.63 6.57
CA VAL A 361 24.52 5.04 7.03
C VAL A 361 23.69 5.22 5.80
N ALA A 362 22.92 4.20 5.48
CA ALA A 362 22.08 4.27 4.33
C ALA A 362 20.65 4.63 4.72
N SER A 363 20.07 5.60 4.02
CA SER A 363 18.70 6.02 4.26
C SER A 363 17.87 6.16 2.98
N VAL A 364 16.60 5.73 3.00
CA VAL A 364 15.67 5.91 1.86
C VAL A 364 14.35 6.26 2.45
N GLY A 365 13.66 7.18 1.82
CA GLY A 365 12.37 7.57 2.31
C GLY A 365 12.59 8.78 3.16
N LYS A 366 11.59 9.17 3.92
CA LYS A 366 11.70 10.32 4.75
C LYS A 366 12.32 10.00 6.11
N THR A 367 12.74 11.06 6.81
CA THR A 367 13.34 10.97 8.14
C THR A 367 12.25 11.13 9.16
N GLU A 368 12.45 10.60 10.37
CA GLU A 368 11.42 10.75 11.36
C GLU A 368 11.11 12.25 11.43
N GLU A 369 12.12 13.11 11.34
CA GLU A 369 11.81 14.53 11.44
C GLU A 369 10.79 14.97 10.41
N GLN A 370 11.00 14.60 9.17
CA GLN A 370 10.06 15.02 8.15
C GLN A 370 8.68 14.45 8.44
N VAL A 371 8.59 13.14 8.70
CA VAL A 371 7.30 12.53 9.01
C VAL A 371 6.63 13.48 10.01
N LYS A 372 7.26 13.76 11.15
CA LYS A 372 6.63 14.63 12.14
C LYS A 372 5.98 15.84 11.49
N GLU A 373 6.73 16.54 10.66
CA GLU A 373 6.19 17.71 10.01
C GLU A 373 4.84 17.43 9.32
N THR A 374 4.59 16.23 8.84
CA THR A 374 3.30 15.94 8.16
C THR A 374 2.09 15.59 9.11
N GLY A 375 2.27 15.85 10.40
CA GLY A 375 1.22 15.57 11.36
C GLY A 375 0.59 14.21 11.27
N VAL A 376 1.13 13.34 10.47
CA VAL A 376 0.51 12.04 10.38
C VAL A 376 0.89 11.05 11.47
N GLU A 377 -0.08 10.29 11.95
CA GLU A 377 0.20 9.31 12.99
C GLU A 377 1.08 8.12 12.51
N TYR A 378 2.29 7.98 13.06
CA TYR A 378 3.20 6.90 12.67
C TYR A 378 3.75 5.96 13.75
N ARG A 379 4.39 4.87 13.37
CA ARG A 379 4.97 3.99 14.39
C ARG A 379 6.43 3.80 13.98
N VAL A 380 7.31 3.44 14.90
CA VAL A 380 8.68 3.23 14.53
C VAL A 380 9.16 1.85 14.93
N GLY A 381 9.96 1.22 14.09
CA GLY A 381 10.47 -0.09 14.41
C GLY A 381 11.97 0.05 14.43
N LYS A 382 12.61 -0.66 15.35
CA LYS A 382 14.06 -0.62 15.44
C LYS A 382 14.62 -1.95 15.88
N PHE A 383 15.80 -2.28 15.37
CA PHE A 383 16.49 -3.53 15.72
C PHE A 383 18.00 -3.35 15.45
N PRO A 384 18.82 -3.48 16.52
CA PRO A 384 20.27 -3.38 16.63
C PRO A 384 20.97 -4.65 16.19
N PHE A 385 22.14 -4.50 15.57
CA PHE A 385 22.82 -5.69 15.11
C PHE A 385 23.41 -6.45 16.25
N MET A 386 23.37 -5.83 17.44
CA MET A 386 23.84 -6.47 18.66
C MET A 386 23.03 -7.75 18.93
N ALA A 387 21.84 -7.86 18.31
CA ALA A 387 20.97 -9.05 18.46
C ALA A 387 20.97 -9.96 17.23
N ASN A 388 21.59 -9.49 16.17
CA ASN A 388 21.69 -10.24 14.93
C ASN A 388 22.60 -11.47 14.98
N SER A 389 22.12 -12.68 14.75
CA SER A 389 23.07 -13.79 14.85
C SER A 389 24.34 -13.62 14.04
N ARG A 390 24.24 -13.37 12.74
CA ARG A 390 25.41 -13.19 11.88
C ARG A 390 26.42 -12.18 12.49
N ALA A 391 25.96 -10.95 12.69
CA ALA A 391 26.79 -9.92 13.29
C ALA A 391 27.55 -10.55 14.46
N LYS A 392 26.87 -10.81 15.56
CA LYS A 392 27.54 -11.41 16.70
C LYS A 392 28.52 -12.51 16.34
N ALA A 393 28.10 -13.43 15.48
CA ALA A 393 28.96 -14.53 15.11
C ALA A 393 30.27 -14.04 14.54
N ILE A 394 30.25 -12.80 14.07
CA ILE A 394 31.42 -12.19 13.44
C ILE A 394 32.16 -11.18 14.31
N ASP A 395 31.44 -10.60 15.24
CA ASP A 395 31.97 -9.60 16.12
C ASP A 395 32.20 -8.33 15.34
N ASN A 396 31.11 -7.89 14.69
CA ASN A 396 31.01 -6.68 13.86
C ASN A 396 29.52 -6.33 13.94
N ALA A 397 29.09 -5.96 15.14
CA ALA A 397 27.70 -5.66 15.44
C ALA A 397 27.32 -4.22 15.74
N GLU A 398 28.10 -3.26 15.28
CA GLU A 398 27.71 -1.91 15.54
C GLU A 398 26.55 -1.70 14.57
N GLY A 399 25.57 -0.88 14.95
CA GLY A 399 24.48 -0.67 14.01
C GLY A 399 23.04 -1.04 14.31
N LEU A 400 22.16 -0.46 13.52
CA LEU A 400 20.74 -0.66 13.69
C LEU A 400 19.90 -0.26 12.47
N VAL A 401 18.81 -1.01 12.33
CA VAL A 401 17.84 -0.80 11.26
C VAL A 401 16.72 -0.03 11.94
N LYS A 402 16.15 0.90 11.21
CA LYS A 402 15.07 1.66 11.76
C LYS A 402 14.09 1.99 10.67
N ILE A 403 12.88 1.48 10.78
CA ILE A 403 11.87 1.76 9.79
C ILE A 403 10.75 2.69 10.35
N ILE A 404 10.16 3.52 9.48
CA ILE A 404 9.08 4.46 9.85
C ILE A 404 7.84 4.18 8.97
N ALA A 405 6.72 3.95 9.63
CA ALA A 405 5.49 3.61 8.95
C ALA A 405 4.27 4.41 9.38
N GLU A 406 3.25 4.46 8.52
CA GLU A 406 2.03 5.15 8.88
C GLU A 406 1.32 4.20 9.89
N LYS A 407 0.86 4.75 11.03
CA LYS A 407 0.21 3.95 12.06
C LYS A 407 -1.03 3.29 11.50
N GLU A 408 -1.84 4.06 10.79
CA GLU A 408 -3.09 3.58 10.18
C GLU A 408 -2.90 2.46 9.12
N THR A 409 -2.18 2.81 8.06
CA THR A 409 -1.88 1.94 6.93
C THR A 409 -0.74 0.94 7.08
N ASP A 410 0.33 1.33 7.78
CA ASP A 410 1.55 0.52 7.96
C ASP A 410 2.51 0.75 6.74
N LYS A 411 2.11 1.70 5.89
CA LYS A 411 2.88 2.05 4.71
C LYS A 411 4.21 2.56 5.22
N ILE A 412 5.31 2.08 4.64
CA ILE A 412 6.62 2.53 5.09
C ILE A 412 6.91 3.93 4.61
N LEU A 413 7.37 4.75 5.54
CA LEU A 413 7.71 6.11 5.23
C LEU A 413 9.20 6.28 4.86
N GLY A 414 10.06 5.72 5.72
CA GLY A 414 11.50 5.76 5.57
C GLY A 414 12.16 4.57 6.29
N VAL A 415 13.36 4.26 5.91
CA VAL A 415 14.06 3.18 6.57
C VAL A 415 15.50 3.64 6.62
N HIS A 416 16.03 3.87 7.81
CA HIS A 416 17.39 4.30 7.90
C HIS A 416 18.24 3.23 8.51
N ILE A 417 19.45 3.07 8.01
CA ILE A 417 20.31 2.07 8.59
C ILE A 417 21.70 2.61 8.84
N MET A 418 22.22 2.24 9.99
CA MET A 418 23.57 2.60 10.31
C MET A 418 24.28 1.27 10.49
N ALA A 419 25.23 0.98 9.64
CA ALA A 419 25.97 -0.26 9.81
C ALA A 419 26.97 -0.48 8.71
N PRO A 420 27.92 -1.37 8.95
CA PRO A 420 28.88 -1.58 7.86
C PRO A 420 28.09 -2.18 6.70
N ASN A 421 28.52 -2.03 5.47
CA ASN A 421 27.73 -2.64 4.40
C ASN A 421 26.23 -2.34 4.46
N ALA A 422 25.87 -1.20 5.02
CA ALA A 422 24.50 -0.70 5.10
C ALA A 422 23.95 -0.41 3.72
N GLY A 423 24.82 0.12 2.84
CA GLY A 423 24.50 0.50 1.48
C GLY A 423 24.00 -0.70 0.73
N GLU A 424 24.44 -1.90 1.07
CA GLU A 424 23.86 -3.04 0.40
C GLU A 424 22.51 -3.38 1.04
N LEU A 425 22.43 -3.31 2.36
CA LEU A 425 21.20 -3.61 3.06
C LEU A 425 20.05 -2.66 2.82
N ILE A 426 20.34 -1.40 2.52
CA ILE A 426 19.23 -0.48 2.34
C ILE A 426 18.44 -0.75 1.10
N HIS A 427 18.95 -1.59 0.23
CA HIS A 427 18.16 -1.83 -0.96
C HIS A 427 16.88 -2.58 -0.71
N GLU A 428 16.96 -3.61 0.13
CA GLU A 428 15.76 -4.36 0.48
C GLU A 428 14.68 -3.35 0.94
N ALA A 429 15.08 -2.23 1.49
CA ALA A 429 14.10 -1.28 1.91
C ALA A 429 13.76 -0.37 0.77
N ALA A 430 14.76 -0.08 -0.02
CA ALA A 430 14.51 0.82 -1.09
C ALA A 430 13.52 0.25 -2.04
N ILE A 431 13.60 -1.04 -2.33
CA ILE A 431 12.64 -1.64 -3.27
C ILE A 431 11.24 -1.70 -2.70
N ALA A 432 11.13 -2.01 -1.43
CA ALA A 432 9.85 -2.07 -0.79
C ALA A 432 9.27 -0.67 -0.74
N LEU A 433 10.11 0.33 -0.69
CA LEU A 433 9.58 1.66 -0.59
C LEU A 433 9.06 2.17 -1.92
N GLN A 434 9.58 1.60 -3.01
CA GLN A 434 9.23 2.00 -4.37
C GLN A 434 7.81 1.63 -4.66
N TYR A 435 7.36 0.52 -4.11
CA TYR A 435 6.02 0.03 -4.34
C TYR A 435 5.04 0.24 -3.17
N ASP A 436 5.20 1.36 -2.48
CA ASP A 436 4.36 1.75 -1.35
C ASP A 436 3.96 0.56 -0.49
N ALA A 437 4.96 -0.24 -0.13
CA ALA A 437 4.77 -1.42 0.68
C ALA A 437 4.74 -1.11 2.19
N SER A 438 4.40 -2.12 2.99
CA SER A 438 4.32 -1.98 4.45
C SER A 438 5.22 -2.93 5.23
N SER A 439 5.55 -2.53 6.46
CA SER A 439 6.40 -3.33 7.33
C SER A 439 6.09 -4.83 7.23
N GLU A 440 4.82 -5.13 7.50
CA GLU A 440 4.35 -6.49 7.47
C GLU A 440 4.84 -7.17 6.20
N ASP A 441 4.64 -6.51 5.06
CA ASP A 441 5.04 -7.07 3.77
C ASP A 441 6.47 -7.52 3.67
N ILE A 442 7.37 -6.70 4.18
CA ILE A 442 8.79 -6.98 4.12
C ILE A 442 9.10 -8.03 5.18
N ALA A 443 8.33 -8.03 6.27
CA ALA A 443 8.52 -9.04 7.31
C ALA A 443 7.95 -10.39 6.86
N ARG A 444 6.99 -10.34 5.95
CA ARG A 444 6.34 -11.53 5.44
C ARG A 444 7.30 -12.29 4.53
N VAL A 445 8.41 -11.67 4.16
CA VAL A 445 9.38 -12.30 3.25
C VAL A 445 10.33 -13.20 4.03
N CYS A 446 10.55 -14.43 3.56
CA CYS A 446 11.48 -15.33 4.26
C CYS A 446 12.96 -14.96 4.00
N HIS A 447 13.71 -14.59 5.04
CA HIS A 447 15.16 -14.26 4.90
C HIS A 447 16.13 -15.37 5.22
N ALA A 448 17.23 -15.35 4.49
CA ALA A 448 18.23 -16.35 4.72
C ALA A 448 18.87 -16.13 6.09
N HIS A 449 19.03 -17.20 6.86
CA HIS A 449 19.68 -17.09 8.15
C HIS A 449 20.97 -17.85 8.04
N PRO A 450 22.05 -17.28 8.60
CA PRO A 450 22.14 -16.01 9.30
C PRO A 450 22.64 -15.00 8.32
N THR A 451 22.11 -13.81 8.40
CA THR A 451 22.48 -12.74 7.48
C THR A 451 22.21 -11.44 8.18
N MET A 452 22.82 -10.36 7.69
CA MET A 452 22.63 -9.03 8.29
C MET A 452 21.26 -8.53 7.99
N SER A 453 20.71 -9.09 6.91
CA SER A 453 19.39 -8.74 6.37
C SER A 453 18.30 -8.98 7.37
N GLU A 454 18.48 -10.05 8.17
CA GLU A 454 17.55 -10.48 9.21
C GLU A 454 17.14 -9.31 10.08
N ALA A 455 18.09 -8.40 10.27
CA ALA A 455 17.87 -7.20 11.05
C ALA A 455 16.71 -6.41 10.50
N ILE A 456 16.74 -6.20 9.19
CA ILE A 456 15.67 -5.46 8.51
C ILE A 456 14.34 -6.17 8.76
N LYS A 457 14.33 -7.47 8.59
CA LYS A 457 13.12 -8.21 8.84
C LYS A 457 12.67 -7.93 10.27
N GLU A 458 13.56 -8.08 11.23
CA GLU A 458 13.21 -7.84 12.62
C GLU A 458 12.76 -6.40 12.85
N ALA A 459 13.38 -5.43 12.20
CA ALA A 459 12.97 -4.05 12.40
C ALA A 459 11.55 -3.82 11.90
N ALA A 460 11.22 -4.54 10.83
CA ALA A 460 9.92 -4.44 10.21
C ALA A 460 8.87 -4.92 11.20
N MET A 461 9.06 -6.13 11.71
CA MET A 461 8.13 -6.73 12.68
C MET A 461 7.92 -5.75 13.82
N ALA A 462 9.02 -5.26 14.36
CA ALA A 462 9.00 -4.32 15.45
C ALA A 462 8.14 -3.12 15.13
N THR A 463 7.71 -3.02 13.88
CA THR A 463 6.95 -1.85 13.47
C THR A 463 5.44 -1.96 13.61
N TYR A 464 4.86 -2.98 12.98
CA TYR A 464 3.42 -3.16 13.04
C TYR A 464 3.01 -4.10 14.16
N ASP A 465 3.88 -5.03 14.49
CA ASP A 465 3.63 -5.98 15.55
C ASP A 465 4.74 -5.95 16.61
N LYS A 466 5.35 -7.12 16.81
CA LYS A 466 6.38 -7.33 17.83
C LYS A 466 7.48 -8.29 17.36
N PRO A 467 8.75 -7.87 17.56
CA PRO A 467 9.98 -8.60 17.20
C PRO A 467 10.10 -9.95 17.83
N ILE A 468 10.82 -10.89 17.20
CA ILE A 468 11.09 -12.21 17.81
C ILE A 468 12.53 -12.35 18.40
N HIS A 469 13.31 -11.30 18.44
CA HIS A 469 14.64 -11.45 19.02
C HIS A 469 15.05 -10.23 19.81
N ILE A 470 14.08 -9.53 20.38
CA ILE A 470 14.34 -8.35 21.19
C ILE A 470 13.06 -7.90 21.86
N SER B 4 1.24 -24.33 38.71
CA SER B 4 1.98 -24.51 37.43
C SER B 4 1.36 -23.65 36.32
N ASP B 5 2.22 -22.94 35.58
CA ASP B 5 1.77 -22.07 34.48
C ASP B 5 2.13 -22.61 33.08
N GLU B 6 2.26 -23.93 32.98
CA GLU B 6 2.59 -24.58 31.70
C GLU B 6 1.64 -25.74 31.40
N ASN B 7 0.87 -25.60 30.32
CA ASN B 7 -0.11 -26.60 29.85
C ASN B 7 -0.61 -26.28 28.43
N ASP B 8 -0.62 -24.99 28.07
CA ASP B 8 -1.08 -24.51 26.76
C ASP B 8 -0.38 -25.23 25.59
N VAL B 9 0.89 -24.86 25.37
CA VAL B 9 1.68 -25.45 24.28
C VAL B 9 2.98 -26.13 24.74
N VAL B 10 3.23 -27.34 24.25
CA VAL B 10 4.44 -28.09 24.61
C VAL B 10 5.34 -28.33 23.39
N ILE B 11 6.61 -27.97 23.50
CA ILE B 11 7.52 -28.16 22.38
C ILE B 11 8.78 -28.92 22.78
N ILE B 12 8.97 -30.07 22.14
CA ILE B 12 10.14 -30.93 22.39
C ILE B 12 11.17 -30.60 21.33
N GLY B 13 12.00 -29.61 21.63
CA GLY B 13 13.04 -29.20 20.72
C GLY B 13 13.45 -27.78 20.99
N GLY B 14 14.75 -27.56 21.21
CA GLY B 14 15.25 -26.22 21.47
C GLY B 14 15.89 -25.52 20.29
N GLY B 15 15.74 -26.07 19.07
CA GLY B 15 16.33 -25.47 17.89
C GLY B 15 15.53 -24.30 17.34
N PRO B 16 15.80 -23.88 16.10
CA PRO B 16 15.07 -22.75 15.51
C PRO B 16 13.57 -23.02 15.59
N GLY B 17 13.17 -24.19 15.10
CA GLY B 17 11.78 -24.55 15.13
C GLY B 17 11.15 -24.44 16.52
N GLY B 18 11.87 -24.97 17.51
CA GLY B 18 11.38 -24.96 18.88
C GLY B 18 11.41 -23.62 19.59
N TYR B 19 12.58 -22.98 19.67
CA TYR B 19 12.64 -21.74 20.41
C TYR B 19 11.88 -20.60 19.76
N VAL B 20 11.65 -20.65 18.47
CA VAL B 20 10.86 -19.58 17.88
C VAL B 20 9.36 -19.88 18.15
N ALA B 21 8.99 -21.12 17.79
CA ALA B 21 7.66 -21.66 18.03
C ALA B 21 7.29 -21.25 19.46
N ALA B 22 8.22 -21.59 20.36
CA ALA B 22 8.18 -21.31 21.80
C ALA B 22 8.00 -19.83 22.04
N ILE B 23 8.74 -19.01 21.34
CA ILE B 23 8.56 -17.59 21.58
C ILE B 23 7.33 -17.00 20.92
N LYS B 24 7.08 -17.42 19.69
CA LYS B 24 5.92 -16.91 18.97
C LYS B 24 4.71 -17.28 19.80
N ALA B 25 4.73 -18.50 20.33
CA ALA B 25 3.61 -18.96 21.12
C ALA B 25 3.33 -18.03 22.31
N ALA B 26 4.28 -17.94 23.22
CA ALA B 26 4.11 -17.09 24.40
C ALA B 26 3.59 -15.73 23.99
N GLN B 27 4.01 -15.30 22.80
CA GLN B 27 3.62 -13.99 22.28
C GLN B 27 2.16 -13.99 21.88
N LEU B 28 1.69 -15.15 21.48
CA LEU B 28 0.33 -15.29 21.06
C LEU B 28 -0.69 -15.50 22.18
N GLY B 29 -0.22 -15.88 23.36
CA GLY B 29 -1.13 -16.06 24.48
C GLY B 29 -1.20 -17.49 25.00
N PHE B 30 -0.17 -18.26 24.75
CA PHE B 30 -0.15 -19.63 25.24
C PHE B 30 0.87 -19.82 26.36
N LYS B 31 0.53 -20.68 27.33
CA LYS B 31 1.46 -21.03 28.39
C LYS B 31 2.26 -22.05 27.56
N THR B 32 3.54 -21.77 27.35
CA THR B 32 4.33 -22.66 26.52
C THR B 32 5.51 -23.23 27.23
N THR B 33 5.93 -24.42 26.79
CA THR B 33 7.07 -25.08 27.39
C THR B 33 7.91 -25.74 26.31
N CYS B 34 9.20 -25.38 26.32
CA CYS B 34 10.11 -25.99 25.39
C CYS B 34 10.97 -26.90 26.23
N ILE B 35 11.19 -28.09 25.74
CA ILE B 35 12.00 -29.00 26.51
C ILE B 35 13.19 -29.38 25.65
N GLU B 36 14.43 -29.30 26.19
CA GLU B 36 15.63 -29.73 25.44
C GLU B 36 16.80 -30.38 26.18
N LYS B 37 17.08 -31.60 25.76
CA LYS B 37 18.13 -32.44 26.32
C LYS B 37 19.55 -31.93 26.23
N ARG B 38 19.86 -31.21 25.17
CA ARG B 38 21.20 -30.68 24.96
C ARG B 38 21.53 -29.75 26.12
N GLY B 39 22.82 -29.41 26.28
CA GLY B 39 23.19 -28.48 27.34
C GLY B 39 22.45 -27.13 27.23
N ALA B 40 22.89 -26.34 26.23
CA ALA B 40 22.37 -25.00 25.89
C ALA B 40 21.19 -24.95 24.93
N LEU B 41 20.52 -23.81 24.89
CA LEU B 41 19.33 -23.60 24.05
C LEU B 41 19.47 -23.26 22.59
N GLY B 42 20.68 -23.16 22.08
CA GLY B 42 20.77 -22.87 20.67
C GLY B 42 20.19 -24.09 20.01
N GLY B 43 19.91 -24.04 18.72
CA GLY B 43 19.40 -25.23 18.08
C GLY B 43 20.60 -26.07 17.75
N THR B 44 20.83 -26.27 16.46
CA THR B 44 22.00 -27.00 15.98
C THR B 44 22.59 -25.83 15.22
N CYS B 45 21.67 -24.95 14.84
CA CYS B 45 22.00 -23.72 14.15
C CYS B 45 22.45 -22.85 15.27
N LEU B 46 23.27 -23.42 16.13
CA LEU B 46 23.86 -22.60 17.17
C LEU B 46 24.94 -23.24 17.98
N ASN B 47 24.94 -24.54 18.11
CA ASN B 47 25.95 -25.10 18.94
C ASN B 47 26.98 -25.86 18.13
N VAL B 48 26.60 -26.32 16.94
CA VAL B 48 27.51 -27.07 16.05
C VAL B 48 27.09 -27.06 14.58
N GLY B 49 26.62 -25.90 14.12
CA GLY B 49 26.18 -25.75 12.74
C GLY B 49 26.34 -24.34 12.16
N CYS B 50 25.24 -23.76 11.70
CA CYS B 50 25.27 -22.41 11.13
C CYS B 50 26.41 -21.64 11.77
N ILE B 51 26.02 -20.90 12.79
CA ILE B 51 26.92 -20.06 13.55
C ILE B 51 28.41 -20.51 13.64
N PRO B 52 28.72 -21.53 14.45
CA PRO B 52 30.11 -21.99 14.56
C PRO B 52 30.78 -21.93 13.19
N SER B 53 30.05 -22.48 12.25
CA SER B 53 30.49 -22.55 10.88
C SER B 53 30.76 -21.18 10.29
N LYS B 54 29.88 -20.23 10.52
CA LYS B 54 30.06 -18.91 9.95
C LYS B 54 31.27 -18.25 10.55
N ALA B 55 31.36 -18.39 11.87
CA ALA B 55 32.46 -17.81 12.64
C ALA B 55 33.77 -18.27 12.05
N LEU B 56 33.97 -19.58 11.97
CA LEU B 56 35.23 -20.09 11.42
C LEU B 56 35.54 -19.51 10.03
N LEU B 57 34.54 -19.63 9.17
CA LEU B 57 34.57 -19.14 7.80
C LEU B 57 35.14 -17.76 7.76
N HIS B 58 34.56 -16.87 8.53
CA HIS B 58 35.05 -15.51 8.52
C HIS B 58 36.48 -15.38 9.04
N SER B 59 36.81 -16.09 10.11
CA SER B 59 38.15 -16.02 10.68
C SER B 59 39.14 -16.54 9.68
N SER B 60 38.85 -17.72 9.15
CA SER B 60 39.72 -18.35 8.15
C SER B 60 39.82 -17.47 6.89
N HIS B 61 38.86 -16.60 6.72
CA HIS B 61 38.93 -15.73 5.57
C HIS B 61 39.90 -14.61 5.90
N MET B 62 39.72 -14.00 7.06
CA MET B 62 40.60 -12.92 7.48
C MET B 62 42.04 -13.38 7.34
N TYR B 63 42.35 -14.57 7.84
CA TYR B 63 43.70 -15.05 7.74
C TYR B 63 44.05 -15.06 6.25
N HIS B 64 43.27 -15.73 5.44
CA HIS B 64 43.62 -15.75 4.04
C HIS B 64 43.91 -14.38 3.46
N GLU B 65 42.92 -13.50 3.52
CA GLU B 65 43.04 -12.16 2.97
C GLU B 65 44.26 -11.38 3.42
N ALA B 66 44.75 -11.65 4.63
CA ALA B 66 45.90 -10.91 5.12
C ALA B 66 47.20 -11.45 4.57
N LYS B 67 47.20 -12.71 4.16
CA LYS B 67 48.38 -13.27 3.55
C LYS B 67 48.40 -12.97 2.03
N HIS B 68 47.25 -12.64 1.41
CA HIS B 68 47.21 -12.39 -0.04
C HIS B 68 46.72 -11.10 -0.59
N SER B 69 45.69 -10.56 0.02
CA SER B 69 45.15 -9.31 -0.48
C SER B 69 45.82 -8.05 0.01
N PHE B 70 45.99 -7.92 1.33
CA PHE B 70 46.57 -6.73 1.95
C PHE B 70 47.66 -5.96 1.18
N ALA B 71 48.60 -6.69 0.63
CA ALA B 71 49.65 -6.08 -0.17
C ALA B 71 49.05 -5.07 -1.13
N ASN B 72 48.34 -5.57 -2.14
CA ASN B 72 47.77 -4.70 -3.13
C ASN B 72 47.14 -3.49 -2.57
N HIS B 73 46.82 -3.42 -1.29
CA HIS B 73 46.18 -2.21 -0.81
C HIS B 73 47.10 -1.35 -0.02
N GLY B 74 48.39 -1.64 -0.08
CA GLY B 74 49.35 -0.85 0.66
C GLY B 74 49.24 -1.11 2.16
N VAL B 75 49.13 -2.38 2.51
CA VAL B 75 49.08 -2.77 3.90
C VAL B 75 50.10 -3.89 4.06
N LYS B 76 51.18 -3.58 4.79
CA LYS B 76 52.22 -4.55 4.98
C LYS B 76 52.24 -5.12 6.35
N VAL B 77 52.41 -6.43 6.36
CA VAL B 77 52.48 -7.24 7.55
C VAL B 77 53.78 -8.03 7.44
N SER B 78 54.54 -8.09 8.53
CA SER B 78 55.84 -8.77 8.53
C SER B 78 55.85 -10.28 8.70
N ASN B 79 54.84 -10.82 9.36
CA ASN B 79 54.74 -12.25 9.57
C ASN B 79 53.32 -12.53 10.00
N VAL B 80 52.72 -13.55 9.38
CA VAL B 80 51.34 -13.89 9.68
C VAL B 80 51.30 -15.33 10.14
N GLU B 81 50.41 -15.61 11.09
CA GLU B 81 50.29 -16.94 11.64
C GLU B 81 48.91 -17.11 12.28
N ILE B 82 48.58 -18.35 12.55
CA ILE B 82 47.28 -18.62 13.08
C ILE B 82 47.33 -19.08 14.51
N ASP B 83 46.70 -18.31 15.42
CA ASP B 83 46.62 -18.70 16.83
C ASP B 83 45.33 -19.55 16.85
N LEU B 84 45.40 -20.74 16.26
CA LEU B 84 44.25 -21.63 16.17
C LEU B 84 43.48 -21.69 17.45
N ALA B 85 44.18 -21.55 18.57
CA ALA B 85 43.56 -21.59 19.90
C ALA B 85 42.66 -20.38 20.11
N ALA B 86 43.10 -19.26 19.55
CA ALA B 86 42.34 -18.05 19.64
C ALA B 86 41.06 -18.20 18.82
N MET B 87 41.21 -18.52 17.54
CA MET B 87 40.07 -18.69 16.61
C MET B 87 38.95 -19.47 17.27
N MET B 88 39.20 -20.74 17.54
CA MET B 88 38.19 -21.60 18.17
C MET B 88 37.52 -20.80 19.28
N GLY B 89 38.30 -19.91 19.87
CA GLY B 89 37.80 -19.11 20.97
C GLY B 89 36.70 -18.14 20.63
N GLN B 90 37.01 -17.22 19.73
CA GLN B 90 36.04 -16.21 19.37
C GLN B 90 34.79 -16.95 19.06
N LYS B 91 34.98 -18.07 18.33
CA LYS B 91 33.92 -18.96 17.87
C LYS B 91 33.10 -19.33 19.07
N ASP B 92 33.74 -20.02 20.02
CA ASP B 92 33.04 -20.44 21.24
C ASP B 92 32.42 -19.22 21.97
N LYS B 93 33.23 -18.19 22.26
CA LYS B 93 32.74 -16.98 22.91
C LYS B 93 31.40 -16.55 22.27
N ALA B 94 31.40 -16.46 20.94
CA ALA B 94 30.22 -16.06 20.14
C ALA B 94 29.05 -16.99 20.34
N VAL B 95 29.31 -18.27 20.15
CA VAL B 95 28.29 -19.32 20.32
C VAL B 95 27.55 -19.15 21.65
N SER B 96 28.24 -19.36 22.75
CA SER B 96 27.59 -19.22 24.04
C SER B 96 26.89 -17.85 24.10
N ASN B 97 27.65 -16.78 23.89
CA ASN B 97 27.08 -15.45 23.90
C ASN B 97 25.65 -15.46 23.33
N LEU B 98 25.45 -16.01 22.13
CA LEU B 98 24.11 -16.09 21.51
C LEU B 98 23.11 -16.91 22.30
N THR B 99 23.58 -18.03 22.81
CA THR B 99 22.76 -18.95 23.60
C THR B 99 22.14 -18.22 24.80
N ARG B 100 22.97 -17.55 25.58
CA ARG B 100 22.48 -16.83 26.72
C ARG B 100 21.32 -15.98 26.28
N GLY B 101 21.54 -15.16 25.26
CA GLY B 101 20.49 -14.32 24.75
C GLY B 101 19.19 -15.07 24.51
N ILE B 102 19.26 -16.29 23.96
CA ILE B 102 18.07 -17.10 23.69
C ILE B 102 17.39 -17.41 25.01
N GLU B 103 18.17 -17.97 25.95
CA GLU B 103 17.67 -18.31 27.26
C GLU B 103 16.98 -17.04 27.78
N GLY B 104 17.67 -15.91 27.71
CA GLY B 104 17.11 -14.65 28.18
C GLY B 104 15.88 -14.20 27.42
N LEU B 105 15.66 -14.79 26.25
CA LEU B 105 14.49 -14.43 25.47
C LEU B 105 13.32 -15.17 26.06
N PHE B 106 13.55 -16.42 26.43
CA PHE B 106 12.50 -17.18 27.05
C PHE B 106 12.04 -16.44 28.32
N LYS B 107 12.97 -15.94 29.11
CA LYS B 107 12.57 -15.23 30.33
C LYS B 107 11.67 -14.07 29.99
N LYS B 108 12.00 -13.37 28.92
CA LYS B 108 11.19 -12.23 28.52
C LYS B 108 9.75 -12.65 28.22
N ASN B 109 9.59 -13.49 27.21
CA ASN B 109 8.25 -13.92 26.80
C ASN B 109 7.59 -14.93 27.73
N LYS B 110 8.33 -15.35 28.74
CA LYS B 110 7.83 -16.29 29.70
C LYS B 110 7.70 -17.77 29.27
N VAL B 111 8.64 -18.22 28.46
CA VAL B 111 8.66 -19.62 28.05
C VAL B 111 9.27 -20.42 29.24
N THR B 112 8.66 -21.52 29.60
CA THR B 112 9.23 -22.29 30.69
C THR B 112 10.21 -23.29 30.13
N TYR B 113 11.49 -23.02 30.36
CA TYR B 113 12.59 -23.87 29.86
C TYR B 113 12.74 -25.05 30.78
N VAL B 114 12.64 -26.25 30.23
CA VAL B 114 12.74 -27.48 31.03
C VAL B 114 13.87 -28.37 30.57
N LYS B 115 15.03 -28.29 31.20
CA LYS B 115 16.15 -29.10 30.74
C LYS B 115 15.83 -30.57 30.97
N GLY B 116 16.00 -31.38 29.93
CA GLY B 116 15.73 -32.82 30.02
C GLY B 116 15.46 -33.50 28.68
N TYR B 117 15.25 -34.82 28.68
CA TYR B 117 15.03 -35.57 27.45
C TYR B 117 13.61 -36.08 27.15
N GLY B 118 12.74 -35.25 26.61
CA GLY B 118 11.36 -35.64 26.31
C GLY B 118 11.12 -37.05 25.77
N LYS B 119 9.88 -37.54 25.92
CA LYS B 119 9.52 -38.90 25.49
C LYS B 119 8.02 -38.98 25.67
N PHE B 120 7.29 -39.23 24.59
CA PHE B 120 5.84 -39.34 24.65
C PHE B 120 5.32 -40.44 25.57
N VAL B 121 4.42 -40.07 26.48
CA VAL B 121 3.80 -41.01 27.41
C VAL B 121 2.33 -41.18 26.99
N SER B 122 1.88 -40.27 26.14
CA SER B 122 0.52 -40.23 25.62
C SER B 122 0.41 -39.02 24.70
N PRO B 123 -0.54 -39.05 23.77
CA PRO B 123 -0.68 -37.90 22.87
C PRO B 123 -0.78 -36.57 23.63
N SER B 124 -0.82 -36.64 24.96
CA SER B 124 -0.90 -35.45 25.82
C SER B 124 0.22 -35.38 26.89
N GLU B 125 0.98 -36.47 27.06
CA GLU B 125 2.07 -36.54 28.05
C GLU B 125 3.42 -37.13 27.55
N ILE B 126 4.53 -36.54 28.01
CA ILE B 126 5.85 -37.05 27.63
C ILE B 126 6.75 -37.09 28.85
N SER B 127 7.63 -38.08 28.83
CA SER B 127 8.55 -38.38 29.93
C SER B 127 9.99 -37.87 29.80
N VAL B 128 10.20 -36.68 30.34
CA VAL B 128 11.50 -36.01 30.40
C VAL B 128 12.32 -36.84 31.42
N ASP B 129 13.55 -36.44 31.72
CA ASP B 129 14.39 -37.18 32.65
C ASP B 129 15.87 -36.76 32.48
N THR B 130 16.82 -37.67 32.70
CA THR B 130 18.22 -37.31 32.52
C THR B 130 19.23 -38.41 32.62
N ILE B 131 20.47 -37.98 32.45
CA ILE B 131 21.65 -38.80 32.54
C ILE B 131 22.06 -38.55 34.01
N GLU B 132 21.82 -39.56 34.85
CA GLU B 132 22.09 -39.48 36.30
C GLU B 132 21.21 -38.36 36.87
N GLY B 133 19.95 -38.37 36.46
CA GLY B 133 19.03 -37.33 36.90
C GLY B 133 17.60 -37.79 37.11
N GLU B 134 16.77 -36.84 37.52
CA GLU B 134 15.38 -37.10 37.82
C GLU B 134 14.53 -37.57 36.64
N ASN B 135 13.42 -36.88 36.48
CA ASN B 135 12.42 -37.14 35.45
C ASN B 135 11.33 -36.08 35.64
N THR B 136 11.50 -34.91 35.02
CA THR B 136 10.55 -33.79 35.12
C THR B 136 9.18 -34.15 34.50
N VAL B 137 8.11 -33.46 34.91
CA VAL B 137 6.76 -33.77 34.39
C VAL B 137 5.93 -32.67 33.69
N VAL B 138 5.87 -32.78 32.37
CA VAL B 138 5.10 -31.85 31.52
C VAL B 138 4.18 -32.61 30.57
N LYS B 139 2.94 -32.17 30.57
CA LYS B 139 1.88 -32.70 29.75
C LYS B 139 1.10 -31.45 29.38
N GLY B 140 0.71 -31.35 28.11
CA GLY B 140 -0.05 -30.20 27.68
C GLY B 140 -0.96 -30.68 26.56
N LYS B 141 -1.88 -29.81 26.13
CA LYS B 141 -2.84 -30.10 25.06
C LYS B 141 -2.23 -30.26 23.68
N HIS B 142 -1.72 -29.16 23.10
CA HIS B 142 -1.11 -29.25 21.78
C HIS B 142 0.39 -29.47 21.96
N ILE B 143 0.93 -30.47 21.28
CA ILE B 143 2.36 -30.75 21.38
C ILE B 143 3.10 -30.68 20.04
N ILE B 144 4.11 -29.81 19.97
CA ILE B 144 4.90 -29.66 18.77
C ILE B 144 6.19 -30.43 18.91
N ILE B 145 6.36 -31.47 18.08
CA ILE B 145 7.59 -32.24 18.05
C ILE B 145 8.54 -31.30 17.27
N ALA B 146 9.78 -31.18 17.74
CA ALA B 146 10.74 -30.30 17.12
C ALA B 146 12.12 -30.84 17.34
N THR B 147 12.19 -32.15 17.52
CA THR B 147 13.47 -32.84 17.68
C THR B 147 14.12 -32.38 16.39
N GLY B 148 15.39 -32.62 16.17
CA GLY B 148 15.94 -32.07 14.93
C GLY B 148 16.29 -33.01 13.81
N SER B 149 17.60 -33.15 13.63
CA SER B 149 18.20 -34.02 12.64
C SER B 149 19.57 -34.38 13.16
N ASP B 150 20.28 -35.24 12.44
CA ASP B 150 21.62 -35.64 12.86
C ASP B 150 22.45 -36.25 11.74
N VAL B 151 23.73 -36.45 12.00
CA VAL B 151 24.67 -36.99 11.00
C VAL B 151 24.11 -38.18 10.27
N LYS B 152 24.82 -38.74 9.28
CA LYS B 152 24.34 -39.93 8.53
C LYS B 152 25.42 -41.01 8.38
N SER B 153 25.01 -42.27 8.22
CA SER B 153 25.98 -43.37 8.07
C SER B 153 26.89 -43.37 6.82
N LEU B 154 27.12 -44.58 6.29
CA LEU B 154 27.93 -44.88 5.10
C LEU B 154 28.75 -46.15 5.35
N PRO B 155 29.23 -46.78 4.27
CA PRO B 155 30.04 -47.99 4.46
C PRO B 155 31.54 -47.66 4.66
N GLY B 156 31.85 -46.87 5.70
CA GLY B 156 33.22 -46.46 6.00
C GLY B 156 33.19 -45.36 7.06
N VAL B 157 32.14 -45.44 7.88
CA VAL B 157 31.87 -44.51 8.96
C VAL B 157 32.56 -44.90 10.25
N THR B 158 32.81 -43.91 11.10
CA THR B 158 33.50 -44.09 12.37
C THR B 158 33.17 -42.89 13.22
N ILE B 159 31.89 -42.68 13.50
CA ILE B 159 31.42 -41.55 14.32
C ILE B 159 32.19 -41.43 15.66
N ASP B 160 33.51 -41.19 15.59
CA ASP B 160 34.40 -41.08 16.78
C ASP B 160 35.33 -39.84 16.88
N GLU B 161 34.96 -38.93 17.76
CA GLU B 161 35.71 -37.71 17.97
C GLU B 161 36.73 -37.32 16.87
N LYS B 162 38.03 -37.53 17.15
CA LYS B 162 39.13 -37.09 16.29
C LYS B 162 39.75 -37.77 15.09
N LYS B 163 39.59 -39.09 14.94
CA LYS B 163 40.18 -39.80 13.79
C LYS B 163 39.49 -39.47 12.44
N ILE B 164 38.16 -39.62 12.43
CA ILE B 164 37.29 -39.36 11.29
C ILE B 164 36.14 -38.50 11.82
N VAL B 165 35.94 -37.33 11.23
CA VAL B 165 34.91 -36.46 11.76
C VAL B 165 33.59 -36.29 11.08
N SER B 166 32.74 -35.60 11.82
CA SER B 166 31.39 -35.27 11.42
C SER B 166 31.41 -33.77 11.22
N SER B 167 30.23 -33.17 11.23
CA SER B 167 30.10 -31.75 11.16
C SER B 167 30.85 -31.30 12.41
N THR B 168 30.36 -31.70 13.57
CA THR B 168 30.99 -31.27 14.83
C THR B 168 32.51 -31.40 15.03
N GLY B 169 33.01 -32.59 14.78
CA GLY B 169 34.42 -32.83 14.93
C GLY B 169 35.19 -31.80 14.16
N ALA B 170 34.87 -31.67 12.89
CA ALA B 170 35.52 -30.74 11.99
C ALA B 170 35.56 -29.34 12.55
N LEU B 171 34.52 -28.93 13.26
CA LEU B 171 34.47 -27.56 13.75
C LEU B 171 35.26 -27.34 15.01
N ALA B 172 35.88 -28.41 15.49
CA ALA B 172 36.60 -28.33 16.72
C ALA B 172 37.82 -29.17 16.72
N LEU B 173 38.52 -29.26 15.60
CA LEU B 173 39.74 -30.05 15.63
C LEU B 173 40.63 -29.24 16.57
N SER B 174 41.84 -29.72 16.81
CA SER B 174 42.76 -29.01 17.68
C SER B 174 44.11 -29.14 17.03
N GLU B 175 44.11 -29.07 15.71
CA GLU B 175 45.36 -29.22 14.98
C GLU B 175 45.04 -29.13 13.49
N ILE B 176 45.50 -28.07 12.85
CA ILE B 176 45.32 -27.91 11.41
C ILE B 176 45.98 -29.15 10.75
N PRO B 177 45.17 -30.06 10.14
CA PRO B 177 45.67 -31.27 9.48
C PRO B 177 46.41 -30.99 8.22
N LYS B 178 47.49 -31.71 7.95
CA LYS B 178 48.23 -31.43 6.73
C LYS B 178 47.39 -31.74 5.50
N LYS B 179 46.93 -32.98 5.40
CA LYS B 179 46.09 -33.38 4.29
C LYS B 179 44.73 -33.70 4.88
N LEU B 180 43.68 -33.17 4.27
CA LEU B 180 42.34 -33.43 4.74
C LEU B 180 41.56 -33.79 3.50
N VAL B 181 40.53 -34.60 3.72
CA VAL B 181 39.64 -35.10 2.70
C VAL B 181 38.24 -34.94 3.27
N VAL B 182 37.33 -34.41 2.47
CA VAL B 182 35.93 -34.25 2.85
C VAL B 182 35.18 -35.18 1.90
N ILE B 183 34.45 -36.14 2.46
CA ILE B 183 33.72 -37.11 1.64
C ILE B 183 32.46 -36.52 1.05
N GLY B 184 31.51 -36.14 1.88
CA GLY B 184 30.34 -35.54 1.30
C GLY B 184 30.86 -34.37 0.49
N ALA B 185 30.10 -33.87 -0.49
CA ALA B 185 30.53 -32.73 -1.32
C ALA B 185 29.43 -31.71 -1.60
N GLY B 186 28.79 -31.27 -0.54
CA GLY B 186 27.73 -30.32 -0.69
C GLY B 186 27.93 -29.05 0.13
N TYR B 187 26.85 -28.58 0.73
N TYR B 187 26.84 -28.59 0.73
CA TYR B 187 26.84 -27.39 1.56
CA TYR B 187 26.85 -27.38 1.55
C TYR B 187 27.99 -27.46 2.54
C TYR B 187 27.99 -27.46 2.54
N ILE B 188 27.68 -28.07 3.69
CA ILE B 188 28.61 -28.26 4.81
C ILE B 188 29.99 -28.69 4.44
N GLY B 189 30.06 -29.65 3.56
CA GLY B 189 31.35 -30.10 3.15
C GLY B 189 32.25 -29.03 2.55
N LEU B 190 31.77 -28.35 1.53
CA LEU B 190 32.57 -27.34 0.88
C LEU B 190 33.00 -26.32 1.91
N GLU B 191 32.12 -26.04 2.88
CA GLU B 191 32.41 -25.07 3.94
C GLU B 191 33.59 -25.45 4.82
N MET B 192 33.59 -26.66 5.38
CA MET B 192 34.68 -27.04 6.22
C MET B 192 35.93 -27.09 5.38
N GLY B 193 35.83 -27.69 4.20
CA GLY B 193 36.98 -27.79 3.31
C GLY B 193 37.59 -26.44 3.02
N SER B 194 36.74 -25.41 3.04
CA SER B 194 37.17 -24.05 2.81
C SER B 194 37.79 -23.52 4.08
N VAL B 195 37.10 -23.65 5.21
CA VAL B 195 37.65 -23.15 6.45
C VAL B 195 39.11 -23.59 6.67
N TRP B 196 39.32 -24.91 6.80
CA TRP B 196 40.66 -25.47 7.02
C TRP B 196 41.65 -25.32 5.86
N GLY B 197 41.15 -25.30 4.64
CA GLY B 197 42.02 -25.13 3.49
C GLY B 197 42.69 -23.77 3.52
N ARG B 198 41.97 -22.77 3.99
CA ARG B 198 42.50 -21.45 4.08
C ARG B 198 43.58 -21.55 5.10
N ILE B 199 43.19 -21.87 6.31
CA ILE B 199 44.10 -22.04 7.42
C ILE B 199 45.43 -22.76 7.17
N GLY B 200 45.53 -23.65 6.19
CA GLY B 200 46.80 -24.32 5.94
C GLY B 200 46.77 -25.78 5.47
N SER B 201 45.61 -26.42 5.66
CA SER B 201 45.39 -27.81 5.25
C SER B 201 45.36 -27.95 3.76
N GLU B 202 45.63 -29.14 3.29
CA GLU B 202 45.54 -29.38 1.87
C GLU B 202 44.29 -30.25 1.73
N VAL B 203 43.22 -29.72 1.17
CA VAL B 203 42.04 -30.55 1.10
C VAL B 203 41.75 -31.16 -0.26
N THR B 204 40.85 -32.15 -0.24
CA THR B 204 40.32 -32.84 -1.43
C THR B 204 38.96 -33.37 -1.04
N VAL B 205 37.95 -33.05 -1.84
CA VAL B 205 36.58 -33.49 -1.61
C VAL B 205 36.29 -34.66 -2.52
N VAL B 206 35.70 -35.72 -1.93
CA VAL B 206 35.33 -36.94 -2.65
C VAL B 206 33.81 -37.14 -2.66
N GLU B 207 33.19 -36.91 -3.80
CA GLU B 207 31.76 -37.09 -3.91
C GLU B 207 31.39 -38.26 -4.81
N PHE B 208 30.28 -38.91 -4.48
CA PHE B 208 29.78 -40.06 -5.23
C PHE B 208 29.01 -39.53 -6.42
N ALA B 209 28.46 -38.33 -6.25
CA ALA B 209 27.66 -37.71 -7.27
C ALA B 209 28.43 -37.14 -8.46
N SER B 210 27.74 -37.05 -9.59
CA SER B 210 28.31 -36.55 -10.84
C SER B 210 28.93 -35.14 -10.69
N GLU B 211 28.25 -34.28 -9.93
CA GLU B 211 28.67 -32.89 -9.71
C GLU B 211 28.54 -32.49 -8.24
N ILE B 212 29.22 -31.42 -7.83
CA ILE B 212 29.17 -30.93 -6.45
C ILE B 212 27.94 -30.08 -6.29
N VAL B 213 27.25 -30.21 -5.18
CA VAL B 213 26.05 -29.42 -4.94
C VAL B 213 25.02 -29.53 -6.07
N PRO B 214 24.20 -30.59 -6.04
CA PRO B 214 23.16 -30.87 -7.03
C PRO B 214 22.01 -29.87 -7.18
N THR B 215 21.58 -29.31 -6.06
CA THR B 215 20.49 -28.37 -6.07
C THR B 215 20.90 -27.00 -6.60
N MET B 216 22.17 -26.86 -6.94
CA MET B 216 22.67 -25.58 -7.45
C MET B 216 22.51 -25.42 -8.98
N ASP B 217 22.10 -24.23 -9.40
CA ASP B 217 21.92 -23.95 -10.82
C ASP B 217 23.17 -24.21 -11.67
N ALA B 218 23.11 -25.19 -12.56
CA ALA B 218 24.23 -25.55 -13.44
C ALA B 218 25.25 -24.50 -13.73
N GLU B 219 24.84 -23.50 -14.50
CA GLU B 219 25.75 -22.43 -14.91
C GLU B 219 26.54 -21.95 -13.72
N ILE B 220 25.84 -21.58 -12.65
CA ILE B 220 26.49 -21.09 -11.43
C ILE B 220 27.39 -22.13 -10.78
N ARG B 221 26.92 -23.36 -10.76
CA ARG B 221 27.72 -24.44 -10.21
C ARG B 221 29.03 -24.50 -11.00
N LYS B 222 28.93 -24.47 -12.32
CA LYS B 222 30.11 -24.54 -13.18
C LYS B 222 31.23 -23.62 -12.70
N GLN B 223 30.90 -22.35 -12.60
CA GLN B 223 31.86 -21.37 -12.18
C GLN B 223 32.22 -21.48 -10.69
N PHE B 224 31.24 -21.78 -9.85
CA PHE B 224 31.48 -21.89 -8.44
C PHE B 224 32.60 -22.89 -8.18
N GLN B 225 32.48 -24.06 -8.81
CA GLN B 225 33.47 -25.11 -8.65
C GLN B 225 34.83 -24.63 -9.05
N ARG B 226 34.87 -24.03 -10.24
CA ARG B 226 36.10 -23.53 -10.83
C ARG B 226 36.71 -22.59 -9.79
N SER B 227 35.87 -21.86 -9.08
CA SER B 227 36.40 -20.97 -8.10
C SER B 227 37.01 -21.79 -6.97
N LEU B 228 36.23 -22.64 -6.32
CA LEU B 228 36.75 -23.45 -5.22
C LEU B 228 38.00 -24.16 -5.62
N GLU B 229 38.13 -24.37 -6.91
CA GLU B 229 39.22 -25.11 -7.48
C GLU B 229 40.57 -24.42 -7.42
N LYS B 230 40.58 -23.09 -7.54
CA LYS B 230 41.79 -22.28 -7.54
C LYS B 230 42.22 -21.95 -6.12
N GLN B 231 41.26 -22.01 -5.21
CA GLN B 231 41.55 -21.77 -3.81
C GLN B 231 42.30 -22.98 -3.17
N GLY B 232 42.50 -24.06 -3.96
CA GLY B 232 43.23 -25.22 -3.46
C GLY B 232 42.59 -26.60 -3.32
N MET B 233 41.27 -26.71 -3.40
CA MET B 233 40.63 -28.02 -3.26
C MET B 233 40.76 -28.87 -4.51
N LYS B 234 40.80 -30.19 -4.35
CA LYS B 234 40.82 -31.10 -5.49
C LYS B 234 39.62 -32.00 -5.31
N PHE B 235 38.61 -31.88 -6.17
CA PHE B 235 37.44 -32.71 -6.03
C PHE B 235 37.67 -34.05 -6.76
N LYS B 236 36.98 -35.08 -6.28
CA LYS B 236 37.02 -36.45 -6.82
C LYS B 236 35.57 -36.82 -6.97
N LEU B 237 35.12 -37.09 -8.20
CA LEU B 237 33.72 -37.43 -8.44
C LEU B 237 33.58 -38.79 -9.12
N LYS B 238 32.36 -39.34 -9.11
CA LYS B 238 32.09 -40.66 -9.70
C LYS B 238 32.67 -41.80 -8.83
N THR B 239 33.29 -41.46 -7.68
CA THR B 239 33.92 -42.45 -6.79
C THR B 239 33.46 -42.46 -5.30
N LYS B 240 33.82 -43.54 -4.59
CA LYS B 240 33.48 -43.75 -3.17
C LYS B 240 34.50 -44.65 -2.44
N VAL B 241 34.46 -44.63 -1.10
CA VAL B 241 35.37 -45.40 -0.26
C VAL B 241 34.74 -46.69 0.29
N VAL B 242 35.35 -47.83 -0.02
CA VAL B 242 34.88 -49.14 0.45
C VAL B 242 35.77 -49.65 1.59
N GLY B 243 37.05 -49.30 1.54
CA GLY B 243 37.96 -49.70 2.58
C GLY B 243 38.46 -48.46 3.29
N VAL B 244 38.57 -48.52 4.60
CA VAL B 244 39.05 -47.38 5.38
C VAL B 244 40.20 -47.92 6.20
N ASP B 245 40.63 -47.19 7.24
CA ASP B 245 41.71 -47.70 8.06
C ASP B 245 42.18 -46.91 9.26
N THR B 246 41.54 -47.14 10.41
CA THR B 246 41.87 -46.47 11.65
C THR B 246 43.19 -46.99 12.25
N SER B 247 43.96 -47.71 11.44
CA SER B 247 45.25 -48.26 11.85
C SER B 247 46.31 -47.16 12.15
N GLY B 248 46.32 -46.74 13.41
CA GLY B 248 47.27 -45.74 13.86
C GLY B 248 47.18 -44.32 13.33
N ASP B 249 48.25 -43.92 12.65
CA ASP B 249 48.39 -42.57 12.09
C ASP B 249 47.60 -42.25 10.82
N GLY B 250 46.36 -41.80 10.99
CA GLY B 250 45.52 -41.43 9.86
C GLY B 250 44.75 -42.55 9.17
N VAL B 251 43.88 -42.19 8.23
CA VAL B 251 43.09 -43.15 7.49
C VAL B 251 43.78 -43.61 6.19
N LYS B 252 43.38 -44.77 5.63
CA LYS B 252 43.96 -45.26 4.38
C LYS B 252 42.90 -45.52 3.29
N LEU B 253 42.00 -44.55 3.11
CA LEU B 253 40.92 -44.59 2.14
C LEU B 253 41.22 -45.36 0.87
N THR B 254 40.27 -46.22 0.48
CA THR B 254 40.34 -47.03 -0.73
C THR B 254 39.26 -46.49 -1.67
N VAL B 255 39.68 -45.66 -2.64
CA VAL B 255 38.75 -45.06 -3.59
C VAL B 255 38.31 -45.94 -4.78
N GLU B 256 37.02 -46.30 -4.73
CA GLU B 256 36.37 -47.09 -5.76
C GLU B 256 35.26 -46.20 -6.31
N PRO B 257 35.12 -46.14 -7.64
CA PRO B 257 34.08 -45.30 -8.24
C PRO B 257 32.66 -45.86 -8.22
N SER B 258 31.89 -45.57 -9.27
CA SER B 258 30.50 -46.00 -9.41
C SER B 258 30.30 -47.51 -9.54
N ALA B 259 31.16 -48.09 -10.37
CA ALA B 259 31.19 -49.52 -10.66
C ALA B 259 32.22 -49.73 -11.79
N GLY B 260 33.21 -48.84 -11.82
CA GLY B 260 34.31 -48.93 -12.76
C GLY B 260 35.34 -49.54 -11.83
N GLY B 261 34.79 -49.99 -10.70
CA GLY B 261 35.49 -50.61 -9.61
C GLY B 261 36.95 -50.86 -9.83
N GLU B 262 37.72 -50.63 -8.78
CA GLU B 262 39.16 -50.82 -8.84
C GLU B 262 39.68 -50.50 -7.45
N GLN B 263 40.98 -50.32 -7.33
CA GLN B 263 41.55 -50.00 -6.04
C GLN B 263 42.58 -48.89 -6.14
N THR B 264 42.37 -47.82 -5.40
CA THR B 264 43.30 -46.69 -5.30
C THR B 264 43.21 -46.21 -3.84
N ILE B 265 44.16 -45.40 -3.39
CA ILE B 265 44.15 -45.01 -2.00
C ILE B 265 44.34 -43.54 -1.70
N ILE B 266 43.56 -43.08 -0.75
CA ILE B 266 43.65 -41.69 -0.32
C ILE B 266 44.25 -41.72 1.06
N GLU B 267 45.50 -41.28 1.17
CA GLU B 267 46.20 -41.23 2.45
C GLU B 267 45.78 -39.90 3.06
N ALA B 268 45.48 -39.86 4.36
CA ALA B 268 45.05 -38.60 5.02
C ALA B 268 45.50 -38.41 6.47
N ASP B 269 45.30 -37.18 6.99
CA ASP B 269 45.66 -36.78 8.35
C ASP B 269 44.36 -36.51 9.14
N VAL B 270 43.21 -36.75 8.50
CA VAL B 270 41.83 -36.59 9.05
C VAL B 270 40.84 -36.61 7.87
N VAL B 271 39.64 -37.16 8.07
CA VAL B 271 38.68 -37.23 6.99
C VAL B 271 37.39 -36.63 7.44
N LEU B 272 36.83 -35.71 6.66
CA LEU B 272 35.55 -35.11 7.05
C LEU B 272 34.47 -35.83 6.31
N VAL B 273 33.52 -36.40 7.04
CA VAL B 273 32.43 -37.08 6.36
C VAL B 273 31.17 -36.23 6.39
N SER B 274 30.92 -35.64 5.24
CA SER B 274 29.78 -34.78 5.02
C SER B 274 28.74 -35.48 4.17
N ALA B 275 28.34 -36.68 4.56
CA ALA B 275 27.28 -37.35 3.83
C ALA B 275 26.11 -36.47 4.24
N GLY B 276 24.89 -36.91 4.03
CA GLY B 276 23.77 -36.04 4.39
C GLY B 276 23.44 -35.95 5.87
N ARG B 277 22.21 -35.50 6.18
CA ARG B 277 21.74 -35.41 7.56
C ARG B 277 20.36 -36.03 7.65
N THR B 278 20.14 -36.85 8.68
CA THR B 278 18.83 -37.47 8.85
C THR B 278 17.99 -36.85 9.95
N PRO B 279 16.66 -36.88 9.79
CA PRO B 279 15.81 -36.31 10.83
C PRO B 279 16.20 -37.05 12.11
N PHE B 280 15.91 -36.49 13.27
CA PHE B 280 16.28 -37.20 14.48
C PHE B 280 15.05 -37.37 15.37
N THR B 281 14.39 -38.53 15.22
CA THR B 281 13.15 -38.86 15.95
C THR B 281 13.29 -39.92 17.04
N SER B 282 14.52 -40.20 17.42
CA SER B 282 14.77 -41.21 18.43
C SER B 282 14.14 -40.93 19.75
N GLY B 283 14.96 -40.45 20.68
CA GLY B 283 14.50 -40.14 22.03
C GLY B 283 13.00 -40.19 22.29
N LEU B 284 12.29 -39.18 21.81
CA LEU B 284 10.84 -39.10 21.93
C LEU B 284 10.28 -40.53 21.71
N ASN B 285 9.00 -40.74 21.99
CA ASN B 285 8.48 -42.07 21.75
C ASN B 285 7.37 -42.06 20.73
N LEU B 286 7.67 -42.65 19.58
CA LEU B 286 6.72 -42.76 18.50
C LEU B 286 6.29 -44.20 18.44
N ASP B 287 7.26 -45.09 18.64
CA ASP B 287 6.97 -46.51 18.63
C ASP B 287 5.69 -46.68 19.46
N LYS B 288 5.43 -45.72 20.35
CA LYS B 288 4.21 -45.75 21.15
C LYS B 288 3.07 -45.27 20.25
N ILE B 289 2.55 -44.07 20.49
CA ILE B 289 1.45 -43.53 19.67
C ILE B 289 1.85 -43.53 18.18
N GLY B 290 1.44 -44.59 17.49
CA GLY B 290 1.74 -44.80 16.08
C GLY B 290 1.71 -43.66 15.08
N VAL B 291 2.71 -42.80 15.16
CA VAL B 291 2.80 -41.66 14.25
C VAL B 291 3.48 -42.05 12.93
N GLU B 292 3.21 -41.24 11.90
CA GLU B 292 3.76 -41.45 10.56
C GLU B 292 5.24 -41.15 10.49
N THR B 293 6.02 -42.20 10.22
CA THR B 293 7.51 -42.17 10.10
C THR B 293 7.85 -42.84 8.75
N ASP B 294 6.98 -42.67 7.76
CA ASP B 294 7.13 -43.31 6.44
C ASP B 294 8.14 -42.95 5.36
N LYS B 295 8.96 -41.93 5.54
CA LYS B 295 9.91 -41.71 4.46
C LYS B 295 11.30 -42.09 4.90
N LEU B 296 12.30 -41.44 4.32
CA LEU B 296 13.67 -41.74 4.66
C LEU B 296 13.93 -41.45 6.13
N GLY B 297 12.85 -41.48 6.89
CA GLY B 297 12.89 -41.24 8.31
C GLY B 297 12.11 -40.05 8.83
N ARG B 298 11.49 -39.31 7.93
CA ARG B 298 10.75 -38.10 8.30
C ARG B 298 9.37 -38.31 8.92
N ILE B 299 8.96 -37.34 9.73
CA ILE B 299 7.68 -37.33 10.41
C ILE B 299 6.65 -36.64 9.55
N LEU B 300 5.91 -37.45 8.77
CA LEU B 300 4.82 -37.07 7.82
C LEU B 300 3.80 -36.05 8.32
N VAL B 301 3.46 -35.00 7.55
CA VAL B 301 2.52 -33.99 8.06
C VAL B 301 1.54 -33.29 7.07
N ASN B 302 0.58 -32.53 7.62
CA ASN B 302 -0.42 -31.83 6.81
C ASN B 302 -0.32 -30.31 6.81
N GLU B 303 -1.26 -29.70 6.10
CA GLU B 303 -1.33 -28.24 5.99
C GLU B 303 -1.09 -27.49 7.28
N ARG B 304 -1.84 -27.86 8.31
CA ARG B 304 -1.71 -27.16 9.58
C ARG B 304 -0.56 -27.66 10.44
N PHE B 305 0.23 -28.57 9.87
CA PHE B 305 1.40 -29.20 10.51
C PHE B 305 1.02 -30.22 11.54
N SER B 306 -0.11 -30.90 11.34
CA SER B 306 -0.57 -31.92 12.27
C SER B 306 -0.21 -33.30 11.72
N THR B 307 0.22 -34.19 12.60
CA THR B 307 0.62 -35.54 12.22
C THR B 307 -0.58 -36.45 12.03
N ASN B 308 -0.27 -37.72 11.78
CA ASN B 308 -1.31 -38.72 11.65
C ASN B 308 -1.59 -38.98 13.12
N VAL B 309 -2.16 -37.98 13.79
CA VAL B 309 -2.50 -38.03 15.23
C VAL B 309 -3.04 -36.67 15.73
N SER B 310 -3.98 -36.69 16.69
CA SER B 310 -4.51 -35.44 17.24
C SER B 310 -3.55 -34.84 18.27
N GLY B 311 -3.89 -33.63 18.77
CA GLY B 311 -3.07 -32.92 19.76
C GLY B 311 -1.56 -32.75 19.47
N VAL B 312 -1.06 -33.53 18.51
CA VAL B 312 0.36 -33.56 18.12
C VAL B 312 0.70 -32.76 16.86
N TYR B 313 1.90 -32.20 16.85
CA TYR B 313 2.42 -31.42 15.73
C TYR B 313 3.91 -31.74 15.48
N ALA B 314 4.43 -31.31 14.33
CA ALA B 314 5.83 -31.54 13.95
C ALA B 314 6.30 -30.40 13.06
N ILE B 315 7.55 -30.01 13.17
CA ILE B 315 8.10 -28.92 12.39
C ILE B 315 9.62 -28.96 12.38
N GLY B 316 10.24 -28.33 11.38
CA GLY B 316 11.68 -28.32 11.36
C GLY B 316 12.31 -29.43 10.56
N ASP B 317 13.53 -29.76 10.92
CA ASP B 317 14.27 -30.80 10.22
C ASP B 317 13.71 -32.21 10.35
N VAL B 318 12.62 -32.36 11.10
CA VAL B 318 12.01 -33.67 11.29
C VAL B 318 10.94 -33.94 10.28
N ILE B 319 10.50 -32.90 9.58
CA ILE B 319 9.47 -33.07 8.57
C ILE B 319 10.01 -32.86 7.16
N PRO B 320 9.19 -33.22 6.16
CA PRO B 320 9.60 -33.05 4.77
C PRO B 320 9.88 -31.61 4.47
N GLY B 321 10.81 -31.38 3.55
CA GLY B 321 11.18 -30.03 3.16
C GLY B 321 12.66 -29.85 3.25
N PRO B 322 13.19 -28.68 2.89
CA PRO B 322 14.61 -28.36 2.93
C PRO B 322 15.11 -28.24 4.37
N MET B 323 16.34 -28.72 4.62
CA MET B 323 16.92 -28.67 5.97
C MET B 323 17.83 -27.45 6.27
N LEU B 324 17.16 -26.34 6.56
CA LEU B 324 17.76 -25.07 6.86
C LEU B 324 17.11 -24.39 8.07
N ALA B 325 17.86 -23.57 8.75
CA ALA B 325 17.33 -22.91 9.91
C ALA B 325 16.06 -22.12 9.60
N HIS B 326 16.09 -21.20 8.65
CA HIS B 326 14.91 -20.37 8.40
C HIS B 326 13.68 -21.12 7.85
N LYS B 327 13.89 -22.29 7.23
CA LYS B 327 12.80 -23.13 6.77
C LYS B 327 12.13 -23.53 8.12
N ALA B 328 12.93 -24.17 8.98
CA ALA B 328 12.52 -24.53 10.32
C ALA B 328 11.87 -23.28 10.89
N GLU B 329 12.63 -22.25 11.26
CA GLU B 329 11.99 -21.07 11.81
C GLU B 329 10.63 -20.88 11.18
N GLU B 330 10.54 -20.95 9.86
CA GLU B 330 9.25 -20.73 9.15
C GLU B 330 8.06 -21.62 9.55
N ASP B 331 8.32 -22.91 9.74
CA ASP B 331 7.33 -23.90 10.15
C ASP B 331 6.77 -23.66 11.53
N GLY B 332 7.69 -23.54 12.47
CA GLY B 332 7.30 -23.31 13.85
C GLY B 332 6.32 -22.18 13.88
N VAL B 333 6.62 -21.06 13.24
CA VAL B 333 5.68 -19.95 13.31
C VAL B 333 4.37 -20.19 12.59
N ALA B 334 4.43 -20.75 11.41
CA ALA B 334 3.20 -21.00 10.71
C ALA B 334 2.35 -21.92 11.60
N CYS B 335 2.99 -22.93 12.20
CA CYS B 335 2.30 -23.90 13.08
C CYS B 335 1.51 -23.24 14.23
N VAL B 336 2.22 -22.50 15.05
CA VAL B 336 1.64 -21.75 16.14
C VAL B 336 0.55 -20.79 15.65
N GLU B 337 0.82 -19.96 14.65
CA GLU B 337 -0.21 -19.04 14.21
C GLU B 337 -1.55 -19.76 13.94
N TYR B 338 -1.45 -20.96 13.36
CA TYR B 338 -2.62 -21.77 13.09
C TYR B 338 -3.29 -22.05 14.43
N LEU B 339 -2.58 -22.75 15.32
CA LEU B 339 -3.13 -23.05 16.65
C LEU B 339 -3.82 -21.81 17.24
N ALA B 340 -3.25 -20.65 17.00
CA ALA B 340 -3.82 -19.46 17.56
C ALA B 340 -5.05 -19.01 16.80
N GLY B 341 -5.42 -19.77 15.78
CA GLY B 341 -6.59 -19.42 14.99
C GLY B 341 -6.38 -18.36 13.91
N LYS B 342 -5.11 -18.07 13.58
CA LYS B 342 -4.81 -17.11 12.53
C LYS B 342 -4.41 -17.97 11.32
N VAL B 343 -4.05 -17.33 10.22
CA VAL B 343 -3.64 -18.13 9.07
C VAL B 343 -2.11 -18.20 9.04
N GLY B 344 -1.57 -19.40 9.01
CA GLY B 344 -0.13 -19.54 8.99
C GLY B 344 0.24 -19.89 7.60
N HIS B 345 1.27 -19.27 7.02
CA HIS B 345 1.62 -19.58 5.61
C HIS B 345 3.10 -19.88 5.42
N VAL B 346 3.36 -21.01 4.78
CA VAL B 346 4.72 -21.48 4.48
C VAL B 346 4.94 -21.57 2.98
N ASP B 347 6.21 -21.46 2.56
CA ASP B 347 6.56 -21.64 1.15
C ASP B 347 7.97 -22.10 0.91
N TYR B 348 8.15 -23.40 0.85
CA TYR B 348 9.48 -23.94 0.65
C TYR B 348 10.04 -23.63 -0.75
N ASP B 349 9.21 -23.10 -1.63
CA ASP B 349 9.73 -22.80 -2.94
C ASP B 349 10.45 -21.42 -2.92
N LYS B 350 10.20 -20.65 -1.87
CA LYS B 350 10.82 -19.33 -1.72
C LYS B 350 11.83 -19.23 -0.56
N VAL B 351 12.17 -20.38 -0.02
CA VAL B 351 13.15 -20.40 1.04
C VAL B 351 14.52 -20.46 0.38
N PRO B 352 15.24 -19.36 0.48
CA PRO B 352 16.58 -19.08 -0.03
C PRO B 352 17.68 -20.06 0.30
N GLY B 353 18.66 -20.16 -0.58
CA GLY B 353 19.75 -21.07 -0.32
C GLY B 353 21.05 -20.30 -0.40
N VAL B 354 21.92 -20.47 0.62
CA VAL B 354 23.20 -19.78 0.67
C VAL B 354 24.37 -20.64 1.16
N VAL B 355 25.39 -20.74 0.34
CA VAL B 355 26.57 -21.47 0.70
C VAL B 355 27.60 -20.37 0.99
N TYR B 356 27.99 -20.29 2.26
CA TYR B 356 28.92 -19.30 2.73
C TYR B 356 30.40 -19.47 2.41
N THR B 357 30.72 -20.16 1.32
CA THR B 357 32.11 -20.32 0.89
C THR B 357 32.73 -18.95 0.49
N ASN B 358 33.99 -18.94 0.00
CA ASN B 358 34.52 -17.64 -0.36
C ASN B 358 33.50 -16.98 -1.23
N PRO B 359 33.36 -17.40 -2.52
CA PRO B 359 32.29 -16.63 -3.15
C PRO B 359 31.10 -17.32 -2.52
N GLU B 360 30.14 -16.59 -1.98
CA GLU B 360 29.02 -17.30 -1.43
C GLU B 360 28.22 -17.58 -2.70
N VAL B 361 27.14 -18.32 -2.57
CA VAL B 361 26.31 -18.55 -3.72
C VAL B 361 24.93 -18.61 -3.14
N ALA B 362 24.14 -17.58 -3.42
CA ALA B 362 22.78 -17.52 -2.92
C ALA B 362 21.84 -17.61 -4.07
N SER B 363 20.81 -18.42 -3.91
CA SER B 363 19.80 -18.60 -4.95
C SER B 363 18.40 -18.56 -4.33
N VAL B 364 17.42 -18.08 -5.06
CA VAL B 364 16.04 -18.07 -4.59
C VAL B 364 15.17 -18.26 -5.79
N GLY B 365 14.08 -19.00 -5.64
CA GLY B 365 13.22 -19.30 -6.77
C GLY B 365 13.81 -20.52 -7.50
N LYS B 366 13.39 -20.78 -8.73
CA LYS B 366 13.87 -21.95 -9.46
C LYS B 366 15.16 -21.77 -10.23
N THR B 367 15.83 -22.90 -10.51
CA THR B 367 17.07 -22.94 -11.28
C THR B 367 16.72 -23.03 -12.74
N GLU B 368 17.66 -22.66 -13.62
CA GLU B 368 17.38 -22.74 -15.03
C GLU B 368 16.96 -24.20 -15.32
N GLU B 369 17.70 -25.20 -14.85
CA GLU B 369 17.28 -26.56 -15.19
C GLU B 369 15.86 -26.81 -14.81
N GLN B 370 15.43 -26.41 -13.62
CA GLN B 370 14.03 -26.59 -13.24
C GLN B 370 13.08 -25.88 -14.24
N VAL B 371 13.40 -24.60 -14.52
CA VAL B 371 12.62 -23.84 -15.45
C VAL B 371 12.65 -24.50 -16.81
N LYS B 372 13.70 -25.21 -17.15
CA LYS B 372 13.67 -25.89 -18.44
C LYS B 372 12.56 -26.95 -18.43
N GLU B 373 12.58 -27.80 -17.40
CA GLU B 373 11.59 -28.84 -17.24
C GLU B 373 10.12 -28.34 -17.42
N THR B 374 9.85 -27.08 -17.09
CA THR B 374 8.48 -26.57 -17.24
C THR B 374 8.13 -26.26 -18.64
N GLY B 375 9.15 -26.25 -19.52
CA GLY B 375 8.92 -25.95 -20.93
C GLY B 375 8.30 -24.60 -21.22
N VAL B 376 8.40 -23.69 -20.27
CA VAL B 376 7.83 -22.38 -20.47
C VAL B 376 8.88 -21.47 -21.07
N GLU B 377 8.49 -20.67 -22.06
CA GLU B 377 9.45 -19.76 -22.68
C GLU B 377 9.95 -18.73 -21.64
N TYR B 378 11.27 -18.62 -21.55
CA TYR B 378 11.86 -17.71 -20.60
C TYR B 378 13.06 -16.99 -21.17
N ARG B 379 13.51 -15.96 -20.43
CA ARG B 379 14.66 -15.15 -20.76
C ARG B 379 15.58 -15.16 -19.54
N VAL B 380 16.90 -15.04 -19.78
CA VAL B 380 17.90 -14.99 -18.71
C VAL B 380 18.68 -13.70 -18.70
N GLY B 381 18.83 -13.09 -17.54
CA GLY B 381 19.62 -11.87 -17.42
C GLY B 381 20.88 -12.12 -16.58
N LYS B 382 22.02 -11.57 -16.97
CA LYS B 382 23.22 -11.79 -16.20
C LYS B 382 24.04 -10.55 -16.21
N PHE B 383 24.94 -10.45 -15.28
CA PHE B 383 25.76 -9.29 -15.21
C PHE B 383 26.75 -9.68 -14.21
N PRO B 384 28.05 -9.61 -14.56
CA PRO B 384 29.22 -9.95 -13.75
C PRO B 384 29.62 -8.79 -12.88
N PHE B 385 30.26 -9.05 -11.75
CA PHE B 385 30.71 -7.96 -10.87
C PHE B 385 31.92 -7.21 -11.47
N MET B 386 32.65 -7.91 -12.36
CA MET B 386 33.81 -7.38 -13.05
C MET B 386 33.46 -6.05 -13.62
N ALA B 387 32.20 -5.79 -13.78
CA ALA B 387 31.79 -4.53 -14.34
C ALA B 387 31.05 -3.71 -13.33
N ASN B 388 31.08 -4.14 -12.07
CA ASN B 388 30.44 -3.36 -11.03
C ASN B 388 31.49 -2.35 -10.51
N SER B 389 31.16 -1.07 -10.53
CA SER B 389 32.09 -0.07 -10.04
C SER B 389 32.50 -0.32 -8.59
N ARG B 390 31.53 -0.49 -7.71
CA ARG B 390 31.90 -0.72 -6.34
C ARG B 390 32.94 -1.80 -6.40
N ALA B 391 32.48 -2.97 -6.82
CA ALA B 391 33.34 -4.11 -6.94
C ALA B 391 34.75 -3.79 -7.47
N LYS B 392 34.90 -3.20 -8.65
CA LYS B 392 36.27 -2.96 -9.12
C LYS B 392 37.06 -2.03 -8.22
N ALA B 393 36.42 -0.99 -7.70
CA ALA B 393 37.03 0.00 -6.83
C ALA B 393 37.73 -0.60 -5.59
N ILE B 394 37.32 -1.80 -5.28
CA ILE B 394 37.75 -2.52 -4.11
C ILE B 394 38.75 -3.61 -4.48
N ASP B 395 38.59 -4.18 -5.65
CA ASP B 395 39.42 -5.30 -6.11
C ASP B 395 38.95 -6.58 -5.40
N ASN B 396 37.67 -6.89 -5.56
CA ASN B 396 36.96 -8.03 -4.95
C ASN B 396 35.70 -8.16 -5.84
N ALA B 397 35.93 -8.50 -7.10
CA ALA B 397 34.85 -8.61 -8.07
C ALA B 397 34.50 -9.97 -8.69
N GLU B 398 34.83 -11.07 -8.02
CA GLU B 398 34.56 -12.43 -8.49
C GLU B 398 33.06 -12.65 -8.45
N GLY B 399 32.49 -13.35 -9.43
CA GLY B 399 31.07 -13.62 -9.33
C GLY B 399 30.09 -12.92 -10.24
N LEU B 400 28.82 -13.31 -10.18
CA LEU B 400 27.79 -12.72 -11.04
C LEU B 400 26.38 -12.84 -10.48
N VAL B 401 25.49 -12.07 -11.10
CA VAL B 401 24.07 -12.05 -10.75
C VAL B 401 23.34 -12.50 -12.01
N LYS B 402 22.38 -13.41 -11.81
CA LYS B 402 21.61 -14.05 -12.90
C LYS B 402 20.19 -14.23 -12.51
N ILE B 403 19.35 -13.61 -13.33
CA ILE B 403 17.93 -13.61 -13.14
C ILE B 403 17.27 -14.46 -14.20
N ILE B 404 16.17 -15.10 -13.82
CA ILE B 404 15.38 -15.95 -14.71
C ILE B 404 13.93 -15.53 -14.79
N ALA B 405 13.46 -15.11 -15.96
CA ALA B 405 12.08 -14.67 -16.08
C ALA B 405 11.22 -15.29 -17.18
N GLU B 406 9.91 -15.19 -17.02
CA GLU B 406 9.00 -15.74 -18.00
C GLU B 406 9.07 -14.83 -19.20
N LYS B 407 9.32 -15.41 -20.39
CA LYS B 407 9.43 -14.58 -21.60
C LYS B 407 8.20 -13.76 -21.86
N GLU B 408 7.04 -14.34 -21.58
CA GLU B 408 5.80 -13.65 -21.82
C GLU B 408 5.53 -12.51 -20.86
N THR B 409 5.43 -12.86 -19.58
CA THR B 409 5.12 -11.95 -18.48
C THR B 409 6.28 -11.14 -17.93
N ASP B 410 7.44 -11.78 -17.87
CA ASP B 410 8.64 -11.20 -17.31
C ASP B 410 8.67 -11.48 -15.82
N LYS B 411 7.76 -12.33 -15.34
CA LYS B 411 7.76 -12.63 -13.93
C LYS B 411 9.07 -13.30 -13.70
N ILE B 412 9.64 -13.10 -12.52
CA ILE B 412 10.92 -13.69 -12.17
C ILE B 412 10.66 -15.07 -11.66
N LEU B 413 11.47 -16.01 -12.11
CA LEU B 413 11.28 -17.36 -11.66
C LEU B 413 12.33 -17.72 -10.62
N GLY B 414 13.54 -17.18 -10.78
CA GLY B 414 14.64 -17.43 -9.88
C GLY B 414 15.77 -16.42 -10.04
N VAL B 415 16.58 -16.28 -8.98
CA VAL B 415 17.70 -15.34 -8.99
C VAL B 415 18.87 -16.10 -8.39
N HIS B 416 20.00 -16.11 -9.05
CA HIS B 416 21.11 -16.82 -8.45
C HIS B 416 22.24 -15.86 -8.40
N ILE B 417 22.98 -15.86 -7.31
CA ILE B 417 24.10 -14.93 -7.15
C ILE B 417 25.35 -15.56 -6.65
N MET B 418 26.42 -15.42 -7.40
CA MET B 418 27.67 -15.96 -6.91
C MET B 418 28.47 -14.74 -6.68
N ALA B 419 28.89 -14.59 -5.43
CA ALA B 419 29.64 -13.44 -5.02
C ALA B 419 29.91 -13.46 -3.53
N PRO B 420 30.80 -12.59 -3.08
CA PRO B 420 31.09 -12.54 -1.66
C PRO B 420 29.89 -11.74 -1.13
N ASN B 421 29.51 -11.93 0.10
CA ASN B 421 28.39 -11.15 0.58
C ASN B 421 27.15 -11.27 -0.28
N ALA B 422 27.09 -12.34 -1.05
CA ALA B 422 25.94 -12.67 -1.88
C ALA B 422 24.74 -13.07 -1.02
N GLY B 423 24.96 -13.48 0.22
CA GLY B 423 23.84 -13.86 1.05
C GLY B 423 23.02 -12.66 1.46
N GLU B 424 23.54 -11.45 1.27
CA GLU B 424 22.79 -10.27 1.65
C GLU B 424 22.08 -9.73 0.42
N LEU B 425 22.81 -9.77 -0.66
CA LEU B 425 22.35 -9.32 -1.95
C LEU B 425 21.06 -10.00 -2.40
N ILE B 426 20.99 -11.31 -2.20
CA ILE B 426 19.83 -12.09 -2.62
C ILE B 426 18.46 -11.66 -2.05
N HIS B 427 18.44 -10.98 -0.91
CA HIS B 427 17.17 -10.59 -0.38
C HIS B 427 16.41 -9.66 -1.26
N GLU B 428 17.15 -8.87 -2.04
CA GLU B 428 16.49 -7.91 -2.95
C GLU B 428 15.70 -8.69 -3.96
N ALA B 429 16.27 -9.82 -4.33
CA ALA B 429 15.61 -10.67 -5.25
C ALA B 429 14.53 -11.34 -4.44
N ALA B 430 14.97 -11.93 -3.34
CA ALA B 430 14.08 -12.69 -2.50
C ALA B 430 12.81 -12.03 -2.24
N ILE B 431 12.84 -10.74 -1.92
CA ILE B 431 11.58 -10.06 -1.64
C ILE B 431 10.66 -9.78 -2.87
N ALA B 432 11.28 -9.60 -4.03
CA ALA B 432 10.59 -9.33 -5.26
C ALA B 432 9.97 -10.65 -5.64
N LEU B 433 10.72 -11.74 -5.58
CA LEU B 433 10.11 -13.01 -5.95
C LEU B 433 8.96 -13.38 -5.07
N GLN B 434 8.93 -12.92 -3.81
CA GLN B 434 7.80 -13.22 -2.90
C GLN B 434 6.51 -12.59 -3.41
N TYR B 435 6.63 -11.48 -4.12
CA TYR B 435 5.45 -10.85 -4.61
C TYR B 435 5.29 -10.87 -6.12
N ASP B 436 5.62 -12.03 -6.68
CA ASP B 436 5.52 -12.29 -8.11
C ASP B 436 5.86 -11.06 -8.96
N ALA B 437 6.95 -10.36 -8.63
CA ALA B 437 7.32 -9.18 -9.40
C ALA B 437 8.19 -9.53 -10.63
N SER B 438 8.45 -8.48 -11.42
CA SER B 438 9.17 -8.59 -12.67
C SER B 438 10.49 -7.83 -12.78
N SER B 439 11.40 -8.34 -13.63
CA SER B 439 12.72 -7.79 -13.93
C SER B 439 12.59 -6.34 -13.98
N GLU B 440 11.66 -5.91 -14.78
CA GLU B 440 11.48 -4.49 -14.95
C GLU B 440 11.25 -3.79 -13.62
N ASP B 441 10.41 -4.41 -12.79
CA ASP B 441 10.05 -3.93 -11.45
C ASP B 441 11.24 -3.67 -10.57
N ILE B 442 12.11 -4.63 -10.49
CA ILE B 442 13.29 -4.47 -9.68
C ILE B 442 14.29 -3.54 -10.36
N ALA B 443 14.15 -3.36 -11.67
CA ALA B 443 15.03 -2.47 -12.41
C ALA B 443 14.60 -1.07 -12.31
N ARG B 444 13.31 -0.86 -12.10
CA ARG B 444 12.69 0.46 -11.96
C ARG B 444 13.14 1.08 -10.62
N VAL B 445 13.67 0.23 -9.73
CA VAL B 445 14.09 0.69 -8.42
C VAL B 445 15.37 1.48 -8.46
N CYS B 446 15.39 2.64 -7.83
CA CYS B 446 16.61 3.42 -7.86
C CYS B 446 17.66 2.86 -6.90
N HIS B 447 18.81 2.40 -7.42
CA HIS B 447 19.89 1.87 -6.53
C HIS B 447 21.03 2.79 -6.26
N ALA B 448 21.47 2.78 -5.02
CA ALA B 448 22.53 3.62 -4.57
C ALA B 448 23.82 3.24 -5.25
N HIS B 449 24.47 4.23 -5.81
CA HIS B 449 25.72 4.04 -6.48
C HIS B 449 26.79 4.59 -5.52
N PRO B 450 27.91 3.91 -5.35
CA PRO B 450 28.40 2.68 -5.93
C PRO B 450 28.18 1.57 -4.94
N THR B 451 27.38 0.57 -5.30
CA THR B 451 27.06 -0.56 -4.40
C THR B 451 27.06 -1.86 -5.14
N MET B 452 27.33 -2.96 -4.46
CA MET B 452 27.28 -4.27 -5.13
C MET B 452 25.82 -4.53 -5.60
N SER B 453 24.88 -3.80 -5.02
CA SER B 453 23.50 -3.99 -5.35
C SER B 453 23.19 -3.68 -6.80
N GLU B 454 23.95 -2.74 -7.37
CA GLU B 454 23.71 -2.32 -8.76
C GLU B 454 23.73 -3.48 -9.69
N ALA B 455 24.56 -4.47 -9.39
CA ALA B 455 24.64 -5.66 -10.23
C ALA B 455 23.29 -6.31 -10.37
N ILE B 456 22.48 -6.27 -9.33
CA ILE B 456 21.16 -6.89 -9.41
C ILE B 456 20.27 -6.09 -10.29
N LYS B 457 20.41 -4.78 -10.21
CA LYS B 457 19.63 -3.93 -11.10
C LYS B 457 20.03 -4.13 -12.56
N GLU B 458 21.33 -4.29 -12.79
CA GLU B 458 21.78 -4.49 -14.15
C GLU B 458 21.28 -5.86 -14.68
N ALA B 459 21.49 -6.91 -13.88
CA ALA B 459 21.07 -8.24 -14.28
C ALA B 459 19.58 -8.28 -14.58
N ALA B 460 18.84 -7.33 -14.04
CA ALA B 460 17.41 -7.29 -14.27
C ALA B 460 17.16 -6.73 -15.65
N MET B 461 17.63 -5.52 -15.89
CA MET B 461 17.41 -4.91 -17.19
C MET B 461 17.91 -5.87 -18.26
N ALA B 462 19.06 -6.50 -18.03
CA ALA B 462 19.63 -7.42 -19.03
C ALA B 462 18.66 -8.52 -19.33
N THR B 463 17.59 -8.57 -18.55
CA THR B 463 16.58 -9.62 -18.70
C THR B 463 15.47 -9.28 -19.68
N TYR B 464 14.70 -8.26 -19.35
CA TYR B 464 13.63 -7.88 -20.21
C TYR B 464 14.08 -6.95 -21.30
N ASP B 465 14.99 -6.04 -20.98
CA ASP B 465 15.51 -5.13 -22.00
C ASP B 465 17.03 -5.34 -22.32
N LYS B 466 17.83 -4.32 -22.01
CA LYS B 466 19.24 -4.30 -22.26
C LYS B 466 19.88 -3.40 -21.18
N PRO B 467 21.00 -3.86 -20.57
CA PRO B 467 21.79 -3.24 -19.51
C PRO B 467 22.56 -2.08 -20.04
N ILE B 468 22.93 -1.20 -19.12
CA ILE B 468 23.67 0.01 -19.47
C ILE B 468 25.15 -0.01 -19.21
N HIS B 469 25.69 -1.12 -18.76
CA HIS B 469 27.11 -1.21 -18.47
C HIS B 469 27.73 -2.46 -18.99
N ILE B 470 27.04 -3.20 -19.84
CA ILE B 470 27.62 -4.41 -20.38
C ILE B 470 27.00 -4.78 -21.71
N SER C 4 2.15 37.10 17.09
CA SER C 4 3.23 36.50 16.25
C SER C 4 3.90 37.51 15.29
N ASP C 5 4.48 37.00 14.20
CA ASP C 5 5.17 37.84 13.20
C ASP C 5 4.18 38.42 12.20
N GLU C 6 4.72 38.99 11.13
CA GLU C 6 3.91 39.56 10.07
C GLU C 6 3.63 38.44 9.06
N ASN C 7 2.42 38.40 8.51
CA ASN C 7 2.08 37.39 7.52
C ASN C 7 1.49 38.06 6.28
N ASP C 8 0.93 37.24 5.39
CA ASP C 8 0.29 37.67 4.15
C ASP C 8 -1.23 37.64 4.36
N VAL C 9 -1.68 36.55 4.98
CA VAL C 9 -3.09 36.33 5.24
C VAL C 9 -3.29 36.04 6.71
N VAL C 10 -4.25 36.74 7.31
CA VAL C 10 -4.66 36.48 8.68
C VAL C 10 -6.12 36.07 8.56
N ILE C 11 -6.57 35.20 9.44
CA ILE C 11 -7.94 34.78 9.39
C ILE C 11 -8.41 34.62 10.81
N ILE C 12 -9.40 35.41 11.21
CA ILE C 12 -9.90 35.27 12.57
C ILE C 12 -11.10 34.35 12.50
N GLY C 13 -10.89 33.07 12.82
CA GLY C 13 -12.01 32.12 12.78
C GLY C 13 -11.65 30.68 12.41
N GLY C 14 -11.70 29.76 13.36
CA GLY C 14 -11.28 28.41 13.03
C GLY C 14 -12.30 27.38 12.55
N GLY C 15 -13.26 27.81 11.77
CA GLY C 15 -14.22 26.84 11.30
C GLY C 15 -13.99 26.53 9.84
N PRO C 16 -15.02 26.01 9.17
CA PRO C 16 -14.92 25.67 7.76
C PRO C 16 -14.41 26.85 6.93
N GLY C 17 -15.02 28.01 7.09
CA GLY C 17 -14.57 29.16 6.35
C GLY C 17 -13.11 29.46 6.63
N GLY C 18 -12.70 29.35 7.88
CA GLY C 18 -11.31 29.67 8.16
C GLY C 18 -10.28 28.60 7.93
N TYR C 19 -10.45 27.46 8.55
CA TYR C 19 -9.41 26.48 8.39
C TYR C 19 -9.14 26.15 6.95
N VAL C 20 -10.16 26.27 6.13
CA VAL C 20 -9.98 25.98 4.73
C VAL C 20 -9.31 27.17 4.06
N ALA C 21 -9.87 28.35 4.28
CA ALA C 21 -9.29 29.52 3.69
C ALA C 21 -7.81 29.46 4.09
N ALA C 22 -7.59 29.19 5.37
CA ALA C 22 -6.25 29.11 5.92
C ALA C 22 -5.50 28.17 5.02
N ILE C 23 -5.88 26.90 5.05
CA ILE C 23 -5.16 25.93 4.22
C ILE C 23 -5.06 26.29 2.76
N LYS C 24 -6.16 26.68 2.14
CA LYS C 24 -6.08 27.00 0.71
C LYS C 24 -5.00 28.05 0.51
N ALA C 25 -5.08 29.05 1.35
CA ALA C 25 -4.18 30.17 1.31
C ALA C 25 -2.75 29.68 1.30
N ALA C 26 -2.41 28.95 2.35
CA ALA C 26 -1.09 28.38 2.54
C ALA C 26 -0.67 27.66 1.28
N GLN C 27 -1.64 26.98 0.67
CA GLN C 27 -1.38 26.23 -0.55
C GLN C 27 -1.09 27.16 -1.74
N LEU C 28 -1.69 28.33 -1.73
CA LEU C 28 -1.44 29.21 -2.81
C LEU C 28 -0.14 29.97 -2.66
N GLY C 29 0.52 29.81 -1.53
CA GLY C 29 1.79 30.51 -1.33
C GLY C 29 1.83 31.75 -0.45
N PHE C 30 0.89 31.90 0.48
CA PHE C 30 0.85 33.03 1.38
C PHE C 30 1.26 32.60 2.79
N LYS C 31 1.89 33.48 3.57
CA LYS C 31 2.17 33.14 4.96
C LYS C 31 0.77 33.37 5.58
N THR C 32 0.19 32.36 6.23
CA THR C 32 -1.16 32.52 6.74
C THR C 32 -1.31 32.23 8.20
N THR C 33 -2.19 32.97 8.86
CA THR C 33 -2.43 32.74 10.28
C THR C 33 -3.90 32.74 10.64
N CYS C 34 -4.31 31.60 11.12
CA CYS C 34 -5.68 31.48 11.48
C CYS C 34 -5.65 31.78 12.96
N ILE C 35 -6.62 32.57 13.45
CA ILE C 35 -6.69 32.85 14.86
C ILE C 35 -8.05 32.47 15.40
N GLU C 36 -8.09 31.62 16.44
CA GLU C 36 -9.35 31.19 17.10
C GLU C 36 -9.31 31.01 18.62
N LYS C 37 -10.34 31.52 19.27
CA LYS C 37 -10.51 31.49 20.72
C LYS C 37 -10.97 30.15 21.32
N ARG C 38 -11.76 29.40 20.58
CA ARG C 38 -12.25 28.11 21.08
C ARG C 38 -11.05 27.28 21.53
N GLY C 39 -11.29 26.16 22.18
CA GLY C 39 -10.15 25.34 22.58
C GLY C 39 -9.49 24.66 21.38
N ALA C 40 -10.30 23.85 20.69
CA ALA C 40 -9.96 23.09 19.51
C ALA C 40 -10.28 23.84 18.18
N LEU C 41 -9.65 23.37 17.11
CA LEU C 41 -9.75 23.98 15.81
C LEU C 41 -10.90 23.66 14.92
N GLY C 42 -11.78 22.76 15.33
CA GLY C 42 -12.87 22.45 14.44
C GLY C 42 -13.66 23.70 14.25
N GLY C 43 -14.80 23.59 13.61
CA GLY C 43 -15.63 24.77 13.50
C GLY C 43 -16.69 24.70 14.60
N THR C 44 -17.81 25.37 14.39
CA THR C 44 -18.89 25.30 15.33
C THR C 44 -19.54 23.97 14.94
N CYS C 45 -19.03 23.53 13.81
CA CYS C 45 -19.41 22.34 13.06
C CYS C 45 -18.81 21.09 13.65
N LEU C 46 -17.51 21.21 13.76
CA LEU C 46 -16.73 20.15 14.25
C LEU C 46 -17.05 20.03 15.68
N ASN C 47 -17.24 21.15 16.36
CA ASN C 47 -17.45 21.02 17.78
C ASN C 47 -18.81 20.96 18.43
N VAL C 48 -19.81 21.58 17.81
CA VAL C 48 -21.16 21.65 18.34
C VAL C 48 -22.19 21.53 17.25
N GLY C 49 -22.08 20.52 16.40
CA GLY C 49 -23.05 20.37 15.31
C GLY C 49 -22.79 19.22 14.36
N CYS C 50 -22.52 19.57 13.10
CA CYS C 50 -22.25 18.66 11.98
C CYS C 50 -21.93 17.26 12.45
N ILE C 51 -20.69 17.20 12.91
CA ILE C 51 -20.11 15.98 13.37
C ILE C 51 -20.92 15.38 14.53
N PRO C 52 -20.82 16.04 15.71
CA PRO C 52 -21.52 15.56 16.90
C PRO C 52 -22.94 15.18 16.46
N SER C 53 -23.67 16.12 15.89
CA SER C 53 -25.02 15.82 15.45
C SER C 53 -25.18 14.56 14.61
N LYS C 54 -24.37 14.45 13.56
CA LYS C 54 -24.46 13.29 12.69
C LYS C 54 -24.13 12.04 13.48
N ALA C 55 -23.14 12.16 14.34
CA ALA C 55 -22.76 11.03 15.15
C ALA C 55 -23.98 10.43 15.90
N LEU C 56 -24.49 11.17 16.90
CA LEU C 56 -25.62 10.82 17.74
C LEU C 56 -26.69 10.26 16.89
N LEU C 57 -26.88 10.90 15.73
CA LEU C 57 -27.91 10.53 14.75
C LEU C 57 -27.77 9.08 14.31
N HIS C 58 -26.54 8.70 14.08
CA HIS C 58 -26.30 7.36 13.63
C HIS C 58 -26.49 6.39 14.78
N SER C 59 -25.88 6.69 15.92
CA SER C 59 -26.03 5.82 17.09
C SER C 59 -27.51 5.62 17.45
N SER C 60 -28.25 6.72 17.55
CA SER C 60 -29.67 6.61 17.87
C SER C 60 -30.44 5.76 16.87
N HIS C 61 -30.05 5.83 15.61
CA HIS C 61 -30.70 5.08 14.56
C HIS C 61 -30.38 3.59 14.67
N MET C 62 -29.17 3.29 15.11
CA MET C 62 -28.79 1.90 15.27
C MET C 62 -29.70 1.36 16.37
N TYR C 63 -29.77 2.10 17.48
CA TYR C 63 -30.61 1.69 18.58
C TYR C 63 -32.00 1.40 18.02
N HIS C 64 -32.60 2.42 17.43
CA HIS C 64 -33.91 2.24 16.86
C HIS C 64 -33.99 1.04 15.92
N GLU C 65 -33.08 0.91 14.96
CA GLU C 65 -33.18 -0.19 14.00
C GLU C 65 -33.07 -1.59 14.61
N ALA C 66 -32.34 -1.66 15.71
CA ALA C 66 -32.13 -2.88 16.41
C ALA C 66 -33.39 -3.29 17.18
N LYS C 67 -34.12 -2.31 17.71
CA LYS C 67 -35.34 -2.64 18.42
C LYS C 67 -36.48 -2.98 17.46
N HIS C 68 -36.40 -2.53 16.22
CA HIS C 68 -37.48 -2.80 15.29
C HIS C 68 -37.26 -3.57 14.01
N SER C 69 -36.14 -3.38 13.35
CA SER C 69 -35.92 -4.07 12.09
C SER C 69 -35.29 -5.45 12.10
N PHE C 70 -34.17 -5.62 12.79
CA PHE C 70 -33.48 -6.93 12.87
C PHE C 70 -34.34 -8.18 12.81
N ALA C 71 -35.49 -8.11 13.49
CA ALA C 71 -36.40 -9.22 13.52
C ALA C 71 -36.52 -9.70 12.10
N ASN C 72 -37.37 -9.03 11.31
CA ASN C 72 -37.65 -9.35 9.90
C ASN C 72 -36.42 -9.88 9.10
N HIS C 73 -35.21 -9.60 9.59
CA HIS C 73 -34.01 -10.01 8.91
C HIS C 73 -33.32 -11.26 9.42
N GLY C 74 -33.80 -11.83 10.51
CA GLY C 74 -33.15 -13.04 10.95
C GLY C 74 -32.19 -12.71 12.05
N VAL C 75 -32.26 -11.47 12.48
CA VAL C 75 -31.37 -11.08 13.54
C VAL C 75 -32.05 -10.90 14.86
N LYS C 76 -32.12 -11.98 15.64
CA LYS C 76 -32.73 -11.95 16.95
C LYS C 76 -31.82 -11.41 18.08
N VAL C 77 -32.39 -10.53 18.85
CA VAL C 77 -31.66 -10.00 19.94
C VAL C 77 -32.71 -10.11 21.03
N SER C 78 -32.29 -10.19 22.28
CA SER C 78 -33.23 -10.35 23.36
C SER C 78 -33.67 -9.01 23.95
N ASN C 79 -32.72 -8.29 24.54
CA ASN C 79 -33.00 -7.00 25.14
C ASN C 79 -32.02 -5.92 24.67
N VAL C 80 -32.57 -4.93 23.94
CA VAL C 80 -31.77 -3.85 23.44
C VAL C 80 -31.84 -2.76 24.51
N GLU C 81 -30.69 -2.23 24.90
CA GLU C 81 -30.62 -1.18 25.91
C GLU C 81 -29.84 0.00 25.35
N ILE C 82 -29.56 1.02 26.17
CA ILE C 82 -28.79 2.16 25.69
C ILE C 82 -27.84 2.59 26.78
N ASP C 83 -26.55 2.45 26.48
CA ASP C 83 -25.47 2.84 27.37
C ASP C 83 -25.22 4.29 26.98
N LEU C 84 -26.15 5.19 27.33
CA LEU C 84 -25.99 6.59 27.00
C LEU C 84 -24.59 7.11 27.29
N ALA C 85 -23.98 6.62 28.37
CA ALA C 85 -22.64 7.08 28.68
C ALA C 85 -21.73 6.74 27.50
N ALA C 86 -21.99 5.60 26.89
CA ALA C 86 -21.21 5.15 25.75
C ALA C 86 -21.48 6.10 24.58
N MET C 87 -22.70 6.09 24.05
CA MET C 87 -23.03 6.98 22.95
C MET C 87 -22.22 8.24 23.06
N MET C 88 -22.50 9.03 24.08
CA MET C 88 -21.75 10.27 24.23
C MET C 88 -20.25 10.08 23.98
N GLY C 89 -19.74 8.89 24.23
CA GLY C 89 -18.32 8.68 24.03
C GLY C 89 -17.88 8.73 22.58
N GLN C 90 -18.41 7.77 21.82
CA GLN C 90 -18.13 7.62 20.40
C GLN C 90 -18.16 9.01 19.77
N LYS C 91 -19.23 9.74 20.07
CA LYS C 91 -19.38 11.10 19.60
C LYS C 91 -18.14 11.89 20.01
N ASP C 92 -17.90 12.03 21.30
CA ASP C 92 -16.75 12.81 21.70
C ASP C 92 -15.47 12.30 21.05
N LYS C 93 -15.23 10.99 21.13
CA LYS C 93 -14.02 10.40 20.53
C LYS C 93 -13.89 10.94 19.11
N ALA C 94 -14.94 10.73 18.32
CA ALA C 94 -14.97 11.17 16.93
C ALA C 94 -14.69 12.66 16.82
N VAL C 95 -15.43 13.46 17.55
CA VAL C 95 -15.21 14.88 17.48
C VAL C 95 -13.76 15.21 17.65
N SER C 96 -13.19 14.79 18.76
CA SER C 96 -11.80 15.06 19.05
C SER C 96 -10.91 14.60 17.91
N ASN C 97 -10.97 13.30 17.66
CA ASN C 97 -10.20 12.67 16.60
C ASN C 97 -10.12 13.57 15.36
N LEU C 98 -11.25 14.07 14.87
CA LEU C 98 -11.24 14.94 13.72
C LEU C 98 -10.47 16.22 13.97
N THR C 99 -10.68 16.83 15.12
CA THR C 99 -10.01 18.08 15.44
C THR C 99 -8.48 17.99 15.26
N ARG C 100 -7.89 16.92 15.83
CA ARG C 100 -6.47 16.68 15.79
C ARG C 100 -6.07 16.72 14.34
N GLY C 101 -6.87 16.03 13.53
CA GLY C 101 -6.65 15.97 12.10
C GLY C 101 -6.47 17.33 11.45
N ILE C 102 -7.29 18.29 11.86
CA ILE C 102 -7.22 19.64 11.31
C ILE C 102 -6.00 20.36 11.85
N GLU C 103 -5.65 20.13 13.11
CA GLU C 103 -4.48 20.78 13.68
C GLU C 103 -3.33 20.25 12.85
N GLY C 104 -3.35 18.95 12.63
CA GLY C 104 -2.33 18.28 11.85
C GLY C 104 -2.29 18.71 10.39
N LEU C 105 -3.39 19.25 9.87
CA LEU C 105 -3.41 19.70 8.48
C LEU C 105 -2.79 21.06 8.46
N PHE C 106 -2.86 21.75 9.59
CA PHE C 106 -2.27 23.06 9.65
C PHE C 106 -0.72 22.93 9.60
N LYS C 107 -0.19 21.97 10.35
CA LYS C 107 1.25 21.72 10.38
C LYS C 107 1.74 21.43 8.97
N LYS C 108 0.98 20.55 8.29
CA LYS C 108 1.29 20.16 6.93
C LYS C 108 1.37 21.40 6.02
N ASN C 109 0.31 22.18 5.93
CA ASN C 109 0.35 23.32 5.04
C ASN C 109 1.00 24.56 5.62
N LYS C 110 1.58 24.44 6.81
CA LYS C 110 2.26 25.58 7.45
C LYS C 110 1.40 26.78 7.83
N VAL C 111 0.22 26.48 8.35
CA VAL C 111 -0.69 27.50 8.81
C VAL C 111 -0.15 27.75 10.21
N THR C 112 -0.15 29.01 10.66
CA THR C 112 0.32 29.35 12.01
C THR C 112 -0.89 29.44 12.90
N TYR C 113 -1.10 28.40 13.71
CA TYR C 113 -2.25 28.30 14.63
C TYR C 113 -2.08 29.10 15.90
N VAL C 114 -2.80 30.22 16.02
CA VAL C 114 -2.70 31.10 17.19
C VAL C 114 -3.91 31.04 18.07
N LYS C 115 -3.78 30.36 19.21
CA LYS C 115 -4.90 30.24 20.12
C LYS C 115 -5.15 31.58 20.82
N GLY C 116 -6.39 32.04 20.82
CA GLY C 116 -6.72 33.31 21.46
C GLY C 116 -7.93 34.04 20.89
N TYR C 117 -8.21 35.25 21.38
CA TYR C 117 -9.36 36.05 20.94
C TYR C 117 -9.05 37.31 20.16
N GLY C 118 -9.19 37.22 18.84
CA GLY C 118 -8.92 38.34 17.96
C GLY C 118 -9.72 39.56 18.24
N LYS C 119 -9.18 40.71 17.87
CA LYS C 119 -9.82 41.99 18.10
C LYS C 119 -9.10 42.98 17.18
N PHE C 120 -9.80 43.49 16.17
CA PHE C 120 -9.17 44.42 15.24
C PHE C 120 -8.55 45.59 15.98
N VAL C 121 -7.31 45.93 15.62
CA VAL C 121 -6.60 47.06 16.21
C VAL C 121 -6.32 48.04 15.09
N SER C 122 -6.67 47.65 13.88
CA SER C 122 -6.47 48.49 12.70
C SER C 122 -6.80 47.63 11.50
N PRO C 123 -7.21 48.26 10.39
CA PRO C 123 -7.54 47.49 9.18
C PRO C 123 -6.39 46.57 8.81
N SER C 124 -5.30 46.69 9.54
CA SER C 124 -4.14 45.88 9.28
C SER C 124 -3.64 45.09 10.48
N GLU C 125 -3.98 45.53 11.68
CA GLU C 125 -3.53 44.84 12.89
C GLU C 125 -4.65 44.11 13.67
N ILE C 126 -4.38 42.89 14.13
CA ILE C 126 -5.40 42.15 14.89
C ILE C 126 -4.95 41.75 16.29
N SER C 127 -5.86 41.96 17.27
CA SER C 127 -5.62 41.67 18.67
C SER C 127 -6.17 40.33 19.09
N VAL C 128 -5.73 39.86 20.24
CA VAL C 128 -6.19 38.57 20.71
C VAL C 128 -6.03 38.42 22.22
N ASP C 129 -6.73 39.27 22.95
CA ASP C 129 -6.67 39.22 24.39
C ASP C 129 -7.10 37.81 24.76
N THR C 130 -6.13 36.93 25.02
CA THR C 130 -6.42 35.55 25.43
C THR C 130 -7.17 35.70 26.76
N ILE C 131 -8.29 35.01 26.97
CA ILE C 131 -9.00 35.20 28.24
C ILE C 131 -8.12 34.84 29.43
N GLU C 132 -6.88 34.42 29.15
CA GLU C 132 -5.89 34.03 30.16
C GLU C 132 -5.00 35.18 30.67
N GLY C 133 -5.00 36.31 29.96
CA GLY C 133 -4.19 37.45 30.36
C GLY C 133 -2.97 37.65 29.47
N GLU C 134 -3.04 37.12 28.26
CA GLU C 134 -1.95 37.22 27.28
C GLU C 134 -2.48 37.81 25.97
N ASN C 135 -1.80 38.85 25.47
CA ASN C 135 -2.22 39.46 24.21
C ASN C 135 -1.10 39.75 23.24
N THR C 136 -1.22 39.13 22.07
CA THR C 136 -0.27 39.28 20.99
C THR C 136 -0.95 40.08 19.90
N VAL C 137 -0.22 40.38 18.85
CA VAL C 137 -0.77 41.16 17.77
C VAL C 137 -0.35 40.61 16.40
N VAL C 138 -1.31 40.56 15.46
CA VAL C 138 -1.05 40.08 14.10
C VAL C 138 -1.65 40.94 13.00
N LYS C 139 -0.94 40.98 11.87
CA LYS C 139 -1.30 41.80 10.73
C LYS C 139 -1.05 41.12 9.39
N GLY C 140 -1.58 41.71 8.32
CA GLY C 140 -1.38 41.17 6.99
C GLY C 140 -1.77 42.12 5.86
N LYS C 141 -1.29 41.83 4.66
CA LYS C 141 -1.65 42.65 3.50
C LYS C 141 -3.18 42.56 3.44
N HIS C 142 -3.74 41.47 3.99
CA HIS C 142 -5.19 41.26 3.98
C HIS C 142 -5.70 40.47 5.19
N ILE C 143 -6.91 40.78 5.65
CA ILE C 143 -7.45 40.06 6.79
C ILE C 143 -8.84 39.51 6.57
N ILE C 144 -8.99 38.21 6.77
CA ILE C 144 -10.27 37.54 6.56
C ILE C 144 -10.99 37.30 7.87
N ILE C 145 -12.14 37.96 7.99
CA ILE C 145 -13.03 37.80 9.15
C ILE C 145 -13.85 36.50 8.91
N ALA C 146 -13.76 35.60 9.88
CA ALA C 146 -14.47 34.36 9.73
C ALA C 146 -14.94 33.94 11.09
N THR C 147 -15.38 34.92 11.84
CA THR C 147 -15.91 34.70 13.15
C THR C 147 -17.14 33.86 12.82
N GLY C 148 -17.72 33.16 13.76
CA GLY C 148 -18.82 32.32 13.36
C GLY C 148 -20.23 32.79 13.16
N SER C 149 -21.07 32.24 14.05
CA SER C 149 -22.49 32.48 14.18
C SER C 149 -22.81 31.79 15.50
N ASP C 150 -23.91 32.18 16.13
CA ASP C 150 -24.30 31.60 17.40
C ASP C 150 -25.78 31.43 17.51
N VAL C 151 -26.23 30.98 18.68
CA VAL C 151 -27.64 30.71 18.96
C VAL C 151 -28.60 31.90 18.79
N LYS C 152 -29.83 31.62 18.36
CA LYS C 152 -30.81 32.70 18.24
C LYS C 152 -31.30 32.91 19.67
N SER C 153 -31.17 34.14 20.16
CA SER C 153 -31.60 34.47 21.51
C SER C 153 -33.07 34.92 21.57
N LEU C 154 -33.94 34.04 22.07
CA LEU C 154 -35.36 34.35 22.16
C LEU C 154 -35.83 35.10 23.41
N PRO C 155 -36.44 36.28 23.23
CA PRO C 155 -36.92 37.07 24.37
C PRO C 155 -37.71 36.23 25.34
N GLY C 156 -38.62 35.42 24.81
CA GLY C 156 -39.44 34.56 25.64
C GLY C 156 -38.62 33.73 26.61
N VAL C 157 -38.20 32.56 26.14
CA VAL C 157 -37.41 31.61 26.92
C VAL C 157 -35.97 32.11 27.04
N THR C 158 -35.14 31.37 27.77
CA THR C 158 -33.75 31.78 27.94
C THR C 158 -32.70 30.65 27.92
N ILE C 159 -31.44 31.04 27.72
CA ILE C 159 -30.28 30.13 27.65
C ILE C 159 -30.02 29.38 28.98
N ASP C 160 -30.83 28.34 29.24
CA ASP C 160 -30.71 27.56 30.48
C ASP C 160 -30.00 26.22 30.31
N GLU C 161 -28.70 26.29 30.12
CA GLU C 161 -27.85 25.10 29.95
C GLU C 161 -28.55 23.84 30.41
N LYS C 162 -28.81 23.77 31.72
CA LYS C 162 -29.43 22.60 32.34
C LYS C 162 -30.96 22.46 32.33
N LYS C 163 -31.68 23.32 31.62
CA LYS C 163 -33.14 23.19 31.62
C LYS C 163 -33.78 23.09 30.22
N ILE C 164 -33.98 24.25 29.61
CA ILE C 164 -34.55 24.31 28.29
C ILE C 164 -33.26 24.25 27.50
N VAL C 165 -33.24 23.45 26.44
CA VAL C 165 -31.98 23.29 25.71
C VAL C 165 -31.65 24.03 24.45
N SER C 166 -30.32 24.23 24.36
CA SER C 166 -29.53 24.88 23.29
C SER C 166 -28.79 23.87 22.44
N SER C 167 -28.73 24.10 21.12
CA SER C 167 -28.03 23.19 20.19
C SER C 167 -27.12 22.30 21.00
N THR C 168 -26.06 22.93 21.52
CA THR C 168 -25.06 22.26 22.32
C THR C 168 -25.63 21.43 23.48
N GLY C 169 -26.37 22.09 24.37
CA GLY C 169 -26.95 21.36 25.49
C GLY C 169 -27.65 20.10 25.02
N ALA C 170 -28.45 20.25 23.97
CA ALA C 170 -29.24 19.16 23.36
C ALA C 170 -28.43 17.91 23.04
N LEU C 171 -27.20 18.16 22.56
CA LEU C 171 -26.25 17.12 22.17
C LEU C 171 -25.41 16.60 23.32
N ALA C 172 -25.58 17.18 24.52
CA ALA C 172 -24.79 16.76 25.67
C ALA C 172 -25.60 16.56 26.94
N LEU C 173 -26.86 16.21 26.80
CA LEU C 173 -27.68 15.96 27.97
C LEU C 173 -26.99 14.79 28.67
N SER C 174 -27.37 14.50 29.91
CA SER C 174 -26.78 13.38 30.64
C SER C 174 -27.83 12.43 31.15
N GLU C 175 -29.05 12.62 30.66
CA GLU C 175 -30.21 11.82 31.05
C GLU C 175 -31.30 11.92 29.96
N ILE C 176 -31.62 10.77 29.38
CA ILE C 176 -32.65 10.73 28.37
C ILE C 176 -33.90 11.27 29.06
N PRO C 177 -34.40 12.46 28.65
CA PRO C 177 -35.58 13.04 29.25
C PRO C 177 -36.76 12.17 28.81
N LYS C 178 -37.85 12.20 29.59
CA LYS C 178 -39.04 11.40 29.27
C LYS C 178 -39.91 12.10 28.22
N LYS C 179 -40.16 13.38 28.48
CA LYS C 179 -40.93 14.24 27.60
C LYS C 179 -40.07 15.43 27.20
N LEU C 180 -39.84 15.55 25.89
CA LEU C 180 -39.07 16.65 25.33
C LEU C 180 -39.86 17.36 24.23
N VAL C 181 -39.73 18.67 24.20
CA VAL C 181 -40.43 19.48 23.23
C VAL C 181 -39.41 20.36 22.58
N VAL C 182 -39.58 20.46 21.26
CA VAL C 182 -38.66 21.29 20.49
C VAL C 182 -39.41 22.53 20.01
N ILE C 183 -38.88 23.68 20.39
CA ILE C 183 -39.49 24.93 20.02
C ILE C 183 -39.22 25.27 18.57
N GLY C 184 -37.96 25.56 18.20
CA GLY C 184 -37.68 25.87 16.80
C GLY C 184 -38.02 24.67 15.93
N ALA C 185 -38.56 24.85 14.74
CA ALA C 185 -38.89 23.67 13.94
C ALA C 185 -38.24 23.62 12.56
N GLY C 186 -36.92 23.61 12.58
CA GLY C 186 -36.18 23.53 11.34
C GLY C 186 -35.20 22.36 11.32
N TYR C 187 -34.08 22.59 10.62
CA TYR C 187 -32.99 21.63 10.44
C TYR C 187 -32.64 21.02 11.76
N ILE C 188 -31.78 21.70 12.50
CA ILE C 188 -31.33 21.26 13.79
C ILE C 188 -32.51 20.77 14.70
N GLY C 189 -33.61 21.49 14.62
CA GLY C 189 -34.76 21.15 15.40
C GLY C 189 -35.07 19.70 15.13
N LEU C 190 -35.75 19.43 14.03
CA LEU C 190 -36.06 18.06 13.71
C LEU C 190 -34.90 17.07 14.05
N GLU C 191 -33.66 17.56 14.05
CA GLU C 191 -32.55 16.67 14.30
C GLU C 191 -32.52 16.18 15.70
N MET C 192 -32.40 17.07 16.66
CA MET C 192 -32.44 16.59 18.05
C MET C 192 -33.78 15.86 18.29
N GLY C 193 -34.83 16.47 17.76
CA GLY C 193 -36.15 15.89 17.87
C GLY C 193 -36.02 14.43 17.58
N SER C 194 -35.22 14.07 16.59
CA SER C 194 -35.10 12.66 16.27
C SER C 194 -34.08 11.91 17.12
N VAL C 195 -32.93 12.51 17.37
CA VAL C 195 -31.90 11.85 18.15
C VAL C 195 -32.53 11.17 19.34
N TRP C 196 -32.90 12.00 20.34
CA TRP C 196 -33.51 11.57 21.61
C TRP C 196 -34.79 10.78 21.44
N GLY C 197 -35.68 11.27 20.58
CA GLY C 197 -36.92 10.60 20.31
C GLY C 197 -36.70 9.13 20.00
N ARG C 198 -35.59 8.76 19.39
CA ARG C 198 -35.36 7.35 19.09
C ARG C 198 -34.92 6.69 20.39
N ILE C 199 -34.00 7.34 21.04
CA ILE C 199 -33.47 6.88 22.31
C ILE C 199 -34.51 6.56 23.41
N GLY C 200 -35.66 7.19 23.38
CA GLY C 200 -36.63 6.89 24.43
C GLY C 200 -37.57 8.03 24.76
N SER C 201 -37.12 9.27 24.54
CA SER C 201 -37.96 10.43 24.81
C SER C 201 -39.27 10.52 24.05
N GLU C 202 -40.14 11.38 24.54
CA GLU C 202 -41.40 11.63 23.91
C GLU C 202 -41.21 13.10 23.54
N VAL C 203 -41.18 13.39 22.25
CA VAL C 203 -40.98 14.77 21.82
C VAL C 203 -42.17 15.36 21.10
N THR C 204 -42.20 16.69 21.11
CA THR C 204 -43.22 17.47 20.44
C THR C 204 -42.51 18.77 20.03
N VAL C 205 -42.76 19.17 18.78
CA VAL C 205 -42.13 20.36 18.25
C VAL C 205 -43.21 21.40 18.17
N VAL C 206 -42.83 22.62 18.55
CA VAL C 206 -43.71 23.77 18.59
C VAL C 206 -43.14 24.87 17.72
N GLU C 207 -43.73 25.07 16.54
CA GLU C 207 -43.25 26.11 15.65
C GLU C 207 -44.25 27.22 15.49
N PHE C 208 -43.72 28.43 15.37
CA PHE C 208 -44.53 29.62 15.21
C PHE C 208 -45.04 29.66 13.80
N ALA C 209 -44.21 29.23 12.87
CA ALA C 209 -44.57 29.26 11.45
C ALA C 209 -45.69 28.33 11.01
N SER C 210 -46.23 28.64 9.84
CA SER C 210 -47.29 27.85 9.25
C SER C 210 -46.90 26.37 9.05
N GLU C 211 -45.69 26.14 8.53
CA GLU C 211 -45.23 24.77 8.29
C GLU C 211 -43.86 24.52 8.88
N ILE C 212 -43.41 23.27 8.78
CA ILE C 212 -42.09 22.90 9.27
C ILE C 212 -41.10 22.98 8.12
N VAL C 213 -39.93 23.58 8.35
CA VAL C 213 -38.92 23.69 7.31
C VAL C 213 -39.56 24.38 6.12
N PRO C 214 -39.54 25.71 6.13
CA PRO C 214 -40.10 26.56 5.09
C PRO C 214 -39.43 26.49 3.71
N THR C 215 -38.10 26.46 3.69
CA THR C 215 -37.34 26.43 2.43
C THR C 215 -37.59 25.15 1.61
N MET C 216 -37.97 24.08 2.30
CA MET C 216 -38.22 22.77 1.72
C MET C 216 -39.39 22.69 0.75
N ASP C 217 -39.17 22.01 -0.36
CA ASP C 217 -40.23 21.86 -1.37
C ASP C 217 -41.51 21.25 -0.78
N ALA C 218 -42.62 21.99 -0.91
CA ALA C 218 -43.95 21.60 -0.41
C ALA C 218 -44.22 20.10 -0.46
N GLU C 219 -44.45 19.61 -1.66
CA GLU C 219 -44.73 18.20 -1.84
C GLU C 219 -43.88 17.35 -0.91
N ILE C 220 -42.57 17.44 -1.03
CA ILE C 220 -41.68 16.64 -0.22
C ILE C 220 -41.97 16.89 1.27
N ARG C 221 -42.06 18.16 1.67
CA ARG C 221 -42.32 18.53 3.08
C ARG C 221 -43.52 17.78 3.60
N LYS C 222 -44.64 17.88 2.87
CA LYS C 222 -45.83 17.16 3.26
C LYS C 222 -45.36 15.77 3.74
N GLN C 223 -45.01 14.88 2.81
CA GLN C 223 -44.58 13.51 3.14
C GLN C 223 -43.51 13.39 4.21
N PHE C 224 -42.64 14.39 4.25
CA PHE C 224 -41.58 14.34 5.22
C PHE C 224 -42.18 14.46 6.60
N GLN C 225 -43.03 15.47 6.78
CA GLN C 225 -43.65 15.66 8.08
C GLN C 225 -44.39 14.37 8.45
N ARG C 226 -45.25 13.92 7.54
CA ARG C 226 -46.03 12.70 7.71
C ARG C 226 -45.12 11.54 8.04
N SER C 227 -43.86 11.60 7.63
CA SER C 227 -42.94 10.53 7.96
C SER C 227 -42.41 10.74 9.37
N LEU C 228 -41.97 11.96 9.65
CA LEU C 228 -41.50 12.27 10.96
C LEU C 228 -42.60 11.91 11.93
N GLU C 229 -43.85 12.17 11.49
CA GLU C 229 -45.08 11.91 12.26
C GLU C 229 -45.03 10.51 12.83
N LYS C 230 -45.33 9.53 11.98
CA LYS C 230 -45.33 8.11 12.33
C LYS C 230 -44.08 7.63 13.09
N GLN C 231 -43.34 8.58 13.68
CA GLN C 231 -42.15 8.29 14.45
C GLN C 231 -42.25 9.03 15.81
N GLY C 232 -43.50 9.37 16.16
CA GLY C 232 -43.81 10.04 17.41
C GLY C 232 -42.99 11.24 17.84
N MET C 233 -43.22 12.38 17.18
CA MET C 233 -42.52 13.61 17.50
C MET C 233 -43.54 14.72 17.82
N LYS C 234 -44.81 14.49 17.46
CA LYS C 234 -45.90 15.45 17.71
C LYS C 234 -45.70 16.87 17.17
N PHE C 235 -46.55 17.17 16.20
CA PHE C 235 -46.48 18.44 15.56
C PHE C 235 -47.51 19.46 16.02
N LYS C 236 -47.08 20.30 16.95
CA LYS C 236 -47.91 21.38 17.48
C LYS C 236 -47.44 22.61 16.71
N LEU C 237 -47.97 22.75 15.49
CA LEU C 237 -47.63 23.83 14.58
C LEU C 237 -48.27 25.17 14.88
N LYS C 238 -47.80 26.18 14.16
CA LYS C 238 -48.31 27.55 14.27
C LYS C 238 -48.55 28.13 15.69
N THR C 239 -47.89 27.57 16.71
CA THR C 239 -48.03 28.03 18.09
C THR C 239 -47.00 29.13 18.46
N LYS C 240 -46.65 29.32 19.74
CA LYS C 240 -45.71 30.43 20.08
C LYS C 240 -44.92 30.41 21.41
N VAL C 241 -44.02 31.38 21.58
CA VAL C 241 -43.19 31.51 22.79
C VAL C 241 -44.01 31.98 24.00
N VAL C 242 -45.30 31.69 23.99
CA VAL C 242 -46.16 32.08 25.08
C VAL C 242 -45.53 31.60 26.39
N GLY C 243 -45.17 32.54 27.24
CA GLY C 243 -44.53 32.23 28.53
C GLY C 243 -44.82 30.86 29.12
N VAL C 244 -43.76 30.17 29.54
CA VAL C 244 -43.87 28.84 30.15
C VAL C 244 -43.61 28.85 31.63
N ASP C 245 -43.15 27.71 32.16
CA ASP C 245 -42.91 27.62 33.60
C ASP C 245 -41.72 26.80 34.11
N THR C 246 -40.83 27.53 34.81
CA THR C 246 -39.60 27.04 35.43
C THR C 246 -39.68 27.18 36.97
N SER C 247 -40.07 26.11 37.66
CA SER C 247 -40.20 26.17 39.12
C SER C 247 -40.82 24.86 39.68
N GLY C 248 -40.95 23.84 38.83
CA GLY C 248 -41.54 22.58 39.27
C GLY C 248 -40.73 21.34 38.87
N ASP C 249 -41.42 20.29 38.45
CA ASP C 249 -40.74 19.04 38.04
C ASP C 249 -40.17 19.19 36.62
N GLY C 250 -39.03 19.89 36.51
CA GLY C 250 -38.41 20.11 35.21
C GLY C 250 -38.82 21.46 34.62
N VAL C 251 -39.82 21.44 33.72
CA VAL C 251 -40.40 22.63 33.06
C VAL C 251 -41.64 22.30 32.15
N LYS C 252 -42.75 22.99 32.39
CA LYS C 252 -44.00 22.79 31.64
C LYS C 252 -44.22 23.95 30.67
N LEU C 253 -44.72 23.65 29.49
CA LEU C 253 -44.94 24.70 28.54
C LEU C 253 -46.29 25.33 28.75
N THR C 254 -46.47 26.53 28.18
CA THR C 254 -47.71 27.29 28.23
C THR C 254 -47.74 28.08 26.93
N VAL C 255 -48.56 27.69 25.94
CA VAL C 255 -48.56 28.44 24.69
C VAL C 255 -49.85 28.76 23.94
N GLU C 256 -49.89 30.01 23.47
CA GLU C 256 -51.02 30.59 22.73
C GLU C 256 -50.56 30.87 21.31
N PRO C 257 -51.38 30.47 20.33
CA PRO C 257 -51.13 30.65 18.88
C PRO C 257 -50.77 32.05 18.42
N SER C 258 -50.02 32.11 17.31
CA SER C 258 -49.53 33.33 16.69
C SER C 258 -50.58 34.43 16.47
N ALA C 259 -52.10 32.95 15.83
CA ALA C 259 -53.31 33.47 15.34
C ALA C 259 -54.02 34.08 16.50
N GLY C 260 -54.88 33.26 17.03
CA GLY C 260 -55.81 33.69 18.03
C GLY C 260 -55.66 33.22 19.50
N GLY C 261 -56.67 33.80 20.25
CA GLY C 261 -56.96 33.69 21.71
C GLY C 261 -57.40 32.28 22.08
N GLU C 262 -56.91 31.84 23.18
CA GLU C 262 -57.02 30.45 23.52
C GLU C 262 -55.73 30.21 24.26
N GLN C 263 -55.33 29.01 24.47
CA GLN C 263 -54.07 28.84 25.19
C GLN C 263 -54.02 27.46 25.79
N THR C 264 -53.98 26.59 24.96
CA THR C 264 -53.74 25.26 25.52
C THR C 264 -52.49 25.39 26.40
N ILE C 265 -52.02 24.29 26.99
CA ILE C 265 -50.81 24.25 27.85
C ILE C 265 -50.00 22.94 27.72
N ILE C 266 -48.84 23.04 27.07
CA ILE C 266 -47.99 21.89 26.85
C ILE C 266 -47.10 21.47 28.04
N GLU C 267 -47.00 20.16 28.26
CA GLU C 267 -46.19 19.59 29.33
C GLU C 267 -44.89 19.01 28.74
N ALA C 268 -43.80 19.02 29.52
CA ALA C 268 -42.51 18.50 29.04
C ALA C 268 -41.35 18.50 30.04
N ASP C 269 -40.56 17.43 30.02
CA ASP C 269 -39.41 17.32 30.89
C ASP C 269 -38.41 18.44 30.54
N VAL C 270 -37.96 18.48 29.28
CA VAL C 270 -37.06 19.55 28.79
C VAL C 270 -37.41 20.06 27.39
N VAL C 271 -36.94 21.27 27.15
CA VAL C 271 -37.28 21.95 25.93
C VAL C 271 -36.08 22.25 25.08
N LEU C 272 -36.14 21.83 23.82
CA LEU C 272 -35.06 22.20 22.96
C LEU C 272 -35.42 23.51 22.28
N VAL C 273 -34.57 24.53 22.45
CA VAL C 273 -34.80 25.83 21.81
C VAL C 273 -34.05 25.92 20.49
N SER C 274 -34.75 25.53 19.43
CA SER C 274 -34.21 25.53 18.09
C SER C 274 -34.63 26.74 17.28
N ALA C 275 -34.57 27.93 17.88
CA ALA C 275 -34.91 29.10 17.11
C ALA C 275 -33.78 29.20 16.10
N GLY C 276 -33.59 30.36 15.49
CA GLY C 276 -32.50 30.46 14.53
C GLY C 276 -31.10 30.58 15.13
N ARG C 277 -30.19 31.10 14.30
CA ARG C 277 -28.80 31.34 14.66
C ARG C 277 -28.49 32.67 13.99
N THR C 278 -27.66 33.47 14.64
CA THR C 278 -27.29 34.75 14.13
C THR C 278 -25.81 34.83 13.90
N PRO C 279 -25.39 35.81 13.11
CA PRO C 279 -23.96 35.94 12.85
C PRO C 279 -23.27 36.18 14.19
N PHE C 280 -21.93 36.15 14.17
CA PHE C 280 -21.12 36.37 15.37
C PHE C 280 -20.20 37.56 15.03
N THR C 281 -20.44 38.71 15.65
CA THR C 281 -19.65 39.90 15.38
C THR C 281 -19.12 40.52 16.66
N SER C 282 -19.51 39.95 17.81
CA SER C 282 -19.11 40.44 19.14
C SER C 282 -17.63 40.32 19.46
N GLY C 283 -17.18 40.99 20.52
CA GLY C 283 -15.78 40.97 20.92
C GLY C 283 -14.88 41.48 19.79
N LEU C 284 -15.45 41.52 18.60
CA LEU C 284 -14.71 41.96 17.46
C LEU C 284 -14.76 43.46 17.42
N ASN C 285 -13.59 44.05 17.26
CA ASN C 285 -13.52 45.48 17.22
C ASN C 285 -13.81 45.99 15.83
N LEU C 286 -15.03 46.44 15.58
CA LEU C 286 -15.29 46.98 14.27
C LEU C 286 -14.86 48.43 14.38
N ASP C 287 -13.96 48.65 15.35
CA ASP C 287 -13.39 49.96 15.68
C ASP C 287 -12.90 50.82 14.51
N LYS C 288 -11.65 51.30 14.60
CA LYS C 288 -11.04 52.16 13.58
C LYS C 288 -11.41 51.84 12.13
N ILE C 289 -11.72 50.57 11.86
CA ILE C 289 -12.07 50.11 10.52
C ILE C 289 -13.45 50.61 10.09
N GLY C 290 -14.50 50.06 10.69
CA GLY C 290 -15.85 50.49 10.36
C GLY C 290 -16.73 49.51 9.61
N VAL C 291 -16.47 48.22 9.78
CA VAL C 291 -17.25 47.19 9.12
C VAL C 291 -18.70 47.62 9.11
N GLU C 292 -19.37 47.42 7.99
CA GLU C 292 -20.75 47.83 7.83
C GLU C 292 -21.83 46.73 7.80
N THR C 293 -22.71 46.65 8.82
CA THR C 293 -23.76 45.60 8.80
C THR C 293 -25.15 45.89 8.17
N ASP C 294 -26.07 44.95 8.38
CA ASP C 294 -27.41 45.08 7.86
C ASP C 294 -28.43 45.06 9.00
N LYS C 295 -29.70 45.04 8.64
CA LYS C 295 -30.78 45.03 9.61
C LYS C 295 -30.89 43.72 10.39
N LEU C 296 -30.15 42.68 9.98
CA LEU C 296 -30.20 41.38 10.64
C LEU C 296 -28.91 41.00 11.36
N GLY C 297 -27.90 41.89 11.31
CA GLY C 297 -26.63 41.68 12.01
C GLY C 297 -25.36 41.16 11.31
N ARG C 298 -25.48 40.91 10.01
CA ARG C 298 -24.40 40.37 9.17
C ARG C 298 -23.27 41.34 8.83
N ILE C 299 -22.64 41.07 7.69
CA ILE C 299 -21.57 41.91 7.17
C ILE C 299 -21.71 42.02 5.68
N LEU C 300 -22.10 43.19 5.19
CA LEU C 300 -22.24 43.39 3.76
C LEU C 300 -20.90 43.12 3.12
N VAL C 301 -20.95 42.57 1.92
CA VAL C 301 -19.73 42.30 1.21
C VAL C 301 -19.97 42.28 -0.31
N ASN C 302 -18.87 42.33 -1.06
CA ASN C 302 -18.91 42.36 -2.52
C ASN C 302 -18.51 41.06 -3.21
N GLU C 303 -18.48 41.12 -4.53
CA GLU C 303 -18.12 39.99 -5.38
C GLU C 303 -16.87 39.30 -4.93
N ARG C 304 -15.84 40.09 -4.59
CA ARG C 304 -14.56 39.58 -4.17
C ARG C 304 -14.53 39.42 -2.68
N PHE C 305 -15.68 39.29 -2.05
CA PHE C 305 -15.73 39.14 -0.60
C PHE C 305 -14.97 40.20 0.22
N SER C 306 -15.00 41.44 -0.24
CA SER C 306 -14.33 42.55 0.45
C SER C 306 -15.36 43.46 1.09
N THR C 307 -14.97 44.11 2.18
CA THR C 307 -15.91 44.97 2.89
C THR C 307 -16.12 46.40 2.42
N ASN C 308 -15.96 47.29 3.38
CA ASN C 308 -16.07 48.71 3.21
C ASN C 308 -14.68 49.20 3.57
N VAL C 309 -13.90 48.32 4.20
CA VAL C 309 -12.53 48.64 4.59
C VAL C 309 -11.54 47.83 3.80
N SER C 310 -10.79 48.51 2.94
CA SER C 310 -9.79 47.83 2.13
C SER C 310 -8.99 46.90 3.01
N GLY C 311 -8.53 45.80 2.41
CA GLY C 311 -7.70 44.84 3.12
C GLY C 311 -8.40 43.94 4.09
N VAL C 312 -9.66 44.25 4.40
CA VAL C 312 -10.42 43.44 5.34
C VAL C 312 -11.57 42.68 4.65
N TYR C 313 -11.49 41.34 4.71
CA TYR C 313 -12.44 40.36 4.10
C TYR C 313 -13.27 39.43 5.09
N ALA C 314 -14.50 39.06 4.67
CA ALA C 314 -15.46 38.23 5.46
C ALA C 314 -16.28 37.14 4.73
N ILE C 315 -16.25 35.95 5.31
CA ILE C 315 -16.87 34.74 4.76
C ILE C 315 -17.55 33.75 5.72
N GLY C 316 -18.57 33.05 5.20
CA GLY C 316 -19.21 32.03 6.01
C GLY C 316 -20.52 32.44 6.60
N ASP C 317 -20.78 32.03 7.83
CA ASP C 317 -22.00 32.40 8.53
C ASP C 317 -22.04 33.85 9.03
N VAL C 318 -21.04 34.66 8.71
CA VAL C 318 -21.02 36.07 9.14
C VAL C 318 -21.41 36.99 7.99
N ILE C 319 -21.62 36.44 6.80
CA ILE C 319 -22.03 37.29 5.70
C ILE C 319 -23.30 36.72 5.17
N PRO C 320 -24.00 37.48 4.36
CA PRO C 320 -25.26 37.00 3.78
C PRO C 320 -25.15 35.64 3.07
N GLY C 321 -26.25 34.89 3.07
CA GLY C 321 -26.27 33.61 2.42
C GLY C 321 -26.52 32.47 3.39
N PRO C 322 -26.93 31.27 2.89
CA PRO C 322 -27.23 30.08 3.67
C PRO C 322 -26.13 29.74 4.66
N MET C 323 -26.53 29.41 5.86
CA MET C 323 -25.55 29.11 6.87
C MET C 323 -25.27 27.65 6.95
N LEU C 324 -24.56 27.15 5.93
CA LEU C 324 -24.18 25.74 5.86
C LEU C 324 -22.69 25.61 5.80
N ALA C 325 -22.16 24.54 6.36
CA ALA C 325 -20.73 24.30 6.40
C ALA C 325 -20.05 24.40 5.02
N HIS C 326 -20.61 23.76 4.00
CA HIS C 326 -20.00 23.81 2.68
C HIS C 326 -20.17 25.12 2.00
N LYS C 327 -21.14 25.93 2.41
CA LYS C 327 -21.27 27.21 1.79
C LYS C 327 -20.11 27.96 2.39
N ALA C 328 -19.88 27.77 3.67
CA ALA C 328 -18.79 28.45 4.31
C ALA C 328 -17.52 28.09 3.54
N GLU C 329 -17.15 26.81 3.54
CA GLU C 329 -15.94 26.36 2.83
C GLU C 329 -15.81 27.06 1.47
N GLU C 330 -16.91 27.14 0.73
CA GLU C 330 -16.96 27.74 -0.59
C GLU C 330 -16.48 29.19 -0.61
N ASP C 331 -17.08 30.04 0.23
CA ASP C 331 -16.75 31.48 0.30
C ASP C 331 -15.27 31.63 0.53
N GLY C 332 -14.77 30.93 1.55
CA GLY C 332 -13.37 31.03 1.90
C GLY C 332 -12.45 30.80 0.73
N VAL C 333 -12.62 29.67 0.07
CA VAL C 333 -11.78 29.38 -1.04
C VAL C 333 -12.01 30.40 -2.10
N ALA C 334 -13.23 30.55 -2.55
CA ALA C 334 -13.44 31.57 -3.56
C ALA C 334 -12.64 32.82 -3.14
N CYS C 335 -12.76 33.23 -1.88
CA CYS C 335 -12.07 34.41 -1.41
C CYS C 335 -10.55 34.46 -1.64
N VAL C 336 -9.88 33.44 -1.12
CA VAL C 336 -8.43 33.30 -1.23
C VAL C 336 -7.92 33.27 -2.72
N GLU C 337 -8.65 32.55 -3.59
CA GLU C 337 -8.28 32.47 -5.00
C GLU C 337 -8.31 33.89 -5.58
N TYR C 338 -9.26 34.71 -5.12
CA TYR C 338 -9.35 36.07 -5.58
C TYR C 338 -8.12 36.84 -5.16
N LEU C 339 -7.77 36.68 -3.89
CA LEU C 339 -6.60 37.37 -3.36
C LEU C 339 -5.41 36.93 -4.16
N ALA C 340 -5.41 35.68 -4.58
CA ALA C 340 -4.29 35.15 -5.29
C ALA C 340 -4.20 35.67 -6.68
N GLY C 341 -5.30 36.27 -7.13
CA GLY C 341 -5.37 36.80 -8.49
C GLY C 341 -6.00 35.80 -9.47
N LYS C 342 -6.57 34.72 -8.93
CA LYS C 342 -7.22 33.74 -9.78
C LYS C 342 -8.70 34.08 -9.83
N VAL C 343 -9.54 33.19 -10.32
CA VAL C 343 -10.94 33.55 -10.33
C VAL C 343 -11.62 32.70 -9.30
N GLY C 344 -12.19 33.34 -8.27
CA GLY C 344 -12.88 32.61 -7.23
C GLY C 344 -14.31 32.53 -7.66
N HIS C 345 -14.97 31.40 -7.38
CA HIS C 345 -16.36 31.19 -7.78
C HIS C 345 -17.22 30.77 -6.59
N VAL C 346 -18.45 31.28 -6.55
CA VAL C 346 -19.44 30.96 -5.49
C VAL C 346 -20.78 30.90 -6.14
N ASP C 347 -21.72 30.23 -5.51
CA ASP C 347 -23.02 30.16 -6.14
C ASP C 347 -24.00 29.52 -5.22
N TYR C 348 -24.50 30.30 -4.26
CA TYR C 348 -25.45 29.79 -3.28
C TYR C 348 -26.75 29.28 -3.84
N ASP C 349 -26.94 29.26 -5.15
CA ASP C 349 -28.21 28.72 -5.68
C ASP C 349 -28.06 27.25 -5.96
N LYS C 350 -26.81 26.78 -5.88
CA LYS C 350 -26.48 25.38 -6.09
C LYS C 350 -25.88 24.72 -4.83
N VAL C 351 -25.89 25.45 -3.73
CA VAL C 351 -25.41 24.89 -2.48
C VAL C 351 -26.52 23.99 -1.91
N PRO C 352 -26.32 22.68 -1.95
CA PRO C 352 -27.28 21.69 -1.47
C PRO C 352 -27.77 21.77 -0.05
N GLY C 353 -28.90 21.14 0.20
CA GLY C 353 -29.46 21.13 1.53
C GLY C 353 -29.78 19.69 1.90
N VAL C 354 -29.31 19.29 3.08
CA VAL C 354 -29.56 17.95 3.51
C VAL C 354 -29.93 17.86 4.96
N VAL C 355 -31.11 17.32 5.21
CA VAL C 355 -31.56 17.14 6.56
C VAL C 355 -31.24 15.69 6.90
N TYR C 356 -30.49 15.48 7.98
CA TYR C 356 -30.13 14.11 8.29
C TYR C 356 -31.04 13.27 9.22
N THR C 357 -32.34 13.52 9.15
CA THR C 357 -33.40 12.82 9.90
C THR C 357 -33.55 11.36 9.40
N ASN C 358 -34.41 10.52 10.01
CA ASN C 358 -34.42 9.17 9.47
C ASN C 358 -34.56 9.26 8.00
N PRO C 359 -35.71 9.67 7.48
CA PRO C 359 -35.45 9.66 6.05
C PRO C 359 -34.70 10.98 5.94
N GLU C 360 -33.75 11.06 5.03
CA GLU C 360 -32.99 12.29 4.86
C GLU C 360 -33.72 13.02 3.77
N VAL C 361 -33.50 14.31 3.68
CA VAL C 361 -34.15 15.07 2.63
C VAL C 361 -33.09 15.93 2.04
N ALA C 362 -32.74 15.66 0.79
CA ALA C 362 -31.72 16.45 0.14
C ALA C 362 -32.35 17.13 -1.02
N SER C 363 -31.98 18.37 -1.15
CA SER C 363 -32.50 19.14 -2.24
C SER C 363 -31.36 20.01 -2.79
N VAL C 364 -31.43 20.29 -4.09
CA VAL C 364 -30.48 21.13 -4.79
C VAL C 364 -31.25 21.82 -5.89
N GLY C 365 -30.91 23.09 -6.13
CA GLY C 365 -31.61 23.83 -7.15
C GLY C 365 -32.85 24.45 -6.54
N LYS C 366 -33.87 24.63 -7.34
CA LYS C 366 -35.06 25.28 -6.87
C LYS C 366 -36.19 24.34 -6.48
N THR C 367 -37.14 24.84 -5.70
CA THR C 367 -38.31 24.06 -5.26
C THR C 367 -39.40 24.32 -6.27
N GLU C 368 -40.36 23.41 -6.34
CA GLU C 368 -41.44 23.61 -7.28
C GLU C 368 -42.03 24.96 -6.98
N GLU C 369 -42.30 25.28 -5.72
CA GLU C 369 -42.89 26.59 -5.43
C GLU C 369 -42.14 27.72 -6.11
N GLN C 370 -40.82 27.76 -6.01
CA GLN C 370 -40.11 28.85 -6.66
C GLN C 370 -40.25 28.79 -8.16
N VAL C 371 -40.01 27.65 -8.77
CA VAL C 371 -40.17 27.52 -10.19
C VAL C 371 -41.58 27.98 -10.66
N LYS C 372 -42.60 27.94 -9.80
CA LYS C 372 -43.96 28.41 -10.18
C LYS C 372 -43.88 29.92 -10.29
N GLU C 373 -43.37 30.55 -9.23
CA GLU C 373 -43.20 32.00 -9.23
C GLU C 373 -42.64 32.45 -10.58
N THR C 374 -41.65 31.75 -11.13
CA THR C 374 -41.02 32.12 -12.41
C THR C 374 -41.96 31.96 -13.60
N GLY C 375 -43.13 31.38 -13.37
CA GLY C 375 -44.07 31.19 -14.46
C GLY C 375 -43.47 30.59 -15.72
N VAL C 376 -42.45 29.75 -15.57
CA VAL C 376 -41.84 29.14 -16.74
C VAL C 376 -42.43 27.77 -16.90
N GLU C 377 -42.84 27.42 -18.11
CA GLU C 377 -43.44 26.11 -18.31
C GLU C 377 -42.50 24.99 -17.89
N TYR C 378 -42.90 24.20 -16.89
CA TYR C 378 -42.04 23.13 -16.47
C TYR C 378 -42.76 21.80 -16.29
N ARG C 379 -42.01 20.72 -16.28
CA ARG C 379 -42.57 19.39 -16.09
C ARG C 379 -42.04 18.86 -14.73
N VAL C 380 -42.61 17.73 -14.29
CA VAL C 380 -42.15 17.09 -13.04
C VAL C 380 -42.11 15.60 -13.11
N GLY C 381 -40.98 15.05 -12.70
CA GLY C 381 -40.80 13.62 -12.73
C GLY C 381 -40.63 13.19 -11.31
N LYS C 382 -41.11 11.98 -11.04
CA LYS C 382 -41.01 11.43 -9.72
C LYS C 382 -40.98 9.95 -9.83
N PHE C 383 -40.22 9.35 -8.92
CA PHE C 383 -40.17 7.93 -8.82
C PHE C 383 -39.99 7.66 -7.34
N PRO C 384 -40.64 6.61 -6.89
CA PRO C 384 -40.60 6.23 -5.48
C PRO C 384 -39.71 5.05 -5.21
N PHE C 385 -39.17 5.00 -4.00
CA PHE C 385 -38.31 3.91 -3.66
C PHE C 385 -39.00 2.57 -3.51
N MET C 386 -40.33 2.58 -3.39
CA MET C 386 -41.08 1.35 -3.26
C MET C 386 -40.93 0.54 -4.55
N ALA C 387 -40.60 1.21 -5.65
CA ALA C 387 -40.41 0.53 -6.94
C ALA C 387 -38.96 0.16 -7.21
N ASN C 388 -38.07 0.68 -6.36
CA ASN C 388 -36.63 0.42 -6.48
C ASN C 388 -36.15 -1.00 -5.99
N SER C 389 -35.82 -1.88 -6.94
CA SER C 389 -35.34 -3.19 -6.56
C SER C 389 -34.43 -3.16 -5.35
N ARG C 390 -33.40 -2.34 -5.34
CA ARG C 390 -32.50 -2.41 -4.21
C ARG C 390 -33.20 -2.20 -2.92
N ALA C 391 -33.95 -1.10 -2.86
CA ALA C 391 -34.71 -0.76 -1.64
C ALA C 391 -35.64 -1.89 -1.26
N LYS C 392 -36.43 -2.38 -2.20
CA LYS C 392 -37.30 -3.47 -1.88
C LYS C 392 -36.48 -4.65 -1.40
N ALA C 393 -35.51 -5.10 -2.17
CA ALA C 393 -34.68 -6.21 -1.74
C ALA C 393 -34.08 -5.98 -0.36
N ILE C 394 -34.06 -4.76 0.13
CA ILE C 394 -33.52 -4.48 1.45
C ILE C 394 -34.56 -4.30 2.55
N ASP C 395 -35.75 -3.84 2.15
CA ASP C 395 -36.86 -3.49 3.04
C ASP C 395 -36.49 -2.22 3.83
N ASN C 396 -36.20 -1.15 3.09
CA ASN C 396 -35.84 0.20 3.58
C ASN C 396 -36.17 0.98 2.33
N ALA C 397 -37.47 1.13 2.06
CA ALA C 397 -37.94 1.80 0.85
C ALA C 397 -38.76 3.09 1.00
N GLU C 398 -38.58 3.78 2.13
CA GLU C 398 -39.28 5.03 2.32
C GLU C 398 -38.68 6.06 1.38
N GLY C 399 -39.48 6.96 0.83
CA GLY C 399 -38.88 7.98 -0.01
C GLY C 399 -39.25 8.09 -1.45
N LEU C 400 -38.63 9.06 -2.11
CA LEU C 400 -38.88 9.28 -3.54
C LEU C 400 -37.89 10.35 -4.00
N VAL C 401 -37.70 10.36 -5.31
CA VAL C 401 -36.82 11.31 -5.99
C VAL C 401 -37.83 12.14 -6.80
N LYS C 402 -37.53 13.43 -6.92
CA LYS C 402 -38.39 14.34 -7.66
C LYS C 402 -37.55 15.32 -8.46
N ILE C 403 -37.69 15.33 -9.77
CA ILE C 403 -36.90 16.24 -10.57
C ILE C 403 -37.82 17.24 -11.24
N ILE C 404 -37.39 18.49 -11.29
CA ILE C 404 -38.13 19.59 -11.89
C ILE C 404 -37.39 20.16 -13.11
N ALA C 405 -38.06 20.27 -14.25
CA ALA C 405 -37.40 20.72 -15.47
C ALA C 405 -38.20 21.65 -16.33
N GLU C 406 -37.50 22.52 -17.04
CA GLU C 406 -38.13 23.44 -17.97
C GLU C 406 -38.77 22.59 -19.06
N LYS C 407 -40.06 22.81 -19.30
CA LYS C 407 -40.76 22.05 -20.32
C LYS C 407 -40.12 22.19 -21.70
N GLU C 408 -39.79 23.42 -22.08
CA GLU C 408 -39.19 23.66 -23.37
C GLU C 408 -37.87 22.92 -23.55
N THR C 409 -36.88 23.35 -22.76
CA THR C 409 -35.52 22.85 -22.76
C THR C 409 -35.21 21.47 -22.15
N ASP C 410 -35.88 21.15 -21.03
CA ASP C 410 -35.68 19.90 -20.30
C ASP C 410 -34.57 20.16 -19.25
N LYS C 411 -34.15 21.42 -19.14
CA LYS C 411 -33.10 21.81 -18.22
C LYS C 411 -33.58 21.50 -16.84
N ILE C 412 -32.72 20.95 -15.99
CA ILE C 412 -33.15 20.64 -14.65
C ILE C 412 -33.14 21.85 -13.76
N LEU C 413 -34.25 22.14 -13.12
CA LEU C 413 -34.32 23.30 -12.24
C LEU C 413 -34.07 22.98 -10.77
N GLY C 414 -34.53 21.78 -10.36
CA GLY C 414 -34.42 21.30 -9.00
C GLY C 414 -34.61 19.78 -8.84
N VAL C 415 -33.98 19.21 -7.85
CA VAL C 415 -34.10 17.78 -7.65
C VAL C 415 -34.14 17.67 -6.13
N HIS C 416 -35.23 17.12 -5.64
CA HIS C 416 -35.40 16.95 -4.21
C HIS C 416 -35.52 15.46 -3.99
N ILE C 417 -34.91 14.99 -2.90
CA ILE C 417 -34.94 13.57 -2.62
C ILE C 417 -35.19 13.34 -1.16
N MET C 418 -36.13 12.43 -0.89
CA MET C 418 -36.47 12.04 0.47
C MET C 418 -36.19 10.58 0.44
N ALA C 419 -35.29 10.19 1.33
CA ALA C 419 -34.85 8.83 1.47
C ALA C 419 -33.72 8.77 2.48
N PRO C 420 -33.32 7.57 2.86
CA PRO C 420 -32.23 7.54 3.82
C PRO C 420 -31.05 7.64 2.92
N ASN C 421 -29.91 8.09 3.42
CA ASN C 421 -28.75 8.14 2.54
C ASN C 421 -28.96 9.01 1.34
N ALA C 422 -29.93 9.90 1.41
CA ALA C 422 -30.21 10.75 0.29
C ALA C 422 -29.09 11.76 0.22
N GLY C 423 -28.46 12.04 1.35
CA GLY C 423 -27.37 12.99 1.39
C GLY C 423 -26.27 12.60 0.44
N GLU C 424 -26.31 11.37 -0.08
CA GLU C 424 -25.30 10.92 -1.02
C GLU C 424 -25.95 11.05 -2.37
N LEU C 425 -27.07 10.38 -2.53
CA LEU C 425 -27.82 10.40 -3.77
C LEU C 425 -28.00 11.75 -4.43
N ILE C 426 -28.13 12.81 -3.66
CA ILE C 426 -28.32 14.13 -4.24
C ILE C 426 -27.20 14.63 -5.16
N HIS C 427 -25.98 14.15 -4.97
CA HIS C 427 -24.87 14.61 -5.80
C HIS C 427 -24.94 14.18 -7.24
N GLU C 428 -25.67 13.12 -7.48
CA GLU C 428 -25.80 12.75 -8.87
C GLU C 428 -26.51 13.88 -9.50
N ALA C 429 -27.53 14.38 -8.82
CA ALA C 429 -28.31 15.48 -9.34
C ALA C 429 -27.48 16.73 -9.25
N ALA C 430 -26.87 16.91 -8.09
CA ALA C 430 -26.06 18.08 -7.82
C ALA C 430 -25.01 18.45 -8.90
N ILE C 431 -24.35 17.44 -9.40
CA ILE C 431 -23.36 17.73 -10.38
C ILE C 431 -24.09 18.01 -11.64
N ALA C 432 -25.05 17.18 -12.02
CA ALA C 432 -25.81 17.42 -13.26
C ALA C 432 -26.37 18.83 -13.29
N LEU C 433 -26.87 19.29 -12.14
CA LEU C 433 -27.40 20.64 -12.07
C LEU C 433 -26.31 21.70 -12.28
N GLN C 434 -25.09 21.44 -11.81
CA GLN C 434 -23.95 22.36 -11.96
C GLN C 434 -23.66 22.76 -13.40
N TYR C 435 -23.92 21.86 -14.35
CA TYR C 435 -23.61 22.17 -15.74
C TYR C 435 -24.84 22.20 -16.59
N ASP C 436 -25.84 22.84 -16.03
CA ASP C 436 -27.11 22.98 -16.69
C ASP C 436 -27.47 21.79 -17.52
N ALA C 437 -27.42 20.58 -16.97
CA ALA C 437 -27.77 19.41 -17.78
C ALA C 437 -29.26 19.16 -17.72
N SER C 438 -29.77 18.28 -18.59
CA SER C 438 -31.21 17.93 -18.66
C SER C 438 -31.57 16.52 -18.20
N SER C 439 -32.85 16.31 -17.92
CA SER C 439 -33.36 14.99 -17.49
C SER C 439 -32.81 13.89 -18.37
N GLU C 440 -32.92 14.14 -19.67
CA GLU C 440 -32.50 13.15 -20.60
C GLU C 440 -31.04 12.80 -20.27
N ASP C 441 -30.24 13.84 -20.15
CA ASP C 441 -28.82 13.71 -19.87
C ASP C 441 -28.51 12.71 -18.81
N ILE C 442 -29.01 12.98 -17.62
CA ILE C 442 -28.80 12.14 -16.47
C ILE C 442 -29.41 10.75 -16.71
N ALA C 443 -30.55 10.75 -17.40
CA ALA C 443 -31.26 9.54 -17.77
C ALA C 443 -30.52 8.70 -18.83
N ARG C 444 -29.65 9.38 -19.60
CA ARG C 444 -28.80 8.77 -20.61
C ARG C 444 -27.59 8.00 -19.97
N VAL C 445 -27.29 8.28 -18.68
CA VAL C 445 -26.19 7.66 -17.94
C VAL C 445 -26.51 6.28 -17.51
N CYS C 446 -25.60 5.33 -17.72
CA CYS C 446 -25.86 3.97 -17.30
C CYS C 446 -25.77 3.78 -15.80
N HIS C 447 -26.83 3.33 -15.14
CA HIS C 447 -26.71 3.13 -13.69
C HIS C 447 -26.41 1.73 -13.23
N ALA C 448 -25.65 1.59 -12.18
CA ALA C 448 -25.37 0.25 -11.73
C ALA C 448 -26.63 -0.28 -11.12
N HIS C 449 -27.02 -1.53 -11.45
CA HIS C 449 -28.20 -2.20 -10.89
C HIS C 449 -27.69 -3.31 -10.03
N PRO C 450 -28.24 -3.50 -8.82
CA PRO C 450 -29.31 -2.76 -8.18
C PRO C 450 -28.80 -1.70 -7.27
N THR C 451 -29.21 -0.47 -7.51
CA THR C 451 -28.79 0.60 -6.65
C THR C 451 -29.89 1.62 -6.36
N MET C 452 -29.79 2.24 -5.20
CA MET C 452 -30.73 3.26 -4.90
C MET C 452 -30.70 4.23 -6.12
N SER C 453 -29.47 4.56 -6.52
CA SER C 453 -29.24 5.47 -7.60
C SER C 453 -30.15 5.23 -8.76
N GLU C 454 -30.62 4.00 -8.91
CA GLU C 454 -31.49 3.72 -10.06
C GLU C 454 -32.76 4.54 -10.05
N ALA C 455 -33.22 4.89 -8.85
CA ALA C 455 -34.39 5.72 -8.67
C ALA C 455 -34.20 7.04 -9.40
N ILE C 456 -33.08 7.71 -9.17
CA ILE C 456 -32.81 8.96 -9.81
C ILE C 456 -32.90 8.77 -11.28
N LYS C 457 -32.42 7.63 -11.76
CA LYS C 457 -32.51 7.41 -13.19
C LYS C 457 -33.96 7.36 -13.63
N GLU C 458 -34.80 6.72 -12.84
CA GLU C 458 -36.17 6.59 -13.22
C GLU C 458 -36.85 7.95 -13.14
N ALA C 459 -36.61 8.67 -12.05
CA ALA C 459 -37.21 9.98 -11.83
C ALA C 459 -36.93 10.87 -12.97
N ALA C 460 -35.74 10.74 -13.53
CA ALA C 460 -35.33 11.55 -14.68
C ALA C 460 -36.21 11.21 -15.86
N MET C 461 -36.23 9.92 -16.24
CA MET C 461 -37.07 9.47 -17.36
C MET C 461 -38.53 9.94 -17.21
N ALA C 462 -39.06 9.77 -16.02
CA ALA C 462 -40.40 10.20 -15.72
C ALA C 462 -40.51 11.69 -15.96
N THR C 463 -39.42 12.32 -16.36
CA THR C 463 -39.51 13.73 -16.57
C THR C 463 -39.66 14.12 -18.02
N TYR C 464 -38.67 13.87 -18.84
CA TYR C 464 -38.81 14.29 -20.21
C TYR C 464 -39.58 13.30 -21.05
N ASP C 465 -39.74 12.08 -20.54
CA ASP C 465 -40.44 11.02 -21.29
C ASP C 465 -41.33 10.18 -20.38
N LYS C 466 -41.04 8.89 -20.27
CA LYS C 466 -41.83 7.95 -19.46
C LYS C 466 -41.01 6.77 -18.90
N PRO C 467 -41.02 6.61 -17.59
CA PRO C 467 -40.35 5.58 -16.81
C PRO C 467 -40.70 4.15 -17.19
N ILE C 468 -39.77 3.23 -16.90
CA ILE C 468 -39.87 1.81 -17.24
C ILE C 468 -40.21 0.91 -16.07
N HIS C 469 -40.50 1.47 -14.91
CA HIS C 469 -40.78 0.64 -13.74
C HIS C 469 -41.92 1.17 -12.90
N ILE C 470 -42.69 2.08 -13.46
CA ILE C 470 -43.82 2.67 -12.76
C ILE C 470 -44.63 3.34 -13.85
N SER D 4 -57.60 -13.13 -35.62
CA SER D 4 -56.60 -12.55 -34.67
C SER D 4 -55.26 -12.15 -35.36
N ASP D 5 -55.22 -10.93 -35.90
CA ASP D 5 -54.01 -10.38 -36.56
C ASP D 5 -52.98 -10.32 -35.42
N GLU D 6 -51.72 -10.63 -35.70
CA GLU D 6 -50.74 -10.61 -34.61
C GLU D 6 -49.69 -9.49 -34.54
N ASN D 7 -49.21 -9.32 -33.30
CA ASN D 7 -48.24 -8.31 -32.88
C ASN D 7 -47.04 -7.90 -33.74
N ASP D 8 -46.31 -6.92 -33.21
CA ASP D 8 -45.11 -6.34 -33.82
C ASP D 8 -43.83 -7.01 -33.32
N VAL D 9 -43.52 -6.76 -32.03
CA VAL D 9 -42.30 -7.29 -31.42
C VAL D 9 -42.42 -8.58 -30.64
N VAL D 10 -41.45 -9.45 -30.89
CA VAL D 10 -41.43 -10.76 -30.25
C VAL D 10 -40.15 -10.93 -29.48
N ILE D 11 -40.31 -11.07 -28.18
CA ILE D 11 -39.20 -11.23 -27.27
C ILE D 11 -39.24 -12.55 -26.52
N ILE D 12 -38.26 -13.39 -26.80
CA ILE D 12 -38.13 -14.69 -26.15
C ILE D 12 -37.13 -14.49 -25.04
N GLY D 13 -37.61 -14.31 -23.82
CA GLY D 13 -36.74 -14.11 -22.68
C GLY D 13 -37.43 -13.18 -21.70
N GLY D 14 -37.52 -13.53 -20.42
CA GLY D 14 -38.19 -12.66 -19.47
C GLY D 14 -37.39 -11.93 -18.42
N GLY D 15 -36.16 -11.55 -18.76
CA GLY D 15 -35.30 -10.84 -17.82
C GLY D 15 -35.12 -9.37 -18.16
N PRO D 16 -34.11 -8.70 -17.58
CA PRO D 16 -33.87 -7.29 -17.87
C PRO D 16 -33.88 -7.00 -19.35
N GLY D 17 -33.19 -7.78 -20.13
CA GLY D 17 -33.19 -7.49 -21.55
C GLY D 17 -34.58 -7.55 -22.10
N GLY D 18 -35.33 -8.57 -21.72
CA GLY D 18 -36.66 -8.71 -22.28
C GLY D 18 -37.78 -7.86 -21.72
N TYR D 19 -37.94 -7.90 -20.40
CA TYR D 19 -39.02 -7.18 -19.79
C TYR D 19 -38.89 -5.69 -19.99
N VAL D 20 -37.69 -5.24 -20.22
CA VAL D 20 -37.52 -3.82 -20.45
C VAL D 20 -37.75 -3.59 -21.93
N ALA D 21 -36.98 -4.28 -22.77
CA ALA D 21 -37.21 -4.18 -24.19
C ALA D 21 -38.74 -4.26 -24.39
N ALA D 22 -39.33 -5.31 -23.80
CA ALA D 22 -40.77 -5.57 -23.85
C ALA D 22 -41.43 -4.29 -23.53
N ILE D 23 -41.30 -3.81 -22.31
CA ILE D 23 -41.98 -2.56 -21.99
C ILE D 23 -41.61 -1.37 -22.91
N LYS D 24 -40.32 -1.12 -23.09
CA LYS D 24 -39.93 0.01 -23.93
C LYS D 24 -40.68 -0.13 -25.23
N ALA D 25 -40.88 -1.38 -25.64
CA ALA D 25 -41.54 -1.66 -26.88
C ALA D 25 -42.99 -1.24 -26.85
N ALA D 26 -43.69 -1.61 -25.80
CA ALA D 26 -45.08 -1.21 -25.73
C ALA D 26 -45.21 0.32 -25.77
N GLN D 27 -44.38 1.03 -25.01
CA GLN D 27 -44.41 2.50 -24.92
C GLN D 27 -44.13 3.20 -26.25
N LEU D 28 -43.41 2.56 -27.13
CA LEU D 28 -43.11 3.18 -28.40
C LEU D 28 -44.25 2.94 -29.35
N GLY D 29 -45.20 2.09 -28.96
CA GLY D 29 -46.34 1.78 -29.80
C GLY D 29 -46.29 0.48 -30.61
N PHE D 30 -45.67 -0.55 -30.08
CA PHE D 30 -45.62 -1.83 -30.79
C PHE D 30 -46.54 -2.82 -30.05
N LYS D 31 -47.15 -3.74 -30.78
CA LYS D 31 -47.92 -4.74 -30.07
C LYS D 31 -46.74 -5.60 -29.70
N THR D 32 -46.59 -5.93 -28.41
CA THR D 32 -45.45 -6.73 -28.03
C THR D 32 -45.76 -7.91 -27.12
N THR D 33 -45.05 -9.01 -27.36
CA THR D 33 -45.23 -10.24 -26.59
C THR D 33 -43.88 -10.82 -26.12
N CYS D 34 -43.70 -10.88 -24.81
CA CYS D 34 -42.47 -11.45 -24.24
C CYS D 34 -42.88 -12.83 -23.79
N ILE D 35 -42.08 -13.84 -24.11
CA ILE D 35 -42.39 -15.23 -23.73
C ILE D 35 -41.32 -15.84 -22.82
N GLU D 36 -41.68 -16.30 -21.64
CA GLU D 36 -40.67 -16.93 -20.78
C GLU D 36 -41.10 -18.21 -20.08
N LYS D 37 -40.29 -19.24 -20.25
CA LYS D 37 -40.53 -20.57 -19.68
C LYS D 37 -40.44 -20.68 -18.17
N ARG D 38 -39.70 -19.77 -17.55
CA ARG D 38 -39.54 -19.77 -16.11
C ARG D 38 -40.90 -19.57 -15.44
N GLY D 39 -40.96 -19.81 -14.13
CA GLY D 39 -42.20 -19.57 -13.43
C GLY D 39 -42.55 -18.07 -13.50
N ALA D 40 -41.85 -17.29 -12.70
CA ALA D 40 -42.06 -15.83 -12.64
C ALA D 40 -41.44 -15.01 -13.77
N LEU D 41 -41.75 -13.71 -13.79
CA LEU D 41 -41.22 -12.85 -14.83
C LEU D 41 -39.91 -12.11 -14.50
N GLY D 42 -39.41 -12.21 -13.27
CA GLY D 42 -38.16 -11.52 -13.00
C GLY D 42 -37.13 -12.14 -13.92
N GLY D 43 -35.91 -11.60 -13.99
CA GLY D 43 -34.94 -12.25 -14.87
C GLY D 43 -34.09 -13.28 -14.10
N THR D 44 -32.82 -13.46 -14.48
CA THR D 44 -31.91 -14.36 -13.75
C THR D 44 -31.60 -13.53 -12.51
N CYS D 45 -31.66 -12.23 -12.76
CA CYS D 45 -31.45 -11.17 -11.82
C CYS D 45 -32.51 -11.20 -10.72
N LEU D 46 -33.78 -11.15 -11.10
CA LEU D 46 -34.83 -11.14 -10.10
C LEU D 46 -34.99 -12.45 -9.36
N ASN D 47 -35.18 -13.52 -10.13
CA ASN D 47 -35.42 -14.84 -9.59
C ASN D 47 -34.35 -15.52 -8.78
N VAL D 48 -33.22 -15.87 -9.40
CA VAL D 48 -32.13 -16.58 -8.70
C VAL D 48 -30.70 -15.96 -8.64
N GLY D 49 -30.58 -14.70 -8.20
CA GLY D 49 -29.27 -14.06 -8.12
C GLY D 49 -29.13 -12.62 -7.64
N CYS D 50 -29.28 -11.64 -8.53
CA CYS D 50 -29.12 -10.21 -8.23
C CYS D 50 -29.56 -9.85 -6.87
N ILE D 51 -30.87 -9.72 -6.80
CA ILE D 51 -31.59 -9.34 -5.61
C ILE D 51 -31.43 -10.33 -4.49
N PRO D 52 -31.88 -11.58 -4.73
CA PRO D 52 -31.80 -12.64 -3.74
C PRO D 52 -30.51 -12.44 -2.99
N SER D 53 -29.48 -12.33 -3.79
CA SER D 53 -28.10 -12.12 -3.37
C SER D 53 -27.88 -10.79 -2.63
N LYS D 54 -28.59 -9.75 -3.04
CA LYS D 54 -28.40 -8.47 -2.38
C LYS D 54 -29.15 -8.53 -1.08
N ALA D 55 -30.24 -9.27 -1.09
CA ALA D 55 -31.05 -9.44 0.10
C ALA D 55 -30.19 -10.04 1.20
N LEU D 56 -29.77 -11.27 0.95
CA LEU D 56 -28.96 -12.04 1.88
C LEU D 56 -27.85 -11.20 2.43
N LEU D 57 -27.02 -10.68 1.52
CA LEU D 57 -25.89 -9.81 1.85
C LEU D 57 -26.23 -8.81 2.95
N HIS D 58 -27.38 -8.17 2.79
CA HIS D 58 -27.82 -7.17 3.72
C HIS D 58 -28.23 -7.76 5.08
N SER D 59 -28.99 -8.87 5.04
CA SER D 59 -29.42 -9.54 6.26
C SER D 59 -28.15 -10.02 7.04
N SER D 60 -27.30 -10.76 6.35
CA SER D 60 -26.01 -11.25 6.88
C SER D 60 -25.09 -10.09 7.38
N HIS D 61 -25.21 -8.95 6.75
CA HIS D 61 -24.43 -7.88 7.24
C HIS D 61 -25.02 -7.47 8.60
N MET D 62 -26.35 -7.31 8.63
CA MET D 62 -27.02 -6.86 9.84
C MET D 62 -26.56 -7.73 10.97
N TYR D 63 -26.62 -9.04 10.69
CA TYR D 63 -26.22 -9.98 11.71
C TYR D 63 -24.85 -9.59 12.21
N HIS D 64 -23.89 -9.52 11.29
CA HIS D 64 -22.51 -9.18 11.63
C HIS D 64 -22.43 -7.93 12.44
N GLU D 65 -22.77 -6.83 11.79
CA GLU D 65 -22.70 -5.55 12.46
C GLU D 65 -23.25 -5.65 13.86
N ALA D 66 -24.37 -6.37 14.01
CA ALA D 66 -25.04 -6.52 15.29
C ALA D 66 -24.20 -7.24 16.37
N LYS D 67 -23.33 -8.14 15.95
CA LYS D 67 -22.51 -8.87 16.90
C LYS D 67 -21.19 -8.13 17.16
N HIS D 68 -20.81 -7.20 16.28
CA HIS D 68 -19.54 -6.51 16.48
C HIS D 68 -19.54 -4.99 16.61
N SER D 69 -20.33 -4.31 15.79
CA SER D 69 -20.35 -2.85 15.83
C SER D 69 -21.14 -2.14 16.96
N PHE D 70 -22.43 -2.44 17.05
CA PHE D 70 -23.35 -1.88 18.05
C PHE D 70 -22.76 -1.43 19.37
N ALA D 71 -21.91 -2.28 19.95
CA ALA D 71 -21.28 -2.00 21.23
C ALA D 71 -20.82 -0.54 21.25
N ASN D 72 -19.75 -0.26 20.53
CA ASN D 72 -19.16 1.08 20.46
C ASN D 72 -20.14 2.24 20.30
N HIS D 73 -21.37 1.95 19.91
CA HIS D 73 -22.37 2.98 19.72
C HIS D 73 -23.30 3.11 20.89
N GLY D 74 -22.88 2.61 22.03
CA GLY D 74 -23.70 2.70 23.22
C GLY D 74 -25.02 1.97 23.01
N VAL D 75 -24.98 0.86 22.29
CA VAL D 75 -26.18 0.07 22.03
C VAL D 75 -25.84 -1.38 22.13
N LYS D 76 -25.83 -1.88 23.38
CA LYS D 76 -25.53 -3.27 23.67
C LYS D 76 -26.79 -4.12 23.73
N VAL D 77 -26.72 -5.27 23.07
CA VAL D 77 -27.83 -6.20 23.00
C VAL D 77 -27.58 -7.43 23.89
N SER D 78 -28.65 -8.16 24.20
CA SER D 78 -28.59 -9.35 25.04
C SER D 78 -28.10 -10.57 24.27
N ASN D 79 -28.99 -11.18 23.50
CA ASN D 79 -28.64 -12.34 22.69
C ASN D 79 -28.42 -11.89 21.24
N VAL D 80 -27.93 -12.82 20.43
CA VAL D 80 -27.61 -12.57 19.02
C VAL D 80 -27.47 -13.87 18.23
N GLU D 81 -28.57 -14.32 17.63
CA GLU D 81 -28.56 -15.55 16.84
C GLU D 81 -29.08 -15.28 15.44
N ILE D 82 -29.37 -16.33 14.70
CA ILE D 82 -29.84 -16.17 13.34
C ILE D 82 -30.93 -17.13 13.05
N ASP D 83 -32.12 -16.59 12.79
CA ASP D 83 -33.28 -17.39 12.44
C ASP D 83 -33.14 -17.62 10.93
N LEU D 84 -32.18 -18.46 10.55
CA LEU D 84 -31.95 -18.70 9.14
C LEU D 84 -33.23 -18.86 8.34
N ALA D 85 -34.29 -19.34 8.99
CA ALA D 85 -35.56 -19.58 8.29
C ALA D 85 -36.25 -18.28 7.88
N ALA D 86 -36.12 -17.31 8.79
CA ALA D 86 -36.70 -16.00 8.61
C ALA D 86 -35.96 -15.43 7.44
N MET D 87 -34.66 -15.19 7.66
CA MET D 87 -33.79 -14.63 6.64
C MET D 87 -34.21 -15.07 5.22
N MET D 88 -34.08 -16.34 4.89
CA MET D 88 -34.47 -16.77 3.56
C MET D 88 -35.88 -16.26 3.25
N GLY D 89 -36.63 -15.97 4.31
CA GLY D 89 -38.00 -15.51 4.10
C GLY D 89 -38.05 -14.19 3.39
N GLN D 90 -37.62 -13.18 4.15
CA GLN D 90 -37.56 -11.80 3.72
C GLN D 90 -37.06 -11.79 2.28
N LYS D 91 -36.04 -12.60 2.03
CA LYS D 91 -35.50 -12.69 0.69
C LYS D 91 -36.60 -12.99 -0.30
N ASP D 92 -37.22 -14.16 -0.07
CA ASP D 92 -38.29 -14.71 -0.91
C ASP D 92 -39.47 -13.75 -1.04
N LYS D 93 -39.94 -13.23 0.09
CA LYS D 93 -41.04 -12.28 0.11
C LYS D 93 -40.68 -11.16 -0.87
N ALA D 94 -39.45 -10.65 -0.73
CA ALA D 94 -38.89 -9.58 -1.53
C ALA D 94 -38.96 -9.93 -3.01
N VAL D 95 -38.33 -11.05 -3.35
CA VAL D 95 -38.29 -11.54 -4.70
C VAL D 95 -39.69 -11.53 -5.30
N SER D 96 -40.52 -12.48 -4.90
CA SER D 96 -41.89 -12.56 -5.40
C SER D 96 -42.48 -11.15 -5.47
N ASN D 97 -42.65 -10.49 -4.32
CA ASN D 97 -43.12 -9.13 -4.30
C ASN D 97 -42.66 -8.52 -5.63
N LEU D 98 -41.35 -8.21 -5.77
CA LEU D 98 -40.80 -7.62 -7.01
C LEU D 98 -41.33 -8.13 -8.35
N THR D 99 -41.41 -9.45 -8.44
CA THR D 99 -41.88 -10.09 -9.64
C THR D 99 -43.26 -9.57 -9.97
N ARG D 100 -44.18 -9.73 -9.01
CA ARG D 100 -45.57 -9.30 -9.18
C ARG D 100 -45.61 -7.94 -9.82
N GLY D 101 -44.83 -7.02 -9.26
CA GLY D 101 -44.75 -5.67 -9.78
C GLY D 101 -44.46 -5.61 -11.28
N ILE D 102 -43.69 -6.59 -11.74
CA ILE D 102 -43.31 -6.69 -13.14
C ILE D 102 -44.47 -7.20 -13.95
N GLU D 103 -45.14 -8.20 -13.42
CA GLU D 103 -46.28 -8.73 -14.14
C GLU D 103 -47.22 -7.54 -14.23
N GLY D 104 -47.20 -6.73 -13.17
CA GLY D 104 -48.04 -5.55 -13.08
C GLY D 104 -47.68 -4.43 -14.02
N LEU D 105 -46.46 -4.46 -14.53
CA LEU D 105 -45.98 -3.43 -15.47
C LEU D 105 -46.35 -3.84 -16.88
N PHE D 106 -46.43 -5.14 -17.09
CA PHE D 106 -46.78 -5.64 -18.38
C PHE D 106 -48.24 -5.26 -18.66
N LYS D 107 -49.09 -5.45 -17.65
CA LYS D 107 -50.50 -5.13 -17.81
C LYS D 107 -50.65 -3.67 -18.18
N LYS D 108 -50.01 -2.82 -17.39
CA LYS D 108 -50.04 -1.38 -17.62
C LYS D 108 -49.63 -0.98 -19.06
N ASN D 109 -48.52 -1.50 -19.57
CA ASN D 109 -48.09 -1.10 -20.91
C ASN D 109 -48.64 -1.99 -21.99
N LYS D 110 -49.40 -2.98 -21.56
CA LYS D 110 -50.05 -3.89 -22.48
C LYS D 110 -49.15 -4.88 -23.21
N VAL D 111 -48.16 -5.38 -22.48
CA VAL D 111 -47.25 -6.38 -23.02
C VAL D 111 -48.06 -7.65 -22.86
N THR D 112 -48.06 -8.52 -23.86
CA THR D 112 -48.81 -9.78 -23.75
C THR D 112 -47.89 -10.88 -23.18
N TYR D 113 -48.06 -11.20 -21.90
CA TYR D 113 -47.24 -12.20 -21.22
C TYR D 113 -47.60 -13.67 -21.56
N VAL D 114 -46.73 -14.33 -22.31
CA VAL D 114 -46.95 -15.71 -22.73
C VAL D 114 -46.11 -16.73 -21.97
N LYS D 115 -46.72 -17.43 -21.02
CA LYS D 115 -46.02 -18.44 -20.23
C LYS D 115 -45.74 -19.64 -21.10
N GLY D 116 -44.45 -20.02 -21.23
CA GLY D 116 -44.07 -21.16 -22.06
C GLY D 116 -42.61 -21.17 -22.51
N TYR D 117 -42.25 -22.14 -23.35
CA TYR D 117 -40.88 -22.31 -23.83
C TYR D 117 -40.79 -22.10 -25.34
N GLY D 118 -40.39 -20.92 -25.76
CA GLY D 118 -40.28 -20.60 -27.17
C GLY D 118 -39.36 -21.53 -27.94
N LYS D 119 -39.43 -21.47 -29.27
CA LYS D 119 -38.64 -22.34 -30.12
C LYS D 119 -38.86 -21.86 -31.55
N PHE D 120 -37.86 -21.24 -32.16
CA PHE D 120 -38.01 -20.75 -33.52
C PHE D 120 -38.58 -21.77 -34.50
N VAL D 121 -39.65 -21.41 -35.18
CA VAL D 121 -40.25 -22.30 -36.17
C VAL D 121 -39.95 -21.70 -37.54
N SER D 122 -39.51 -20.44 -37.51
CA SER D 122 -39.17 -19.70 -38.70
C SER D 122 -38.77 -18.30 -38.27
N PRO D 123 -37.98 -17.63 -39.09
CA PRO D 123 -37.52 -16.28 -38.81
C PRO D 123 -38.59 -15.28 -38.34
N SER D 124 -39.86 -15.66 -38.26
CA SER D 124 -40.87 -14.66 -37.85
C SER D 124 -42.04 -15.29 -37.13
N GLU D 125 -41.81 -16.54 -36.71
CA GLU D 125 -42.79 -17.34 -36.00
C GLU D 125 -42.13 -18.15 -34.90
N ILE D 126 -42.63 -18.03 -33.67
CA ILE D 126 -42.08 -18.79 -32.54
C ILE D 126 -43.03 -19.86 -32.04
N SER D 127 -42.45 -20.97 -31.59
CA SER D 127 -43.19 -22.09 -31.04
C SER D 127 -43.07 -21.92 -29.53
N VAL D 128 -43.90 -22.59 -28.73
CA VAL D 128 -43.81 -22.40 -27.28
C VAL D 128 -44.33 -23.58 -26.51
N ASP D 129 -43.57 -24.67 -26.40
CA ASP D 129 -44.08 -25.83 -25.65
C ASP D 129 -44.49 -25.42 -24.22
N THR D 130 -44.24 -26.30 -23.25
CA THR D 130 -44.55 -26.05 -21.84
C THR D 130 -44.17 -27.34 -21.13
N ILE D 131 -45.13 -27.85 -20.36
CA ILE D 131 -44.98 -29.09 -19.59
C ILE D 131 -46.24 -29.96 -19.76
N GLU D 132 -47.37 -29.30 -20.02
CA GLU D 132 -48.67 -29.98 -20.18
C GLU D 132 -49.58 -29.28 -21.21
N GLY D 133 -48.98 -28.71 -22.26
CA GLY D 133 -49.76 -28.02 -23.28
C GLY D 133 -49.51 -28.56 -24.66
N GLU D 134 -49.41 -27.66 -25.65
CA GLU D 134 -49.17 -28.05 -27.04
C GLU D 134 -48.34 -27.03 -27.84
N ASN D 135 -48.88 -26.65 -28.99
CA ASN D 135 -48.22 -25.71 -29.89
C ASN D 135 -48.93 -24.35 -29.92
N THR D 136 -48.47 -23.47 -29.02
CA THR D 136 -49.01 -22.12 -28.90
C THR D 136 -48.20 -21.15 -29.75
N VAL D 137 -48.60 -21.06 -31.01
CA VAL D 137 -47.94 -20.17 -31.94
C VAL D 137 -47.87 -18.72 -31.42
N VAL D 138 -46.79 -18.04 -31.79
CA VAL D 138 -46.58 -16.64 -31.47
C VAL D 138 -45.64 -16.17 -32.57
N LYS D 139 -46.20 -15.36 -33.46
CA LYS D 139 -45.48 -14.84 -34.61
C LYS D 139 -45.30 -13.35 -34.42
N GLY D 140 -44.56 -12.74 -35.35
CA GLY D 140 -44.31 -11.30 -35.31
C GLY D 140 -43.34 -10.90 -36.41
N LYS D 141 -43.31 -9.61 -36.76
CA LYS D 141 -42.38 -9.16 -37.80
C LYS D 141 -40.94 -9.31 -37.33
N HIS D 142 -40.60 -8.59 -36.23
CA HIS D 142 -39.27 -8.55 -35.58
C HIS D 142 -39.18 -9.36 -34.30
N ILE D 143 -38.16 -10.19 -34.20
CA ILE D 143 -37.98 -10.99 -33.00
C ILE D 143 -36.66 -10.72 -32.30
N ILE D 144 -36.77 -10.53 -30.98
CA ILE D 144 -35.64 -10.25 -30.10
C ILE D 144 -35.34 -11.44 -29.22
N ILE D 145 -34.19 -12.07 -29.45
CA ILE D 145 -33.78 -13.19 -28.62
C ILE D 145 -33.26 -12.51 -27.37
N ALA D 146 -33.56 -13.13 -26.25
CA ALA D 146 -33.20 -12.60 -24.96
C ALA D 146 -33.24 -13.72 -23.93
N THR D 147 -32.92 -14.92 -24.39
CA THR D 147 -32.84 -16.08 -23.56
C THR D 147 -31.72 -15.64 -22.64
N GLY D 148 -31.62 -16.13 -21.41
CA GLY D 148 -30.54 -15.54 -20.59
C GLY D 148 -29.11 -16.03 -20.75
N SER D 149 -28.64 -16.64 -19.65
CA SER D 149 -27.33 -17.24 -19.50
C SER D 149 -27.55 -18.21 -18.35
N ASP D 150 -26.59 -19.08 -18.10
CA ASP D 150 -26.73 -20.04 -17.02
C ASP D 150 -25.36 -20.41 -16.49
N VAL D 151 -25.35 -21.36 -15.58
CA VAL D 151 -24.13 -21.83 -14.95
C VAL D 151 -23.19 -22.42 -16.01
N LYS D 152 -21.93 -21.96 -16.02
CA LYS D 152 -20.93 -22.50 -16.94
C LYS D 152 -20.52 -23.70 -16.06
N SER D 153 -20.43 -24.89 -16.62
CA SER D 153 -20.12 -26.07 -15.80
C SER D 153 -18.65 -26.33 -15.54
N LEU D 154 -18.32 -26.52 -14.26
CA LEU D 154 -16.94 -26.81 -13.90
C LEU D 154 -16.65 -28.29 -13.97
N PRO D 155 -16.00 -28.74 -15.06
CA PRO D 155 -15.66 -30.15 -15.27
C PRO D 155 -15.10 -30.70 -14.00
N GLY D 156 -13.98 -30.12 -13.57
CA GLY D 156 -13.36 -30.58 -12.35
C GLY D 156 -14.35 -30.88 -11.23
N VAL D 157 -15.54 -30.27 -11.29
CA VAL D 157 -16.54 -30.48 -10.26
C VAL D 157 -18.03 -30.38 -10.73
N THR D 158 -18.68 -31.53 -10.80
CA THR D 158 -20.08 -31.60 -11.24
C THR D 158 -21.10 -31.24 -10.15
N ILE D 159 -22.16 -30.56 -10.56
CA ILE D 159 -23.16 -30.07 -9.64
C ILE D 159 -24.42 -30.93 -9.44
N ASP D 160 -24.78 -31.16 -8.18
CA ASP D 160 -25.96 -31.97 -7.83
C ASP D 160 -27.03 -31.14 -7.10
N GLU D 161 -26.54 -30.13 -6.37
CA GLU D 161 -27.35 -29.20 -5.58
C GLU D 161 -27.75 -29.84 -4.27
N LYS D 162 -26.77 -30.10 -3.42
CA LYS D 162 -27.01 -30.70 -2.13
C LYS D 162 -25.84 -30.44 -1.20
N LYS D 163 -24.64 -30.66 -1.72
CA LYS D 163 -23.40 -30.42 -0.96
C LYS D 163 -22.44 -29.73 -1.91
N ILE D 164 -22.61 -30.04 -3.19
CA ILE D 164 -21.83 -29.47 -4.29
C ILE D 164 -22.84 -28.68 -5.14
N VAL D 165 -22.87 -27.35 -4.97
CA VAL D 165 -23.84 -26.52 -5.69
C VAL D 165 -23.38 -25.24 -6.38
N SER D 166 -24.37 -24.59 -6.98
CA SER D 166 -24.16 -23.35 -7.71
C SER D 166 -24.83 -22.10 -7.13
N SER D 167 -24.74 -21.01 -7.90
CA SER D 167 -25.33 -19.75 -7.50
C SER D 167 -26.60 -20.06 -6.74
N THR D 168 -27.62 -20.55 -7.47
CA THR D 168 -28.92 -20.87 -6.89
C THR D 168 -28.82 -21.65 -5.60
N GLY D 169 -28.13 -22.77 -5.67
CA GLY D 169 -28.00 -23.58 -4.49
C GLY D 169 -27.55 -22.76 -3.32
N ALA D 170 -26.44 -22.07 -3.52
CA ALA D 170 -25.83 -21.24 -2.50
C ALA D 170 -26.81 -20.31 -1.79
N LEU D 171 -27.68 -19.68 -2.57
CA LEU D 171 -28.66 -18.72 -2.06
C LEU D 171 -29.82 -19.38 -1.38
N ALA D 172 -29.85 -20.70 -1.40
CA ALA D 172 -30.96 -21.43 -0.80
C ALA D 172 -30.54 -22.63 0.05
N LEU D 173 -29.39 -22.56 0.71
CA LEU D 173 -28.97 -23.67 1.54
C LEU D 173 -29.93 -23.62 2.70
N SER D 174 -30.03 -24.73 3.42
CA SER D 174 -30.96 -24.80 4.55
C SER D 174 -30.22 -25.15 5.81
N GLU D 175 -28.92 -24.96 5.77
CA GLU D 175 -28.13 -25.26 6.93
C GLU D 175 -26.80 -24.53 6.78
N ILE D 176 -26.51 -23.64 7.72
CA ILE D 176 -25.28 -22.89 7.68
C ILE D 176 -24.20 -23.91 7.76
N PRO D 177 -23.45 -24.12 6.67
CA PRO D 177 -22.38 -25.11 6.66
C PRO D 177 -21.27 -24.67 7.59
N LYS D 178 -20.58 -25.61 8.21
CA LYS D 178 -19.49 -25.25 9.13
C LYS D 178 -18.24 -24.76 8.40
N LYS D 179 -17.92 -25.42 7.29
CA LYS D 179 -16.79 -25.08 6.47
C LYS D 179 -17.33 -25.00 5.04
N LEU D 180 -17.05 -23.89 4.37
CA LEU D 180 -17.51 -23.74 2.98
C LEU D 180 -16.32 -23.33 2.15
N VAL D 181 -16.39 -23.78 0.90
CA VAL D 181 -15.37 -23.54 -0.10
C VAL D 181 -16.10 -23.02 -1.33
N VAL D 182 -15.60 -21.93 -1.90
CA VAL D 182 -16.18 -21.35 -3.11
C VAL D 182 -15.13 -21.54 -4.15
N ILE D 183 -15.44 -22.31 -5.19
CA ILE D 183 -14.40 -22.54 -6.18
C ILE D 183 -14.15 -21.36 -7.01
N GLY D 184 -15.14 -20.89 -7.74
CA GLY D 184 -14.88 -19.70 -8.55
C GLY D 184 -14.44 -18.51 -7.69
N ALA D 185 -13.64 -17.56 -8.20
CA ALA D 185 -13.22 -16.44 -7.36
C ALA D 185 -13.42 -15.03 -7.87
N GLY D 186 -14.62 -14.77 -8.40
CA GLY D 186 -14.95 -13.44 -8.91
C GLY D 186 -16.06 -12.83 -8.09
N TYR D 187 -16.85 -11.97 -8.73
CA TYR D 187 -17.93 -11.30 -8.01
C TYR D 187 -18.83 -12.31 -7.24
N ILE D 188 -19.71 -13.01 -7.96
CA ILE D 188 -20.66 -13.96 -7.31
C ILE D 188 -19.97 -14.78 -6.29
N GLY D 189 -18.75 -15.18 -6.57
CA GLY D 189 -18.03 -15.98 -5.62
C GLY D 189 -17.89 -15.23 -4.32
N LEU D 190 -17.09 -14.18 -4.34
CA LEU D 190 -16.88 -13.42 -3.12
C LEU D 190 -18.19 -13.08 -2.41
N GLU D 191 -19.29 -12.97 -3.19
CA GLU D 191 -20.55 -12.61 -2.60
C GLU D 191 -21.07 -13.63 -1.62
N MET D 192 -21.42 -14.82 -2.09
CA MET D 192 -21.89 -15.91 -1.21
C MET D 192 -20.81 -16.15 -0.15
N GLY D 193 -19.56 -16.19 -0.58
CA GLY D 193 -18.51 -16.43 0.38
C GLY D 193 -18.71 -15.46 1.52
N SER D 194 -19.18 -14.26 1.22
CA SER D 194 -19.36 -13.29 2.27
C SER D 194 -20.62 -13.59 3.04
N VAL D 195 -21.72 -13.71 2.33
CA VAL D 195 -23.03 -14.04 2.91
C VAL D 195 -22.99 -15.01 4.05
N TRP D 196 -22.63 -16.25 3.73
CA TRP D 196 -22.56 -17.29 4.71
C TRP D 196 -21.51 -17.04 5.77
N GLY D 197 -20.36 -16.56 5.37
CA GLY D 197 -19.35 -16.37 6.37
C GLY D 197 -19.69 -15.39 7.46
N ARG D 198 -20.55 -14.44 7.16
CA ARG D 198 -20.90 -13.49 8.20
C ARG D 198 -21.75 -14.28 9.15
N ILE D 199 -22.68 -14.99 8.53
CA ILE D 199 -23.61 -15.82 9.19
C ILE D 199 -22.94 -16.77 10.16
N GLY D 200 -21.85 -17.43 9.77
CA GLY D 200 -21.18 -18.35 10.69
C GLY D 200 -20.22 -19.36 10.12
N SER D 201 -20.38 -19.67 8.83
CA SER D 201 -19.55 -20.62 8.12
C SER D 201 -18.12 -20.19 8.10
N GLU D 202 -17.26 -21.15 7.73
CA GLU D 202 -15.83 -20.92 7.61
C GLU D 202 -15.64 -21.13 6.10
N VAL D 203 -15.23 -20.07 5.40
CA VAL D 203 -15.09 -20.18 3.96
C VAL D 203 -13.67 -19.99 3.58
N THR D 204 -13.37 -20.49 2.38
CA THR D 204 -12.07 -20.40 1.71
C THR D 204 -12.43 -20.47 0.24
N VAL D 205 -11.82 -19.59 -0.55
CA VAL D 205 -12.06 -19.54 -1.98
C VAL D 205 -10.90 -20.21 -2.71
N VAL D 206 -11.21 -20.96 -3.75
CA VAL D 206 -10.19 -21.64 -4.52
C VAL D 206 -10.20 -21.19 -5.96
N GLU D 207 -9.30 -20.27 -6.33
CA GLU D 207 -9.25 -19.79 -7.72
C GLU D 207 -8.10 -20.36 -8.48
N PHE D 208 -8.32 -20.55 -9.78
CA PHE D 208 -7.28 -21.09 -10.66
C PHE D 208 -6.34 -19.96 -11.08
N ALA D 209 -6.92 -18.78 -11.23
CA ALA D 209 -6.20 -17.61 -11.66
C ALA D 209 -5.17 -17.09 -10.67
N SER D 210 -4.34 -16.16 -11.16
CA SER D 210 -3.29 -15.55 -10.36
C SER D 210 -3.84 -14.73 -9.21
N GLU D 211 -4.89 -13.93 -9.48
CA GLU D 211 -5.53 -13.06 -8.48
C GLU D 211 -7.05 -13.15 -8.42
N ILE D 212 -7.64 -12.48 -7.43
CA ILE D 212 -9.10 -12.47 -7.32
C ILE D 212 -9.71 -11.28 -8.06
N VAL D 213 -10.73 -11.52 -8.86
CA VAL D 213 -11.34 -10.42 -9.60
C VAL D 213 -10.29 -9.81 -10.54
N PRO D 214 -10.11 -10.42 -11.70
CA PRO D 214 -9.13 -9.92 -12.65
C PRO D 214 -9.42 -8.56 -13.26
N THR D 215 -10.65 -8.30 -13.65
CA THR D 215 -10.95 -7.02 -14.30
C THR D 215 -10.82 -5.85 -13.34
N MET D 216 -10.62 -6.17 -12.07
CA MET D 216 -10.54 -5.13 -11.08
C MET D 216 -9.24 -4.33 -11.03
N ASP D 217 -9.35 -3.03 -10.80
CA ASP D 217 -8.16 -2.22 -10.70
C ASP D 217 -7.21 -2.82 -9.66
N ALA D 218 -5.96 -3.00 -10.04
CA ALA D 218 -4.93 -3.60 -9.20
C ALA D 218 -4.83 -3.05 -7.82
N GLU D 219 -4.52 -1.77 -7.72
CA GLU D 219 -4.35 -1.09 -6.42
C GLU D 219 -5.48 -1.44 -5.49
N ILE D 220 -6.71 -1.24 -5.98
CA ILE D 220 -7.92 -1.53 -5.21
C ILE D 220 -7.98 -3.02 -4.95
N ARG D 221 -7.83 -3.84 -5.98
CA ARG D 221 -7.86 -5.27 -5.75
C ARG D 221 -7.01 -5.57 -4.53
N LYS D 222 -5.80 -5.02 -4.49
CA LYS D 222 -4.88 -5.27 -3.40
C LYS D 222 -5.59 -5.11 -2.10
N GLN D 223 -5.97 -3.89 -1.75
CA GLN D 223 -6.66 -3.65 -0.46
C GLN D 223 -7.99 -4.43 -0.22
N PHE D 224 -8.75 -4.60 -1.31
CA PHE D 224 -10.00 -5.28 -1.27
C PHE D 224 -9.79 -6.67 -0.75
N GLN D 225 -8.80 -7.38 -1.30
CA GLN D 225 -8.50 -8.74 -0.85
C GLN D 225 -8.11 -8.72 0.64
N ARG D 226 -7.21 -7.80 0.96
CA ARG D 226 -6.74 -7.62 2.31
C ARG D 226 -7.93 -7.50 3.24
N SER D 227 -8.87 -6.64 2.86
CA SER D 227 -10.05 -6.52 3.69
C SER D 227 -10.78 -7.88 3.76
N LEU D 228 -11.33 -8.36 2.64
CA LEU D 228 -12.04 -9.63 2.58
C LEU D 228 -11.35 -10.66 3.45
N GLU D 229 -10.05 -10.49 3.58
CA GLU D 229 -9.20 -11.39 4.32
C GLU D 229 -9.44 -11.16 5.75
N LYS D 230 -9.14 -9.94 6.19
CA LYS D 230 -9.31 -9.59 7.59
C LYS D 230 -10.68 -9.94 8.07
N GLN D 231 -11.60 -10.17 7.15
CA GLN D 231 -12.98 -10.50 7.55
C GLN D 231 -13.20 -11.97 7.90
N GLY D 232 -12.21 -12.80 7.59
CA GLY D 232 -12.30 -14.23 7.86
C GLY D 232 -12.24 -15.08 6.61
N MET D 233 -12.02 -14.46 5.45
CA MET D 233 -11.93 -15.22 4.21
C MET D 233 -10.48 -15.65 3.98
N LYS D 234 -10.29 -16.92 3.54
CA LYS D 234 -8.98 -17.52 3.27
C LYS D 234 -8.96 -17.95 1.83
N PHE D 235 -7.90 -17.60 1.13
CA PHE D 235 -7.82 -17.93 -0.26
C PHE D 235 -6.69 -18.89 -0.67
N LYS D 236 -6.98 -19.71 -1.67
CA LYS D 236 -6.00 -20.64 -2.23
C LYS D 236 -6.07 -20.16 -3.68
N LEU D 237 -5.13 -19.30 -4.05
CA LEU D 237 -5.17 -18.68 -5.36
C LEU D 237 -4.59 -19.25 -6.65
N LYS D 238 -3.58 -20.10 -6.63
CA LYS D 238 -3.17 -20.56 -7.95
C LYS D 238 -3.92 -21.86 -8.13
N THR D 239 -4.02 -22.59 -7.02
CA THR D 239 -4.69 -23.91 -6.95
C THR D 239 -5.76 -24.36 -7.97
N LYS D 240 -5.80 -25.67 -8.17
CA LYS D 240 -6.67 -26.37 -9.11
C LYS D 240 -7.43 -27.60 -8.47
N VAL D 241 -8.72 -27.69 -8.67
CA VAL D 241 -9.38 -28.80 -8.06
C VAL D 241 -9.29 -30.02 -9.00
N VAL D 242 -8.64 -31.10 -8.53
CA VAL D 242 -8.48 -32.32 -9.32
C VAL D 242 -9.01 -33.50 -8.54
N GLY D 243 -9.68 -33.23 -7.42
CA GLY D 243 -10.18 -34.34 -6.63
C GLY D 243 -11.43 -34.12 -5.80
N VAL D 244 -12.47 -34.86 -6.21
CA VAL D 244 -13.82 -34.84 -5.59
C VAL D 244 -14.29 -36.14 -4.96
N ASP D 245 -15.02 -36.01 -3.85
CA ASP D 245 -15.62 -37.16 -3.19
C ASP D 245 -16.71 -36.75 -2.20
N THR D 246 -17.87 -37.40 -2.39
CA THR D 246 -19.12 -37.21 -1.61
C THR D 246 -19.66 -38.52 -1.01
N SER D 247 -18.84 -39.56 -1.02
CA SER D 247 -19.27 -40.86 -0.49
C SER D 247 -19.74 -40.69 0.94
N GLY D 248 -18.91 -40.03 1.75
CA GLY D 248 -19.22 -39.81 3.14
C GLY D 248 -19.84 -38.48 3.49
N ASP D 249 -19.58 -38.02 4.71
CA ASP D 249 -20.11 -36.77 5.25
C ASP D 249 -19.58 -35.45 4.66
N GLY D 250 -20.14 -35.02 3.54
CA GLY D 250 -19.71 -33.78 2.94
C GLY D 250 -18.89 -33.93 1.66
N VAL D 251 -17.85 -33.09 1.53
CA VAL D 251 -16.99 -33.14 0.35
C VAL D 251 -15.47 -33.15 0.65
N LYS D 252 -14.73 -34.02 -0.05
CA LYS D 252 -13.27 -34.14 0.08
C LYS D 252 -12.64 -33.68 -1.22
N LEU D 253 -11.98 -32.53 -1.14
CA LEU D 253 -11.38 -31.97 -2.31
C LEU D 253 -9.92 -32.29 -2.43
N THR D 254 -9.50 -32.49 -3.66
CA THR D 254 -8.12 -32.75 -3.94
C THR D 254 -7.71 -31.62 -4.88
N VAL D 255 -6.92 -30.72 -4.30
CA VAL D 255 -6.40 -29.54 -4.99
C VAL D 255 -4.94 -29.78 -5.27
N GLU D 256 -4.47 -29.23 -6.40
CA GLU D 256 -3.07 -29.27 -6.82
C GLU D 256 -2.84 -27.90 -7.42
N PRO D 257 -1.61 -27.37 -7.40
CA PRO D 257 -1.47 -26.05 -7.99
C PRO D 257 -1.96 -26.09 -9.45
N SER D 258 -1.97 -24.95 -10.13
CA SER D 258 -2.43 -24.82 -11.53
C SER D 258 -1.49 -25.43 -12.56
N ALA D 259 -0.20 -25.22 -12.34
CA ALA D 259 0.80 -25.74 -13.25
C ALA D 259 1.16 -27.18 -12.89
N GLY D 260 1.08 -27.54 -11.60
CA GLY D 260 1.39 -28.89 -11.15
C GLY D 260 2.09 -28.78 -9.81
N GLY D 261 1.77 -29.68 -8.87
CA GLY D 261 2.43 -29.61 -7.56
C GLY D 261 2.10 -30.78 -6.64
N GLU D 262 2.20 -30.55 -5.33
CA GLU D 262 1.92 -31.60 -4.35
C GLU D 262 0.43 -31.55 -3.96
N GLN D 263 -0.30 -32.60 -4.29
CA GLN D 263 -1.72 -32.67 -3.99
C GLN D 263 -2.18 -32.89 -2.56
N THR D 264 -2.87 -31.88 -2.00
CA THR D 264 -3.42 -31.97 -0.66
C THR D 264 -4.96 -32.13 -0.67
N ILE D 265 -5.55 -31.94 0.50
CA ILE D 265 -6.98 -32.08 0.65
C ILE D 265 -7.64 -30.92 1.35
N ILE D 266 -8.86 -30.64 0.93
CA ILE D 266 -9.69 -29.62 1.52
C ILE D 266 -11.07 -30.24 1.68
N GLU D 267 -11.41 -30.51 2.93
CA GLU D 267 -12.68 -31.12 3.26
C GLU D 267 -13.63 -30.00 3.59
N ALA D 268 -14.91 -30.26 3.41
CA ALA D 268 -15.93 -29.25 3.67
C ALA D 268 -17.29 -29.85 3.42
N ASP D 269 -18.30 -29.20 4.01
CA ASP D 269 -19.68 -29.65 3.91
C ASP D 269 -20.39 -29.22 2.62
N VAL D 270 -20.14 -28.00 2.19
CA VAL D 270 -20.66 -27.55 0.90
C VAL D 270 -19.54 -26.89 0.08
N VAL D 271 -19.65 -27.04 -1.23
CA VAL D 271 -18.69 -26.45 -2.12
C VAL D 271 -19.50 -25.60 -3.09
N LEU D 272 -19.20 -24.30 -3.19
CA LEU D 272 -19.93 -23.46 -4.15
C LEU D 272 -19.03 -23.39 -5.35
N VAL D 273 -19.59 -23.77 -6.47
CA VAL D 273 -18.82 -23.69 -7.71
C VAL D 273 -19.09 -22.39 -8.43
N SER D 274 -18.29 -21.38 -8.14
CA SER D 274 -18.53 -20.11 -8.76
C SER D 274 -17.78 -19.96 -10.05
N ALA D 275 -17.75 -20.99 -10.90
CA ALA D 275 -17.06 -20.87 -12.18
C ALA D 275 -17.91 -19.84 -12.91
N GLY D 276 -17.56 -19.49 -14.14
CA GLY D 276 -18.33 -18.45 -14.83
C GLY D 276 -19.81 -18.66 -15.13
N ARG D 277 -20.27 -18.04 -16.23
CA ARG D 277 -21.65 -18.11 -16.75
C ARG D 277 -21.64 -18.03 -18.29
N THR D 278 -22.36 -18.96 -18.92
CA THR D 278 -22.41 -19.04 -20.37
C THR D 278 -23.68 -18.54 -20.93
N PRO D 279 -23.65 -18.19 -22.20
CA PRO D 279 -24.91 -17.73 -22.77
C PRO D 279 -25.90 -18.87 -22.61
N PHE D 280 -27.17 -18.57 -22.35
CA PHE D 280 -28.18 -19.60 -22.19
C PHE D 280 -29.14 -19.68 -23.37
N THR D 281 -28.97 -20.70 -24.22
CA THR D 281 -29.85 -20.88 -25.38
C THR D 281 -30.02 -22.36 -25.68
N SER D 282 -30.97 -23.03 -25.02
CA SER D 282 -31.15 -24.46 -25.24
C SER D 282 -32.45 -24.94 -25.91
N GLY D 283 -33.56 -24.90 -25.19
CA GLY D 283 -34.78 -25.39 -25.80
C GLY D 283 -35.00 -24.85 -27.19
N LEU D 284 -34.36 -23.73 -27.48
CA LEU D 284 -34.47 -23.10 -28.79
C LEU D 284 -33.27 -23.48 -29.66
N ASN D 285 -33.39 -23.15 -30.95
CA ASN D 285 -32.32 -23.34 -31.92
C ASN D 285 -32.80 -22.99 -33.29
N LEU D 286 -31.83 -22.78 -34.15
CA LEU D 286 -32.05 -22.41 -35.54
C LEU D 286 -32.58 -23.62 -36.31
N ASP D 287 -33.55 -24.33 -35.71
CA ASP D 287 -34.18 -25.55 -36.27
C ASP D 287 -34.57 -25.50 -37.74
N LYS D 288 -34.42 -24.33 -38.35
CA LYS D 288 -34.70 -24.16 -39.75
C LYS D 288 -33.80 -23.01 -40.26
N ILE D 289 -33.23 -22.24 -39.32
CA ILE D 289 -32.34 -21.10 -39.64
C ILE D 289 -30.84 -21.34 -39.43
N GLY D 290 -30.08 -20.24 -39.50
CA GLY D 290 -28.63 -20.29 -39.35
C GLY D 290 -27.89 -19.22 -38.55
N VAL D 291 -28.56 -18.64 -37.56
CA VAL D 291 -27.96 -17.63 -36.68
C VAL D 291 -26.55 -18.04 -36.22
N GLU D 292 -25.52 -17.41 -36.79
CA GLU D 292 -24.14 -17.70 -36.45
C GLU D 292 -23.92 -17.53 -34.93
N THR D 293 -22.84 -18.13 -34.41
CA THR D 293 -22.51 -18.03 -32.99
C THR D 293 -21.02 -17.83 -32.65
N ASP D 294 -20.76 -17.29 -31.46
CA ASP D 294 -19.42 -17.02 -30.97
C ASP D 294 -18.77 -18.33 -30.63
N LYS D 295 -17.47 -18.43 -30.86
CA LYS D 295 -16.75 -19.64 -30.56
C LYS D 295 -17.22 -20.00 -29.15
N LEU D 296 -17.27 -19.00 -28.28
CA LEU D 296 -17.70 -19.17 -26.91
C LEU D 296 -19.11 -19.73 -26.87
N GLY D 297 -20.02 -19.05 -27.55
CA GLY D 297 -21.40 -19.51 -27.60
C GLY D 297 -22.37 -18.36 -27.59
N ARG D 298 -21.80 -17.20 -27.82
CA ARG D 298 -22.57 -15.99 -27.83
C ARG D 298 -23.22 -15.87 -29.19
N ILE D 299 -24.13 -14.92 -29.26
CA ILE D 299 -24.87 -14.65 -30.45
C ILE D 299 -24.32 -13.42 -31.10
N LEU D 300 -23.65 -13.64 -32.21
CA LEU D 300 -23.08 -12.52 -32.92
C LEU D 300 -24.14 -11.51 -33.27
N VAL D 301 -23.74 -10.25 -33.20
CA VAL D 301 -24.64 -9.20 -33.55
C VAL D 301 -23.98 -7.88 -33.99
N ASN D 302 -24.72 -7.11 -34.78
CA ASN D 302 -24.27 -5.85 -35.35
C ASN D 302 -24.74 -4.64 -34.57
N GLU D 303 -24.33 -3.48 -35.08
CA GLU D 303 -24.65 -2.20 -34.47
C GLU D 303 -26.08 -2.13 -33.99
N ARG D 304 -27.01 -2.53 -34.87
CA ARG D 304 -28.42 -2.45 -34.55
C ARG D 304 -28.91 -3.65 -33.81
N PHE D 305 -28.01 -4.52 -33.39
CA PHE D 305 -28.45 -5.70 -32.66
C PHE D 305 -29.15 -6.74 -33.56
N SER D 306 -28.78 -6.81 -34.82
CA SER D 306 -29.41 -7.81 -35.64
C SER D 306 -28.49 -8.97 -36.00
N THR D 307 -29.06 -10.17 -35.88
CA THR D 307 -28.43 -11.46 -36.17
C THR D 307 -28.18 -11.54 -37.66
N ASN D 308 -27.41 -12.54 -38.09
CA ASN D 308 -27.08 -12.72 -39.51
C ASN D 308 -28.27 -13.08 -40.37
N VAL D 309 -29.44 -13.11 -39.73
CA VAL D 309 -30.72 -13.41 -40.36
C VAL D 309 -31.67 -12.28 -40.03
N SER D 310 -31.87 -11.38 -40.98
CA SER D 310 -32.76 -10.24 -40.77
C SER D 310 -34.00 -10.59 -39.95
N GLY D 311 -34.62 -9.59 -39.35
CA GLY D 311 -35.81 -9.84 -38.56
C GLY D 311 -35.50 -10.33 -37.15
N VAL D 312 -34.27 -10.78 -36.91
CA VAL D 312 -33.94 -11.21 -35.57
C VAL D 312 -32.86 -10.43 -34.89
N TYR D 313 -33.17 -10.09 -33.64
CA TYR D 313 -32.31 -9.32 -32.80
C TYR D 313 -31.99 -10.08 -31.52
N ALA D 314 -30.74 -9.99 -31.09
CA ALA D 314 -30.30 -10.67 -29.89
C ALA D 314 -29.82 -9.63 -28.85
N ILE D 315 -30.06 -9.88 -27.57
CA ILE D 315 -29.63 -8.93 -26.53
C ILE D 315 -29.35 -9.55 -25.19
N GLY D 316 -28.58 -8.86 -24.36
CA GLY D 316 -28.32 -9.38 -23.04
C GLY D 316 -27.16 -10.32 -22.91
N ASP D 317 -27.24 -11.25 -21.97
CA ASP D 317 -26.12 -12.15 -21.81
C ASP D 317 -26.01 -13.19 -22.92
N VAL D 318 -26.78 -13.03 -24.00
CA VAL D 318 -26.68 -14.00 -25.10
C VAL D 318 -25.80 -13.45 -26.15
N ILE D 319 -25.42 -12.20 -25.96
CA ILE D 319 -24.54 -11.59 -26.90
C ILE D 319 -23.23 -11.06 -26.23
N PRO D 320 -22.21 -10.81 -27.07
CA PRO D 320 -20.95 -10.30 -26.61
C PRO D 320 -21.24 -9.14 -25.66
N GLY D 321 -20.36 -8.99 -24.67
CA GLY D 321 -20.52 -7.91 -23.72
C GLY D 321 -20.53 -8.40 -22.28
N PRO D 322 -20.25 -7.50 -21.33
CA PRO D 322 -20.21 -7.78 -19.89
C PRO D 322 -21.55 -8.29 -19.48
N MET D 323 -21.57 -9.38 -18.74
CA MET D 323 -22.83 -9.96 -18.32
C MET D 323 -23.42 -9.41 -17.05
N LEU D 324 -24.00 -8.22 -17.16
CA LEU D 324 -24.64 -7.52 -16.06
C LEU D 324 -26.07 -7.04 -16.46
N ALA D 325 -26.97 -7.10 -15.47
CA ALA D 325 -28.36 -6.71 -15.59
C ALA D 325 -28.50 -5.42 -16.36
N HIS D 326 -27.96 -4.31 -15.84
CA HIS D 326 -28.09 -3.03 -16.53
C HIS D 326 -27.48 -3.00 -17.91
N LYS D 327 -26.47 -3.84 -18.16
CA LYS D 327 -25.95 -3.86 -19.49
C LYS D 327 -27.09 -4.47 -20.25
N ALA D 328 -27.65 -5.54 -19.71
CA ALA D 328 -28.78 -6.19 -20.39
C ALA D 328 -29.83 -5.14 -20.76
N GLU D 329 -30.38 -4.47 -19.75
CA GLU D 329 -31.40 -3.43 -19.95
C GLU D 329 -30.97 -2.50 -21.07
N GLU D 330 -29.69 -2.13 -21.08
CA GLU D 330 -29.14 -1.20 -22.09
C GLU D 330 -29.35 -1.65 -23.54
N ASP D 331 -28.99 -2.90 -23.83
CA ASP D 331 -29.16 -3.45 -25.20
C ASP D 331 -30.65 -3.37 -25.60
N GLY D 332 -31.49 -3.95 -24.73
CA GLY D 332 -32.93 -3.97 -24.93
C GLY D 332 -33.37 -2.64 -25.48
N VAL D 333 -33.34 -1.62 -24.63
CA VAL D 333 -33.71 -0.28 -25.07
C VAL D 333 -33.06 0.12 -26.40
N ALA D 334 -31.75 0.34 -26.40
CA ALA D 334 -31.09 0.73 -27.64
C ALA D 334 -31.66 -0.08 -28.83
N CYS D 335 -32.05 -1.32 -28.59
CA CYS D 335 -32.56 -2.19 -29.64
C CYS D 335 -33.91 -1.78 -30.13
N VAL D 336 -34.78 -1.58 -29.17
CA VAL D 336 -36.13 -1.19 -29.45
C VAL D 336 -36.13 0.20 -30.08
N GLU D 337 -35.41 1.15 -29.52
CA GLU D 337 -35.41 2.46 -30.13
C GLU D 337 -35.01 2.37 -31.62
N TYR D 338 -34.06 1.49 -31.94
CA TYR D 338 -33.65 1.34 -33.32
C TYR D 338 -34.84 0.92 -34.16
N LEU D 339 -35.53 -0.11 -33.69
CA LEU D 339 -36.67 -0.62 -34.40
C LEU D 339 -37.66 0.50 -34.58
N ALA D 340 -37.76 1.36 -33.60
CA ALA D 340 -38.72 2.45 -33.71
C ALA D 340 -38.22 3.57 -34.56
N GLY D 341 -37.09 3.39 -35.22
CA GLY D 341 -36.62 4.45 -36.09
C GLY D 341 -35.93 5.62 -35.43
N LYS D 342 -35.66 5.51 -34.13
CA LYS D 342 -34.93 6.55 -33.43
C LYS D 342 -33.43 6.12 -33.43
N VAL D 343 -32.64 6.68 -32.52
CA VAL D 343 -31.24 6.27 -32.44
C VAL D 343 -31.00 5.66 -31.07
N GLY D 344 -30.62 4.37 -31.09
CA GLY D 344 -30.37 3.60 -29.89
C GLY D 344 -28.93 3.76 -29.49
N HIS D 345 -28.66 3.68 -28.19
CA HIS D 345 -27.29 3.90 -27.72
C HIS D 345 -26.73 2.93 -26.72
N VAL D 346 -25.59 2.34 -27.05
CA VAL D 346 -24.91 1.44 -26.15
C VAL D 346 -23.48 1.93 -25.97
N ASP D 347 -22.76 1.37 -25.02
CA ASP D 347 -21.37 1.77 -24.79
C ASP D 347 -20.84 1.04 -23.58
N TYR D 348 -20.53 -0.22 -23.79
CA TYR D 348 -20.08 -1.06 -22.75
C TYR D 348 -18.90 -0.46 -22.02
N ASP D 349 -18.31 0.61 -22.53
CA ASP D 349 -17.15 1.10 -21.80
C ASP D 349 -17.51 1.89 -20.52
N LYS D 350 -18.74 2.38 -20.43
CA LYS D 350 -19.17 3.12 -19.26
C LYS D 350 -20.25 2.37 -18.40
N VAL D 351 -20.43 1.09 -18.68
CA VAL D 351 -21.31 0.24 -17.93
C VAL D 351 -20.65 -0.10 -16.61
N PRO D 352 -20.95 0.61 -15.53
CA PRO D 352 -20.33 0.33 -14.22
C PRO D 352 -20.23 -1.08 -13.64
N GLY D 353 -19.31 -1.29 -12.72
CA GLY D 353 -19.21 -2.61 -12.15
C GLY D 353 -19.24 -2.49 -10.64
N VAL D 354 -20.10 -3.25 -9.97
CA VAL D 354 -20.14 -3.13 -8.54
C VAL D 354 -20.13 -4.47 -7.91
N VAL D 355 -19.29 -4.63 -6.89
CA VAL D 355 -19.21 -5.88 -6.12
C VAL D 355 -19.74 -5.59 -4.72
N TYR D 356 -20.88 -6.16 -4.42
CA TYR D 356 -21.51 -5.88 -3.18
C TYR D 356 -21.02 -6.59 -1.92
N THR D 357 -19.71 -6.75 -1.79
CA THR D 357 -19.11 -7.35 -0.59
C THR D 357 -19.19 -6.34 0.54
N ASN D 358 -18.67 -6.64 1.72
CA ASN D 358 -18.78 -5.64 2.75
C ASN D 358 -18.30 -4.34 2.16
N PRO D 359 -16.97 -4.08 2.11
CA PRO D 359 -16.72 -2.77 1.47
C PRO D 359 -17.18 -3.06 0.06
N GLU D 360 -17.86 -2.15 -0.58
CA GLU D 360 -18.29 -2.50 -1.92
C GLU D 360 -17.18 -1.94 -2.79
N VAL D 361 -17.18 -2.34 -4.05
CA VAL D 361 -16.20 -1.80 -4.95
C VAL D 361 -16.99 -1.52 -6.21
N ALA D 362 -16.87 -0.29 -6.64
CA ALA D 362 -17.56 0.06 -7.83
C ALA D 362 -16.45 0.76 -8.55
N SER D 363 -16.41 0.55 -9.86
CA SER D 363 -15.41 1.15 -10.71
C SER D 363 -16.15 1.42 -11.97
N VAL D 364 -15.81 2.50 -12.67
CA VAL D 364 -16.39 2.88 -13.95
C VAL D 364 -15.23 3.37 -14.77
N GLY D 365 -15.29 3.16 -16.09
CA GLY D 365 -14.21 3.56 -16.95
C GLY D 365 -13.07 2.54 -16.86
N LYS D 366 -11.88 2.95 -17.32
CA LYS D 366 -10.66 2.13 -17.35
C LYS D 366 -9.94 2.07 -16.02
N THR D 367 -9.18 0.99 -15.82
CA THR D 367 -8.38 0.76 -14.62
C THR D 367 -7.02 1.37 -14.87
N GLU D 368 -6.22 1.53 -13.83
CA GLU D 368 -4.92 2.13 -14.09
C GLU D 368 -4.12 1.25 -15.05
N GLU D 369 -4.14 -0.07 -14.85
CA GLU D 369 -3.44 -1.00 -15.72
C GLU D 369 -3.84 -0.76 -17.16
N GLN D 370 -5.14 -0.67 -17.43
CA GLN D 370 -5.56 -0.47 -18.80
C GLN D 370 -4.93 0.81 -19.31
N VAL D 371 -5.09 1.88 -18.53
CA VAL D 371 -4.57 3.16 -18.95
C VAL D 371 -3.12 3.05 -19.29
N LYS D 372 -2.40 2.22 -18.56
CA LYS D 372 -0.99 2.06 -18.85
C LYS D 372 -0.77 1.54 -20.27
N GLU D 373 -1.43 0.44 -20.58
CA GLU D 373 -1.34 -0.13 -21.90
C GLU D 373 -1.53 0.94 -23.02
N THR D 374 -2.21 2.04 -22.70
CA THR D 374 -2.41 3.04 -23.73
C THR D 374 -1.23 3.94 -23.92
N GLY D 375 -0.18 3.80 -23.10
CA GLY D 375 0.97 4.71 -23.20
C GLY D 375 0.76 6.19 -22.84
N VAL D 376 -0.47 6.69 -22.88
CA VAL D 376 -0.78 8.09 -22.59
C VAL D 376 -0.36 8.62 -21.24
N GLU D 377 0.00 9.89 -21.18
CA GLU D 377 0.36 10.49 -19.89
C GLU D 377 -0.86 10.84 -18.98
N TYR D 378 -0.81 10.32 -17.75
CA TYR D 378 -1.89 10.48 -16.81
C TYR D 378 -1.42 10.79 -15.40
N ARG D 379 -2.39 11.15 -14.56
CA ARG D 379 -2.29 11.50 -13.14
C ARG D 379 -3.31 10.70 -12.34
N VAL D 380 -2.99 10.51 -11.07
CA VAL D 380 -3.89 9.75 -10.19
C VAL D 380 -4.18 10.43 -8.88
N GLY D 381 -5.46 10.54 -8.58
CA GLY D 381 -5.89 11.17 -7.35
C GLY D 381 -6.49 10.18 -6.37
N LYS D 382 -6.08 10.28 -5.12
CA LYS D 382 -6.67 9.36 -4.19
C LYS D 382 -7.06 10.03 -2.92
N PHE D 383 -8.13 9.54 -2.33
CA PHE D 383 -8.63 10.04 -1.05
C PHE D 383 -9.32 8.90 -0.30
N PRO D 384 -8.83 8.63 0.94
CA PRO D 384 -9.26 7.60 1.88
C PRO D 384 -10.40 8.05 2.77
N PHE D 385 -11.35 7.17 3.03
CA PHE D 385 -12.44 7.59 3.83
C PHE D 385 -12.04 7.85 5.25
N MET D 386 -10.80 7.53 5.60
CA MET D 386 -10.32 7.80 6.96
C MET D 386 -10.16 9.30 7.18
N ALA D 387 -10.20 10.10 6.13
CA ALA D 387 -10.09 11.54 6.33
C ALA D 387 -11.43 12.14 5.97
N ASN D 388 -12.42 11.29 5.80
CA ASN D 388 -13.74 11.78 5.53
C ASN D 388 -14.53 12.03 6.84
N SER D 389 -14.82 13.29 7.16
CA SER D 389 -15.58 13.60 8.38
C SER D 389 -16.77 12.65 8.57
N ARG D 390 -17.74 12.70 7.69
CA ARG D 390 -18.88 11.81 7.82
C ARG D 390 -18.42 10.43 8.22
N ALA D 391 -17.63 9.77 7.37
CA ALA D 391 -17.19 8.42 7.71
C ALA D 391 -16.61 8.34 9.13
N LYS D 392 -15.80 9.31 9.52
CA LYS D 392 -15.28 9.22 10.84
C LYS D 392 -16.41 9.36 11.86
N ALA D 393 -17.17 10.45 11.80
CA ALA D 393 -18.29 10.60 12.74
C ALA D 393 -19.14 9.33 12.81
N ILE D 394 -19.08 8.49 11.83
CA ILE D 394 -19.87 7.31 11.89
C ILE D 394 -19.12 6.09 12.46
N ASP D 395 -17.80 6.04 12.18
CA ASP D 395 -16.88 4.93 12.51
C ASP D 395 -17.15 3.78 11.54
N ASN D 396 -17.08 4.13 10.26
CA ASN D 396 -17.30 3.22 9.17
C ASN D 396 -16.46 3.94 8.09
N ALA D 397 -15.15 3.86 8.25
CA ALA D 397 -14.22 4.55 7.35
C ALA D 397 -13.29 3.68 6.50
N GLU D 398 -13.65 2.43 6.29
CA GLU D 398 -12.80 1.59 5.48
C GLU D 398 -12.98 2.13 4.08
N GLY D 399 -11.94 2.08 3.24
CA GLY D 399 -12.09 2.49 1.82
C GLY D 399 -11.47 3.73 1.23
N LEU D 400 -11.52 3.84 -0.09
CA LEU D 400 -10.98 5.04 -0.78
C LEU D 400 -11.62 5.34 -2.14
N VAL D 401 -11.37 6.54 -2.62
CA VAL D 401 -11.87 6.96 -3.92
C VAL D 401 -10.61 7.22 -4.73
N LYS D 402 -10.59 6.74 -5.98
CA LYS D 402 -9.41 6.90 -6.85
C LYS D 402 -9.81 7.37 -8.23
N ILE D 403 -9.25 8.45 -8.69
CA ILE D 403 -9.62 8.90 -9.99
C ILE D 403 -8.39 8.88 -10.95
N ILE D 404 -8.61 8.50 -12.19
CA ILE D 404 -7.51 8.48 -13.11
C ILE D 404 -7.77 9.49 -14.19
N ALA D 405 -6.80 10.30 -14.54
CA ALA D 405 -7.13 11.26 -15.56
C ALA D 405 -5.99 11.49 -16.54
N GLU D 406 -6.30 12.07 -17.71
CA GLU D 406 -5.28 12.33 -18.70
C GLU D 406 -4.48 13.50 -18.21
N LYS D 407 -3.15 13.36 -18.11
CA LYS D 407 -2.35 14.47 -17.62
C LYS D 407 -2.54 15.70 -18.50
N GLU D 408 -2.61 15.51 -19.79
CA GLU D 408 -2.76 16.67 -20.62
C GLU D 408 -4.08 17.41 -20.45
N THR D 409 -5.16 16.69 -20.65
CA THR D 409 -6.51 17.24 -20.61
C THR D 409 -7.26 17.29 -19.30
N ASP D 410 -6.93 16.34 -18.43
CA ASP D 410 -7.57 16.16 -17.14
C ASP D 410 -8.87 15.36 -17.32
N LYS D 411 -9.11 14.89 -18.54
CA LYS D 411 -10.27 14.08 -18.82
C LYS D 411 -10.15 12.81 -17.95
N ILE D 412 -11.26 12.41 -17.33
CA ILE D 412 -11.28 11.25 -16.44
C ILE D 412 -11.25 9.93 -17.15
N LEU D 413 -10.42 9.04 -16.68
CA LEU D 413 -10.34 7.78 -17.35
C LEU D 413 -11.03 6.62 -16.64
N GLY D 414 -11.06 6.70 -15.32
CA GLY D 414 -11.67 5.66 -14.54
C GLY D 414 -11.82 6.22 -13.13
N VAL D 415 -12.85 5.79 -12.41
CA VAL D 415 -12.97 6.22 -11.04
C VAL D 415 -13.19 4.91 -10.38
N HIS D 416 -12.40 4.51 -9.39
CA HIS D 416 -12.69 3.23 -8.77
C HIS D 416 -12.92 3.56 -7.30
N ILE D 417 -13.93 2.95 -6.70
CA ILE D 417 -14.22 3.22 -5.31
C ILE D 417 -14.35 1.90 -4.55
N MET D 418 -13.75 1.90 -3.35
CA MET D 418 -13.83 0.75 -2.45
C MET D 418 -14.25 1.38 -1.20
N ALA D 419 -15.47 0.99 -0.80
CA ALA D 419 -16.15 1.52 0.35
C ALA D 419 -17.50 0.85 0.47
N PRO D 420 -18.16 1.13 1.60
CA PRO D 420 -19.46 0.54 1.79
C PRO D 420 -20.32 1.52 1.07
N ASN D 421 -21.35 1.05 0.39
CA ASN D 421 -22.21 2.02 -0.30
C ASN D 421 -21.49 2.74 -1.45
N ALA D 422 -20.43 2.15 -1.93
CA ALA D 422 -19.70 2.72 -3.04
C ALA D 422 -20.54 2.59 -4.31
N GLY D 423 -21.44 1.62 -4.33
CA GLY D 423 -22.28 1.42 -5.48
C GLY D 423 -23.14 2.64 -5.76
N GLU D 424 -23.21 3.53 -4.78
CA GLU D 424 -24.02 4.72 -4.98
C GLU D 424 -23.11 5.84 -5.42
N LEU D 425 -22.01 5.97 -4.68
CA LEU D 425 -21.00 6.98 -4.91
C LEU D 425 -20.52 6.92 -6.34
N ILE D 426 -20.31 5.72 -6.86
CA ILE D 426 -19.87 5.62 -8.20
C ILE D 426 -20.71 6.29 -9.25
N HIS D 427 -21.95 6.66 -8.95
CA HIS D 427 -22.72 7.27 -10.00
C HIS D 427 -22.28 8.66 -10.29
N GLU D 428 -21.82 9.34 -9.25
CA GLU D 428 -21.33 10.69 -9.43
C GLU D 428 -20.22 10.60 -10.45
N ALA D 429 -19.38 9.59 -10.31
CA ALA D 429 -18.29 9.42 -11.24
C ALA D 429 -18.82 8.98 -12.56
N ALA D 430 -19.76 8.06 -12.46
CA ALA D 430 -20.36 7.56 -13.67
C ALA D 430 -20.92 8.68 -14.51
N ILE D 431 -21.78 9.47 -13.95
CA ILE D 431 -22.35 10.47 -14.80
C ILE D 431 -21.36 11.47 -15.41
N ALA D 432 -20.26 11.73 -14.69
CA ALA D 432 -19.20 12.68 -15.10
C ALA D 432 -18.37 12.08 -16.20
N LEU D 433 -18.26 10.77 -16.16
CA LEU D 433 -17.51 10.06 -17.15
C LEU D 433 -18.38 9.89 -18.39
N GLN D 434 -19.69 9.89 -18.28
CA GLN D 434 -20.46 9.72 -19.51
C GLN D 434 -20.30 10.92 -20.41
N TYR D 435 -19.86 12.06 -19.86
CA TYR D 435 -19.73 13.28 -20.65
C TYR D 435 -18.33 13.87 -20.77
N ASP D 436 -17.38 12.93 -20.81
CA ASP D 436 -16.00 13.27 -20.98
C ASP D 436 -15.56 14.44 -20.11
N ALA D 437 -16.06 14.44 -18.89
CA ALA D 437 -15.76 15.50 -17.96
C ALA D 437 -14.42 15.21 -17.35
N SER D 438 -13.89 16.23 -16.66
CA SER D 438 -12.60 16.23 -15.97
C SER D 438 -12.66 16.44 -14.47
N SER D 439 -11.60 15.98 -13.81
CA SER D 439 -11.44 16.15 -12.37
C SER D 439 -11.88 17.50 -11.90
N GLU D 440 -11.25 18.51 -12.48
CA GLU D 440 -11.60 19.82 -12.05
C GLU D 440 -13.12 20.01 -12.16
N ASP D 441 -13.75 19.49 -13.19
CA ASP D 441 -15.20 19.65 -13.33
C ASP D 441 -15.94 19.11 -12.12
N ILE D 442 -15.59 17.91 -11.74
CA ILE D 442 -16.24 17.26 -10.63
C ILE D 442 -15.84 17.97 -9.36
N ALA D 443 -14.66 18.57 -9.37
CA ALA D 443 -14.21 19.25 -8.17
C ALA D 443 -14.83 20.59 -8.08
N ARG D 444 -15.38 21.08 -9.18
CA ARG D 444 -15.97 22.40 -9.19
C ARG D 444 -17.34 22.43 -8.54
N VAL D 445 -17.98 21.25 -8.49
CA VAL D 445 -19.32 21.05 -7.91
C VAL D 445 -19.38 21.07 -6.41
N CYS D 446 -20.36 21.79 -5.88
CA CYS D 446 -20.49 21.91 -4.43
C CYS D 446 -21.07 20.66 -3.83
N HIS D 447 -20.41 20.06 -2.85
CA HIS D 447 -20.90 18.85 -2.25
C HIS D 447 -21.35 19.13 -0.88
N ALA D 448 -22.48 18.53 -0.53
CA ALA D 448 -23.05 18.69 0.81
C ALA D 448 -22.17 18.13 1.93
N HIS D 449 -21.90 18.95 2.95
CA HIS D 449 -21.11 18.47 4.09
C HIS D 449 -22.11 18.14 5.20
N PRO D 450 -21.95 17.03 5.92
CA PRO D 450 -20.93 15.97 5.82
C PRO D 450 -21.51 14.75 5.08
N THR D 451 -20.86 14.40 3.96
CA THR D 451 -21.29 13.26 3.13
C THR D 451 -20.14 12.44 2.62
N MET D 452 -20.38 11.14 2.41
CA MET D 452 -19.37 10.22 1.86
C MET D 452 -18.95 10.73 0.51
N SER D 453 -19.80 11.53 -0.09
CA SER D 453 -19.59 12.11 -1.38
C SER D 453 -18.42 13.04 -1.39
N GLU D 454 -18.16 13.70 -0.27
CA GLU D 454 -17.04 14.63 -0.21
C GLU D 454 -15.74 13.96 -0.63
N ALA D 455 -15.56 12.71 -0.21
CA ALA D 455 -14.40 11.92 -0.59
C ALA D 455 -14.16 11.95 -2.08
N ILE D 456 -15.20 11.79 -2.88
CA ILE D 456 -15.03 11.84 -4.32
C ILE D 456 -14.54 13.21 -4.71
N LYS D 457 -15.03 14.26 -4.06
CA LYS D 457 -14.57 15.61 -4.40
C LYS D 457 -13.05 15.74 -4.07
N GLU D 458 -12.69 15.14 -2.93
CA GLU D 458 -11.31 15.25 -2.53
C GLU D 458 -10.48 14.65 -3.62
N ALA D 459 -10.65 13.35 -3.83
CA ALA D 459 -9.95 12.58 -4.86
C ALA D 459 -9.90 13.26 -6.20
N ALA D 460 -10.88 14.10 -6.51
CA ALA D 460 -10.85 14.77 -7.78
C ALA D 460 -9.76 15.78 -7.66
N MET D 461 -9.91 16.70 -6.72
CA MET D 461 -8.89 17.74 -6.50
C MET D 461 -7.44 17.16 -6.51
N ALA D 462 -7.23 16.05 -5.80
CA ALA D 462 -5.97 15.33 -5.69
C ALA D 462 -5.52 14.93 -7.04
N THR D 463 -6.37 15.10 -8.04
CA THR D 463 -5.96 14.72 -9.37
C THR D 463 -5.26 15.87 -10.09
N TYR D 464 -6.04 16.86 -10.51
CA TYR D 464 -5.46 17.97 -11.21
C TYR D 464 -4.72 19.02 -10.38
N ASP D 465 -5.02 19.13 -9.08
CA ASP D 465 -4.34 20.11 -8.27
C ASP D 465 -3.89 19.41 -6.99
N LYS D 466 -4.43 19.86 -5.84
CA LYS D 466 -4.11 19.31 -4.53
C LYS D 466 -5.31 19.44 -3.60
N PRO D 467 -5.60 18.37 -2.83
CA PRO D 467 -6.65 18.12 -1.83
C PRO D 467 -6.53 19.12 -0.75
N ILE D 468 -7.59 19.28 0.05
CA ILE D 468 -7.61 20.22 1.14
C ILE D 468 -7.69 19.51 2.49
N HIS D 469 -7.75 18.20 2.48
CA HIS D 469 -7.83 17.48 3.75
C HIS D 469 -6.86 16.29 3.87
N ILE D 470 -5.87 16.27 3.00
CA ILE D 470 -4.93 15.17 3.05
C ILE D 470 -3.58 15.54 2.49
#